data_7CNR
#
_entry.id   7CNR
#
_cell.length_a   141.720
_cell.length_b   141.720
_cell.length_c   278.108
_cell.angle_alpha   90.000
_cell.angle_beta   90.000
_cell.angle_gamma   90.000
#
_symmetry.space_group_name_H-M   'P 41 21 2'
#
loop_
_entity.id
_entity.type
_entity.pdbx_description
1 polymer 'DUF521 domain-containing protein'
2 polymer 'UPF0107 protein TK1248'
3 non-polymer 'FE3-S4 CLUSTER'
#
loop_
_entity_poly.entity_id
_entity_poly.type
_entity_poly.pdbx_seq_one_letter_code
_entity_poly.pdbx_strand_id
1 'polypeptide(L)'
;MYLTKEEELILAGEYGYALQKAMEILVALGDIYGADRLIPIKSAQVAGVSYKNIGDAGIEFLRDFVEAGAKVSVYTTLNP
AGIGDDEFMEKQMEVLELYRKMGIEVTSTCTPYYGANLPKFGDHIAWSESSAVSFANSILGARTNREGGPSSLAAAIVGK
TPNYGLHLDENRKATVIVDVKAKVKTFADYSVLGYHVGKTLGNDVPYFKNLKPEKTEFLKELGAAMGATGSIALYHVEGE
TPEYREAITDKLETITVEDSDLKAVRESFQDDWSDIDMILIGCPHASLPEVKEIAELLRMRGKPLKIPLFITASRAVKAL
ADALGYTEIIERYNGKIIPDSCFVVSPIKGWYRGIATNSGKSAFYFRSFGFSVRLDDVENLIKEAP
;
A,C,E,G
2 'polypeptide(L)'
;GPKLKGRKIVGGKAEGEVIVSRKPLSFLGGVDPETGIVTDAESDIRGQSIAGKILVFPRGKGSTVGSYVIYALKKNNKAP
KAIIVGEAETIVATGAIISDIPMVDGVDVSKLKTGMKVRVDADSGEVEILEDGE
;
B,D,F,H
#
loop_
_chem_comp.id
_chem_comp.type
_chem_comp.name
_chem_comp.formula
F3S non-polymer 'FE3-S4 CLUSTER' 'Fe3 S4'
#
# COMPACT_ATOMS: atom_id res chain seq x y z
N MET A 1 18.17 -34.41 -31.73
CA MET A 1 18.82 -33.39 -30.93
C MET A 1 19.71 -34.04 -29.86
N TYR A 2 20.99 -33.67 -29.86
CA TYR A 2 21.94 -34.26 -28.91
C TYR A 2 21.51 -34.00 -27.48
N LEU A 3 21.55 -35.04 -26.66
CA LEU A 3 21.18 -34.95 -25.25
C LEU A 3 22.38 -35.33 -24.40
N THR A 4 22.65 -34.52 -23.37
CA THR A 4 23.69 -34.85 -22.42
C THR A 4 23.33 -36.15 -21.70
N LYS A 5 24.31 -36.71 -20.98
CA LYS A 5 24.03 -37.92 -20.22
C LYS A 5 23.06 -37.62 -19.08
N GLU A 6 23.16 -36.44 -18.48
CA GLU A 6 22.20 -36.05 -17.47
C GLU A 6 20.82 -35.83 -18.08
N GLU A 7 20.76 -35.12 -19.21
CA GLU A 7 19.49 -34.92 -19.89
C GLU A 7 18.84 -36.26 -20.26
N GLU A 8 19.65 -37.25 -20.63
CA GLU A 8 19.12 -38.56 -20.96
C GLU A 8 18.84 -39.42 -19.73
N LEU A 9 19.23 -38.96 -18.54
CA LEU A 9 18.67 -39.51 -17.31
C LEU A 9 17.28 -38.97 -17.08
N ILE A 10 17.15 -37.64 -17.03
CA ILE A 10 15.90 -36.94 -16.84
C ILE A 10 14.85 -37.51 -17.79
N LEU A 11 15.28 -37.76 -19.04
CA LEU A 11 14.40 -38.36 -20.02
C LEU A 11 13.93 -39.74 -19.58
N ALA A 12 14.75 -40.46 -18.82
CA ALA A 12 14.42 -41.79 -18.31
C ALA A 12 13.77 -41.74 -16.94
N GLY A 13 13.24 -40.59 -16.55
CA GLY A 13 12.52 -40.47 -15.29
C GLY A 13 13.34 -40.54 -14.03
N GLU A 14 14.67 -40.46 -14.14
CA GLU A 14 15.51 -40.55 -12.95
C GLU A 14 15.23 -39.42 -11.96
N TYR A 15 14.68 -38.29 -12.42
CA TYR A 15 14.41 -37.15 -11.54
C TYR A 15 12.92 -36.81 -11.48
N GLY A 16 12.05 -37.78 -11.71
CA GLY A 16 10.66 -37.55 -11.40
C GLY A 16 9.81 -37.39 -12.65
N TYR A 17 8.52 -37.75 -12.52
CA TYR A 17 7.60 -37.67 -13.65
C TYR A 17 7.46 -36.25 -14.17
N ALA A 18 7.67 -35.25 -13.32
CA ALA A 18 7.53 -33.87 -13.75
C ALA A 18 8.69 -33.46 -14.66
N LEU A 19 9.92 -33.69 -14.23
CA LEU A 19 11.06 -33.37 -15.08
C LEU A 19 11.11 -34.24 -16.32
N GLN A 20 10.73 -35.51 -16.19
CA GLN A 20 10.72 -36.41 -17.34
C GLN A 20 9.83 -35.85 -18.45
N LYS A 21 8.57 -35.54 -18.11
CA LYS A 21 7.65 -35.05 -19.12
C LYS A 21 8.08 -33.70 -19.67
N ALA A 22 8.61 -32.83 -18.80
CA ALA A 22 9.19 -31.58 -19.28
C ALA A 22 10.26 -31.86 -20.32
N MET A 23 11.22 -32.71 -19.99
CA MET A 23 12.26 -33.08 -20.95
C MET A 23 11.66 -33.76 -22.18
N GLU A 24 10.62 -34.58 -21.98
CA GLU A 24 10.01 -35.28 -23.10
C GLU A 24 9.47 -34.31 -24.14
N ILE A 25 8.90 -33.19 -23.68
CA ILE A 25 8.39 -32.19 -24.61
C ILE A 25 9.53 -31.50 -25.32
N LEU A 26 10.60 -31.18 -24.59
CA LEU A 26 11.69 -30.41 -25.17
C LEU A 26 12.44 -31.20 -26.24
N VAL A 27 12.49 -32.53 -26.12
CA VAL A 27 13.14 -33.31 -27.17
C VAL A 27 12.21 -33.50 -28.35
N ALA A 28 10.90 -33.52 -28.12
CA ALA A 28 9.97 -33.58 -29.24
C ALA A 28 10.05 -32.32 -30.09
N LEU A 29 10.32 -31.18 -29.45
CA LEU A 29 10.47 -29.93 -30.19
C LEU A 29 11.81 -29.89 -30.91
N GLY A 30 12.88 -30.27 -30.23
CA GLY A 30 14.18 -30.36 -30.89
C GLY A 30 14.15 -31.28 -32.08
N ASP A 31 13.38 -32.37 -31.99
CA ASP A 31 13.24 -33.29 -33.12
C ASP A 31 12.37 -32.74 -34.23
N ILE A 32 11.65 -31.64 -34.00
CA ILE A 32 10.76 -31.09 -35.01
C ILE A 32 11.44 -29.93 -35.73
N TYR A 33 12.23 -29.14 -34.99
CA TYR A 33 12.98 -28.04 -35.58
C TYR A 33 14.48 -28.34 -35.70
N GLY A 34 14.90 -29.58 -35.53
CA GLY A 34 16.29 -29.92 -35.74
C GLY A 34 17.25 -29.10 -34.93
N ALA A 35 16.88 -28.78 -33.70
CA ALA A 35 17.83 -28.16 -32.79
C ALA A 35 18.96 -29.13 -32.51
N ASP A 36 20.17 -28.59 -32.37
CA ASP A 36 21.33 -29.45 -32.13
C ASP A 36 21.35 -29.92 -30.68
N ARG A 37 21.28 -28.99 -29.73
CA ARG A 37 21.38 -29.32 -28.31
C ARG A 37 20.35 -28.47 -27.55
N LEU A 38 20.27 -28.71 -26.25
CA LEU A 38 19.48 -27.87 -25.36
C LEU A 38 20.38 -26.79 -24.79
N ILE A 39 19.98 -25.53 -24.96
CA ILE A 39 20.73 -24.41 -24.40
C ILE A 39 20.05 -23.95 -23.12
N PRO A 40 20.81 -23.54 -22.11
CA PRO A 40 20.18 -23.05 -20.88
C PRO A 40 19.58 -21.67 -21.10
N ILE A 41 18.41 -21.46 -20.50
CA ILE A 41 17.73 -20.17 -20.54
C ILE A 41 17.98 -19.45 -19.22
N LYS A 42 18.04 -18.12 -19.29
CA LYS A 42 18.31 -17.33 -18.10
C LYS A 42 17.04 -16.92 -17.36
N SER A 43 15.93 -16.74 -18.08
CA SER A 43 14.63 -16.61 -17.45
C SER A 43 13.60 -17.30 -18.32
N ALA A 44 12.35 -17.26 -17.90
CA ALA A 44 11.27 -17.84 -18.67
C ALA A 44 9.97 -17.11 -18.36
N GLN A 45 9.10 -17.01 -19.35
CA GLN A 45 7.75 -16.50 -19.14
C GLN A 45 6.77 -17.56 -19.63
N VAL A 46 5.86 -17.95 -18.74
CA VAL A 46 4.92 -19.04 -19.00
C VAL A 46 3.58 -18.47 -19.45
N ALA A 47 3.04 -19.03 -20.53
CA ALA A 47 1.74 -18.63 -21.03
C ALA A 47 0.67 -19.62 -20.57
N GLY A 48 -0.59 -19.20 -20.73
CA GLY A 48 -1.70 -20.00 -20.27
C GLY A 48 -2.07 -19.71 -18.82
N VAL A 49 -2.46 -18.47 -18.57
CA VAL A 49 -2.73 -17.99 -17.22
C VAL A 49 -4.22 -17.68 -17.03
N SER A 50 -4.82 -16.93 -17.97
CA SER A 50 -6.23 -16.63 -17.89
C SER A 50 -7.07 -17.89 -17.88
N TYR A 51 -8.14 -17.88 -17.08
CA TYR A 51 -9.02 -19.04 -17.03
C TYR A 51 -9.86 -19.15 -18.30
N LYS A 52 -10.12 -18.05 -18.99
CA LYS A 52 -10.83 -18.11 -20.26
C LYS A 52 -10.05 -18.92 -21.29
N ASN A 53 -8.71 -18.86 -21.23
CA ASN A 53 -7.88 -19.60 -22.17
C ASN A 53 -7.80 -21.08 -21.80
N ILE A 54 -7.06 -21.40 -20.74
CA ILE A 54 -6.73 -22.79 -20.46
C ILE A 54 -7.94 -23.56 -19.96
N GLY A 55 -8.86 -22.88 -19.26
CA GLY A 55 -10.08 -23.52 -18.80
C GLY A 55 -9.83 -24.64 -17.79
N ASP A 56 -10.86 -25.47 -17.63
CA ASP A 56 -10.76 -26.58 -16.70
C ASP A 56 -9.73 -27.61 -17.14
N ALA A 57 -9.59 -27.82 -18.46
CA ALA A 57 -8.53 -28.68 -18.96
C ALA A 57 -7.17 -28.18 -18.50
N GLY A 58 -6.94 -26.88 -18.63
CA GLY A 58 -5.67 -26.31 -18.20
C GLY A 58 -5.40 -26.56 -16.72
N ILE A 59 -6.42 -26.36 -15.89
CA ILE A 59 -6.25 -26.59 -14.46
C ILE A 59 -5.95 -28.05 -14.18
N GLU A 60 -6.52 -28.97 -14.98
CA GLU A 60 -6.28 -30.39 -14.76
C GLU A 60 -4.80 -30.72 -14.88
N PHE A 61 -4.19 -30.38 -16.02
CA PHE A 61 -2.76 -30.65 -16.18
C PHE A 61 -1.95 -29.91 -15.13
N LEU A 62 -2.18 -28.60 -15.01
CA LEU A 62 -1.47 -27.81 -14.00
C LEU A 62 -1.55 -28.47 -12.63
N ARG A 63 -2.72 -29.00 -12.29
CA ARG A 63 -2.93 -29.58 -10.97
C ARG A 63 -2.12 -30.88 -10.81
N ASP A 64 -2.24 -31.80 -11.77
CA ASP A 64 -1.52 -33.07 -11.68
C ASP A 64 -0.01 -32.84 -11.68
N PHE A 65 0.45 -31.82 -12.41
CA PHE A 65 1.88 -31.56 -12.51
C PHE A 65 2.44 -31.04 -11.20
N VAL A 66 1.71 -30.13 -10.54
CA VAL A 66 2.14 -29.63 -9.23
C VAL A 66 2.13 -30.77 -8.22
N GLU A 67 1.15 -31.67 -8.31
CA GLU A 67 1.12 -32.82 -7.41
C GLU A 67 2.26 -33.79 -7.72
N ALA A 68 2.60 -33.93 -9.00
CA ALA A 68 3.75 -34.76 -9.36
C ALA A 68 5.07 -34.20 -8.83
N GLY A 69 5.11 -32.91 -8.50
CA GLY A 69 6.29 -32.32 -7.91
C GLY A 69 7.04 -31.38 -8.83
N ALA A 70 6.33 -30.76 -9.76
CA ALA A 70 6.97 -29.87 -10.71
C ALA A 70 7.42 -28.58 -10.03
N LYS A 71 8.67 -28.19 -10.28
CA LYS A 71 9.23 -26.94 -9.76
C LYS A 71 10.12 -26.33 -10.84
N VAL A 72 10.03 -25.00 -11.00
CA VAL A 72 10.86 -24.33 -12.00
C VAL A 72 12.30 -24.29 -11.53
N SER A 73 13.22 -24.50 -12.46
CA SER A 73 14.65 -24.51 -12.17
C SER A 73 15.33 -23.20 -12.56
N VAL A 74 14.60 -22.25 -13.13
CA VAL A 74 15.11 -20.91 -13.38
C VAL A 74 14.04 -19.90 -12.98
N TYR A 75 14.47 -18.66 -12.85
CA TYR A 75 13.59 -17.53 -12.56
C TYR A 75 12.54 -17.40 -13.67
N THR A 76 11.27 -17.66 -13.35
CA THR A 76 10.22 -17.50 -14.34
C THR A 76 9.09 -16.65 -13.78
N THR A 77 8.52 -15.81 -14.63
CA THR A 77 7.35 -15.00 -14.34
C THR A 77 6.14 -15.56 -15.08
N LEU A 78 5.05 -14.80 -15.08
CA LEU A 78 3.78 -15.27 -15.61
C LEU A 78 3.26 -14.31 -16.66
N ASN A 79 2.24 -14.78 -17.36
CA ASN A 79 1.46 -14.04 -18.32
C ASN A 79 0.27 -13.38 -17.61
N PRO A 80 -0.34 -12.38 -18.22
CA PRO A 80 -1.43 -11.67 -17.51
C PRO A 80 -2.63 -12.57 -17.24
N ALA A 81 -3.39 -12.19 -16.22
CA ALA A 81 -4.55 -12.93 -15.76
C ALA A 81 -5.82 -12.36 -16.37
N GLY A 82 -6.96 -12.91 -15.96
CA GLY A 82 -8.26 -12.47 -16.43
C GLY A 82 -8.96 -11.57 -15.44
N ILE A 83 -10.10 -11.05 -15.88
CA ILE A 83 -11.02 -10.29 -15.02
C ILE A 83 -12.43 -10.81 -15.29
N GLY A 84 -13.19 -11.02 -14.22
CA GLY A 84 -14.54 -11.54 -14.39
C GLY A 84 -15.28 -11.58 -13.07
N ASP A 85 -16.47 -12.18 -13.10
CA ASP A 85 -17.23 -12.34 -11.86
C ASP A 85 -16.46 -13.20 -10.88
N ASP A 86 -16.79 -13.06 -9.59
CA ASP A 86 -16.02 -13.73 -8.53
C ASP A 86 -16.12 -15.24 -8.61
N GLU A 87 -17.17 -15.78 -9.24
CA GLU A 87 -17.19 -17.20 -9.55
C GLU A 87 -16.06 -17.56 -10.49
N PHE A 88 -15.91 -16.80 -11.57
CA PHE A 88 -14.74 -16.92 -12.44
C PHE A 88 -13.44 -16.67 -11.67
N MET A 89 -13.37 -15.54 -10.95
CA MET A 89 -12.11 -15.12 -10.34
C MET A 89 -11.58 -16.18 -9.38
N GLU A 90 -12.47 -16.79 -8.59
CA GLU A 90 -12.06 -17.86 -7.68
C GLU A 90 -11.32 -18.96 -8.43
N LYS A 91 -11.79 -19.29 -9.62
CA LYS A 91 -11.12 -20.31 -10.44
C LYS A 91 -9.77 -19.80 -10.92
N GLN A 92 -9.73 -18.55 -11.40
CA GLN A 92 -8.48 -17.97 -11.86
C GLN A 92 -7.39 -18.03 -10.81
N MET A 93 -7.70 -17.62 -9.57
CA MET A 93 -6.69 -17.60 -8.51
C MET A 93 -6.18 -19.01 -8.23
N GLU A 94 -6.97 -20.03 -8.53
CA GLU A 94 -6.50 -21.41 -8.43
C GLU A 94 -5.40 -21.68 -9.44
N VAL A 95 -5.57 -21.15 -10.67
CA VAL A 95 -4.52 -21.25 -11.67
C VAL A 95 -3.23 -20.61 -11.14
N LEU A 96 -3.32 -19.34 -10.74
CA LEU A 96 -2.14 -18.61 -10.27
C LEU A 96 -1.47 -19.31 -9.09
N GLU A 97 -2.24 -19.99 -8.24
CA GLU A 97 -1.63 -20.69 -7.11
C GLU A 97 -0.79 -21.87 -7.58
N LEU A 98 -1.33 -22.67 -8.50
CA LEU A 98 -0.58 -23.80 -9.01
C LEU A 98 0.77 -23.36 -9.56
N TYR A 99 0.76 -22.32 -10.40
CA TYR A 99 2.02 -21.75 -10.90
C TYR A 99 2.91 -21.30 -9.75
N ARG A 100 2.33 -20.66 -8.74
CA ARG A 100 3.11 -20.27 -7.57
C ARG A 100 3.76 -21.49 -6.91
N LYS A 101 2.95 -22.53 -6.66
CA LYS A 101 3.47 -23.74 -6.02
C LYS A 101 4.64 -24.34 -6.80
N MET A 102 4.74 -24.05 -8.10
CA MET A 102 5.86 -24.48 -8.93
C MET A 102 7.08 -23.58 -8.76
N GLY A 103 7.00 -22.55 -7.95
CA GLY A 103 8.12 -21.64 -7.76
C GLY A 103 8.16 -20.45 -8.69
N ILE A 104 7.08 -20.19 -9.41
CA ILE A 104 7.04 -19.10 -10.38
C ILE A 104 6.78 -17.79 -9.66
N GLU A 105 7.44 -16.72 -10.12
CA GLU A 105 7.10 -15.38 -9.67
C GLU A 105 5.75 -15.01 -10.23
N VAL A 106 4.74 -14.87 -9.36
CA VAL A 106 3.41 -14.53 -9.82
C VAL A 106 3.35 -13.03 -10.07
N THR A 107 3.88 -12.58 -11.21
CA THR A 107 3.83 -11.18 -11.60
C THR A 107 2.93 -10.90 -12.80
N SER A 108 2.39 -11.93 -13.43
CA SER A 108 1.21 -11.85 -14.30
C SER A 108 1.20 -10.63 -15.21
N THR A 109 2.28 -10.47 -15.98
CA THR A 109 2.36 -9.32 -16.86
C THR A 109 3.05 -9.70 -18.16
N CYS A 110 2.73 -8.94 -19.21
CA CYS A 110 3.37 -9.06 -20.52
C CYS A 110 4.42 -7.98 -20.75
N THR A 111 4.65 -7.11 -19.76
CA THR A 111 5.81 -6.22 -19.75
C THR A 111 6.62 -6.51 -18.49
N PRO A 112 7.23 -7.70 -18.38
CA PRO A 112 8.14 -7.94 -17.27
C PRO A 112 9.47 -7.24 -17.42
N TYR A 113 9.73 -6.63 -18.59
CA TYR A 113 10.93 -5.81 -18.79
C TYR A 113 10.81 -4.44 -18.12
N TYR A 114 9.82 -4.25 -17.26
CA TYR A 114 9.69 -3.07 -16.41
C TYR A 114 9.78 -3.55 -14.97
N GLY A 115 10.99 -3.53 -14.41
CA GLY A 115 11.20 -3.88 -13.01
C GLY A 115 11.31 -5.36 -12.69
N ALA A 116 10.49 -6.21 -13.34
CA ALA A 116 10.38 -7.60 -12.93
C ALA A 116 11.58 -8.43 -13.40
N ASN A 117 11.84 -8.41 -14.71
CA ASN A 117 12.81 -9.34 -15.29
C ASN A 117 13.29 -8.74 -16.60
N LEU A 118 14.38 -7.96 -16.53
CA LEU A 118 14.89 -7.27 -17.71
C LEU A 118 16.04 -8.06 -18.31
N PRO A 119 15.83 -8.74 -19.44
CA PRO A 119 16.91 -9.55 -20.02
C PRO A 119 18.00 -8.69 -20.63
N LYS A 120 19.20 -9.25 -20.68
CA LYS A 120 20.37 -8.57 -21.22
C LYS A 120 20.55 -8.95 -22.68
N PHE A 121 21.18 -8.06 -23.45
CA PHE A 121 21.48 -8.30 -24.86
C PHE A 121 22.25 -9.61 -25.04
N GLY A 122 21.65 -10.55 -25.76
CA GLY A 122 22.27 -11.83 -26.01
C GLY A 122 21.87 -12.94 -25.05
N ASP A 123 21.07 -12.63 -24.02
CA ASP A 123 20.57 -13.66 -23.13
C ASP A 123 19.60 -14.58 -23.86
N HIS A 124 19.78 -15.88 -23.69
CA HIS A 124 18.83 -16.87 -24.19
C HIS A 124 17.75 -17.08 -23.14
N ILE A 125 16.49 -16.95 -23.54
CA ILE A 125 15.36 -17.11 -22.63
C ILE A 125 14.25 -17.90 -23.30
N ALA A 126 13.23 -18.23 -22.52
CA ALA A 126 12.04 -18.93 -22.99
C ALA A 126 10.84 -18.07 -22.63
N TRP A 127 10.52 -17.11 -23.50
CA TRP A 127 9.35 -16.27 -23.35
C TRP A 127 8.26 -16.71 -24.31
N SER A 128 7.00 -16.41 -23.96
CA SER A 128 5.88 -17.14 -24.53
C SER A 128 4.80 -16.29 -25.19
N GLU A 129 4.73 -14.99 -24.91
CA GLU A 129 3.65 -14.17 -25.43
C GLU A 129 4.19 -13.17 -26.45
N SER A 130 3.38 -12.90 -27.47
CA SER A 130 3.91 -12.32 -28.71
C SER A 130 4.54 -10.95 -28.49
N SER A 131 3.83 -10.04 -27.82
CA SER A 131 4.34 -8.68 -27.67
C SER A 131 5.64 -8.66 -26.87
N ALA A 132 5.73 -9.51 -25.84
CA ALA A 132 6.96 -9.60 -25.05
C ALA A 132 8.10 -10.21 -25.86
N VAL A 133 7.82 -11.32 -26.56
CA VAL A 133 8.85 -11.95 -27.38
C VAL A 133 9.40 -10.98 -28.41
N SER A 134 8.51 -10.27 -29.11
CA SER A 134 8.97 -9.29 -30.09
C SER A 134 9.81 -8.19 -29.43
N PHE A 135 9.42 -7.75 -28.23
CA PHE A 135 10.18 -6.70 -27.56
C PHE A 135 11.57 -7.20 -27.17
N ALA A 136 11.63 -8.34 -26.47
CA ALA A 136 12.91 -8.86 -26.03
C ALA A 136 13.83 -9.17 -27.20
N ASN A 137 13.28 -9.71 -28.29
CA ASN A 137 14.09 -10.05 -29.44
C ASN A 137 14.52 -8.79 -30.20
N SER A 138 13.57 -7.90 -30.47
CA SER A 138 13.86 -6.77 -31.35
C SER A 138 14.46 -5.58 -30.62
N ILE A 139 13.84 -5.14 -29.51
CA ILE A 139 14.27 -3.90 -28.87
C ILE A 139 15.30 -4.13 -27.76
N LEU A 140 15.49 -5.37 -27.33
CA LEU A 140 16.53 -5.69 -26.36
C LEU A 140 17.67 -6.52 -26.94
N GLY A 141 17.47 -7.16 -28.08
CA GLY A 141 18.55 -7.98 -28.62
C GLY A 141 18.79 -9.28 -27.89
N ALA A 142 17.95 -9.63 -26.92
CA ALA A 142 17.98 -10.98 -26.38
C ALA A 142 17.36 -11.94 -27.39
N ARG A 143 17.41 -13.23 -27.09
CA ARG A 143 16.99 -14.25 -28.03
C ARG A 143 15.98 -15.18 -27.37
N THR A 144 14.83 -15.38 -28.03
CA THR A 144 13.84 -16.33 -27.57
C THR A 144 12.87 -16.65 -28.69
N ASN A 145 12.50 -17.92 -28.80
CA ASN A 145 11.43 -18.32 -29.68
C ASN A 145 10.10 -17.81 -29.15
N ARG A 146 9.10 -17.77 -30.03
CA ARG A 146 7.73 -17.48 -29.63
C ARG A 146 7.13 -18.71 -28.97
N GLU A 147 7.65 -19.08 -27.81
CA GLU A 147 7.25 -20.32 -27.16
C GLU A 147 5.76 -20.32 -26.88
N GLY A 148 5.16 -21.52 -26.90
CA GLY A 148 3.78 -21.67 -26.51
C GLY A 148 3.63 -21.78 -25.00
N GLY A 149 2.39 -22.02 -24.58
CA GLY A 149 2.09 -22.20 -23.18
C GLY A 149 2.84 -23.38 -22.58
N PRO A 150 2.58 -24.58 -23.09
CA PRO A 150 3.27 -25.77 -22.55
C PRO A 150 4.76 -25.79 -22.86
N SER A 151 5.19 -25.30 -24.03
CA SER A 151 6.61 -25.34 -24.35
C SER A 151 7.43 -24.48 -23.40
N SER A 152 6.88 -23.35 -22.97
CA SER A 152 7.60 -22.48 -22.04
C SER A 152 7.60 -23.07 -20.64
N LEU A 153 6.50 -23.71 -20.23
CA LEU A 153 6.46 -24.32 -18.91
C LEU A 153 7.51 -25.41 -18.78
N ALA A 154 7.58 -26.30 -19.78
CA ALA A 154 8.60 -27.34 -19.76
C ALA A 154 10.00 -26.75 -19.78
N ALA A 155 10.22 -25.74 -20.63
CA ALA A 155 11.51 -25.08 -20.69
C ALA A 155 11.89 -24.45 -19.37
N ALA A 156 10.89 -23.99 -18.60
CA ALA A 156 11.14 -23.36 -17.32
C ALA A 156 11.41 -24.37 -16.21
N ILE A 157 11.01 -25.62 -16.39
CA ILE A 157 11.24 -26.65 -15.38
C ILE A 157 12.58 -27.33 -15.59
N VAL A 158 12.92 -27.64 -16.84
CA VAL A 158 14.26 -28.15 -17.14
C VAL A 158 15.30 -27.05 -16.98
N GLY A 159 14.94 -25.83 -17.37
CA GLY A 159 15.89 -24.74 -17.44
C GLY A 159 16.55 -24.56 -18.78
N LYS A 160 15.99 -25.15 -19.83
CA LYS A 160 16.62 -25.15 -21.15
C LYS A 160 15.54 -25.15 -22.22
N THR A 161 15.86 -24.63 -23.40
CA THR A 161 15.05 -24.78 -24.59
C THR A 161 15.84 -25.52 -25.67
N PRO A 162 15.16 -26.09 -26.66
CA PRO A 162 15.86 -26.51 -27.88
C PRO A 162 16.54 -25.33 -28.55
N ASN A 163 17.74 -25.57 -29.06
CA ASN A 163 18.55 -24.50 -29.68
C ASN A 163 18.23 -24.38 -31.16
N TYR A 164 16.97 -24.07 -31.44
CA TYR A 164 16.50 -23.84 -32.80
C TYR A 164 16.09 -22.38 -32.95
N GLY A 165 15.63 -22.06 -34.16
CA GLY A 165 14.93 -20.80 -34.39
C GLY A 165 15.76 -19.60 -34.01
N LEU A 166 15.12 -18.65 -33.33
CA LEU A 166 15.67 -17.33 -33.07
C LEU A 166 16.85 -17.35 -32.09
N HIS A 167 17.24 -18.52 -31.58
CA HIS A 167 18.44 -18.62 -30.75
C HIS A 167 19.73 -18.62 -31.57
N LEU A 168 19.64 -18.74 -32.89
CA LEU A 168 20.79 -18.90 -33.78
C LEU A 168 21.02 -17.65 -34.59
N ASP A 169 22.30 -17.24 -34.69
CA ASP A 169 22.64 -15.96 -35.32
C ASP A 169 22.04 -15.83 -36.71
N GLU A 170 22.03 -16.93 -37.48
CA GLU A 170 21.56 -16.85 -38.86
C GLU A 170 20.06 -16.66 -38.95
N ASN A 171 19.30 -17.03 -37.91
CA ASN A 171 17.85 -16.87 -37.97
C ASN A 171 17.39 -15.47 -37.60
N ARG A 172 18.26 -14.65 -37.00
CA ARG A 172 17.92 -13.28 -36.66
C ARG A 172 18.18 -12.31 -37.80
N LYS A 173 18.50 -12.81 -38.99
CA LYS A 173 18.77 -11.96 -40.13
C LYS A 173 17.48 -11.49 -40.79
N ALA A 174 17.54 -10.31 -41.38
CA ALA A 174 16.35 -9.69 -41.96
C ALA A 174 15.85 -10.46 -43.16
N THR A 175 14.53 -10.54 -43.29
CA THR A 175 13.86 -11.22 -44.40
C THR A 175 13.32 -10.24 -45.43
N VAL A 176 12.61 -9.21 -44.99
CA VAL A 176 12.09 -8.18 -45.88
C VAL A 176 12.61 -6.83 -45.42
N ILE A 177 12.60 -5.87 -46.34
CA ILE A 177 12.87 -4.47 -46.02
C ILE A 177 11.56 -3.72 -46.16
N VAL A 178 11.18 -2.97 -45.13
CA VAL A 178 9.93 -2.22 -45.10
C VAL A 178 10.26 -0.73 -45.15
N ASP A 179 9.87 -0.09 -46.26
CA ASP A 179 10.09 1.34 -46.48
C ASP A 179 8.77 2.04 -46.16
N VAL A 180 8.77 2.86 -45.11
CA VAL A 180 7.54 3.47 -44.58
C VAL A 180 7.47 4.87 -45.14
N LYS A 181 6.80 5.03 -46.28
CA LYS A 181 6.59 6.35 -46.86
C LYS A 181 5.46 7.10 -46.17
N ALA A 182 4.47 6.36 -45.64
CA ALA A 182 3.34 6.97 -44.96
C ALA A 182 3.80 7.81 -43.77
N LYS A 183 2.98 8.79 -43.40
CA LYS A 183 3.23 9.56 -42.18
C LYS A 183 2.88 8.69 -40.98
N VAL A 184 3.88 8.37 -40.17
CA VAL A 184 3.73 7.51 -39.00
C VAL A 184 4.45 8.19 -37.86
N LYS A 185 3.70 8.85 -36.97
CA LYS A 185 4.31 9.56 -35.85
C LYS A 185 3.60 9.39 -34.51
N THR A 186 2.27 9.27 -34.48
CA THR A 186 1.57 9.08 -33.22
C THR A 186 1.63 7.62 -32.79
N PHE A 187 1.37 7.39 -31.50
CA PHE A 187 1.24 6.04 -30.99
C PHE A 187 0.30 5.21 -31.85
N ALA A 188 -0.90 5.73 -32.10
CA ALA A 188 -1.89 4.98 -32.87
C ALA A 188 -1.39 4.67 -34.28
N ASP A 189 -0.54 5.53 -34.83
CA ASP A 189 0.02 5.27 -36.16
C ASP A 189 0.90 4.04 -36.15
N TYR A 190 1.71 3.86 -35.10
CA TYR A 190 2.47 2.62 -34.99
C TYR A 190 1.57 1.44 -34.70
N SER A 191 0.42 1.68 -34.06
CA SER A 191 -0.57 0.62 -33.91
C SER A 191 -1.09 0.19 -35.26
N VAL A 192 -1.43 1.15 -36.10
CA VAL A 192 -2.10 0.85 -37.36
C VAL A 192 -1.09 0.30 -38.37
N LEU A 193 0.17 0.73 -38.27
CA LEU A 193 1.22 0.21 -39.14
C LEU A 193 1.57 -1.22 -38.77
N GLY A 194 1.72 -1.49 -37.46
CA GLY A 194 1.98 -2.85 -37.02
C GLY A 194 0.88 -3.80 -37.42
N TYR A 195 -0.37 -3.38 -37.29
CA TYR A 195 -1.49 -4.12 -37.84
C TYR A 195 -1.21 -4.50 -39.30
N HIS A 196 -1.00 -3.49 -40.13
CA HIS A 196 -0.89 -3.73 -41.56
C HIS A 196 0.31 -4.60 -41.91
N VAL A 197 1.47 -4.30 -41.31
CA VAL A 197 2.69 -5.03 -41.66
C VAL A 197 2.57 -6.48 -41.23
N GLY A 198 1.97 -6.75 -40.07
CA GLY A 198 1.77 -8.12 -39.67
C GLY A 198 0.81 -8.86 -40.59
N LYS A 199 -0.25 -8.16 -41.03
CA LYS A 199 -1.25 -8.83 -41.85
C LYS A 199 -0.74 -9.14 -43.25
N THR A 200 0.13 -8.29 -43.80
CA THR A 200 0.63 -8.52 -45.15
C THR A 200 1.89 -9.37 -45.18
N LEU A 201 2.71 -9.35 -44.13
CA LEU A 201 3.88 -10.21 -44.08
C LEU A 201 3.47 -11.63 -43.68
N GLY A 202 4.45 -12.54 -43.73
CA GLY A 202 4.24 -13.89 -43.25
C GLY A 202 5.07 -14.14 -42.03
N ASN A 203 5.93 -15.17 -42.06
CA ASN A 203 6.87 -15.43 -40.98
C ASN A 203 8.20 -14.76 -41.29
N ASP A 204 8.15 -13.45 -41.45
CA ASP A 204 9.30 -12.67 -41.88
C ASP A 204 9.95 -11.99 -40.69
N VAL A 205 11.19 -11.57 -40.89
CA VAL A 205 11.87 -10.70 -39.95
C VAL A 205 12.10 -9.37 -40.68
N PRO A 206 11.21 -8.40 -40.52
CA PRO A 206 11.31 -7.18 -41.31
C PRO A 206 12.50 -6.33 -40.92
N TYR A 207 12.83 -5.40 -41.80
CA TYR A 207 13.89 -4.43 -41.58
C TYR A 207 13.32 -3.06 -41.93
N PHE A 208 13.10 -2.22 -40.91
CA PHE A 208 12.40 -0.96 -41.09
C PHE A 208 13.41 0.13 -41.44
N LYS A 209 13.29 0.67 -42.66
CA LYS A 209 13.87 1.95 -43.02
C LYS A 209 12.88 3.06 -42.72
N ASN A 210 13.40 4.29 -42.61
CA ASN A 210 12.59 5.50 -42.54
C ASN A 210 11.63 5.50 -41.35
N LEU A 211 12.00 4.81 -40.28
CA LEU A 211 11.19 4.75 -39.07
C LEU A 211 12.04 5.26 -37.91
N LYS A 212 11.61 6.35 -37.29
CA LYS A 212 12.34 6.98 -36.18
C LYS A 212 11.34 7.29 -35.07
N PRO A 213 11.00 6.30 -34.25
CA PRO A 213 9.96 6.51 -33.24
C PRO A 213 10.43 7.44 -32.13
N GLU A 214 9.54 8.36 -31.74
CA GLU A 214 9.81 9.25 -30.62
C GLU A 214 9.95 8.47 -29.32
N LYS A 215 8.88 7.81 -28.90
CA LYS A 215 8.86 7.05 -27.67
C LYS A 215 9.13 5.58 -27.98
N THR A 216 9.99 4.96 -27.16
CA THR A 216 10.23 3.53 -27.27
C THR A 216 8.92 2.75 -27.23
N GLU A 217 7.91 3.30 -26.54
CA GLU A 217 6.62 2.63 -26.42
C GLU A 217 5.99 2.37 -27.77
N PHE A 218 6.23 3.24 -28.75
CA PHE A 218 5.66 3.02 -30.09
C PHE A 218 6.10 1.68 -30.65
N LEU A 219 7.38 1.32 -30.44
CA LEU A 219 7.87 0.03 -30.92
C LEU A 219 7.31 -1.12 -30.07
N LYS A 220 7.15 -0.89 -28.77
CA LYS A 220 6.47 -1.87 -27.94
C LYS A 220 5.11 -2.21 -28.54
N GLU A 221 4.39 -1.16 -28.95
CA GLU A 221 3.13 -1.36 -29.66
C GLU A 221 3.36 -2.03 -31.01
N LEU A 222 4.21 -1.42 -31.84
CA LEU A 222 4.46 -1.89 -33.20
C LEU A 222 4.67 -3.39 -33.26
N GLY A 223 5.53 -3.91 -32.38
CA GLY A 223 5.75 -5.35 -32.35
C GLY A 223 4.50 -6.11 -31.93
N ALA A 224 3.80 -5.61 -30.91
CA ALA A 224 2.59 -6.28 -30.43
C ALA A 224 1.56 -6.41 -31.53
N ALA A 225 1.33 -5.31 -32.27
CA ALA A 225 0.36 -5.33 -33.35
C ALA A 225 0.76 -6.34 -34.42
N MET A 226 2.03 -6.30 -34.84
CA MET A 226 2.51 -7.26 -35.82
C MET A 226 2.37 -8.70 -35.32
N GLY A 227 2.49 -8.90 -34.00
CA GLY A 227 2.33 -10.23 -33.44
C GLY A 227 0.91 -10.72 -33.41
N ALA A 228 -0.06 -9.82 -33.53
CA ALA A 228 -1.47 -10.19 -33.56
C ALA A 228 -1.91 -10.56 -34.98
N THR A 229 -1.83 -9.61 -35.91
CA THR A 229 -2.26 -9.87 -37.28
C THR A 229 -1.35 -10.85 -37.99
N GLY A 230 -0.06 -10.84 -37.69
CA GLY A 230 0.89 -11.73 -38.35
C GLY A 230 1.58 -12.70 -37.40
N SER A 231 2.84 -13.00 -37.66
CA SER A 231 3.62 -13.90 -36.82
C SER A 231 5.06 -13.40 -36.71
N ILE A 232 5.21 -12.12 -36.44
CA ILE A 232 6.52 -11.48 -36.34
C ILE A 232 7.02 -11.59 -34.91
N ALA A 233 8.10 -12.34 -34.72
CA ALA A 233 8.76 -12.40 -33.43
C ALA A 233 10.04 -11.57 -33.39
N LEU A 234 10.45 -10.98 -34.51
CA LEU A 234 11.67 -10.18 -34.54
C LEU A 234 11.60 -9.23 -35.72
N TYR A 235 12.04 -7.99 -35.50
CA TYR A 235 12.20 -7.03 -36.57
C TYR A 235 13.50 -6.27 -36.32
N HIS A 236 13.77 -5.29 -37.19
CA HIS A 236 14.85 -4.35 -36.97
C HIS A 236 14.41 -2.97 -37.44
N VAL A 237 14.76 -1.96 -36.66
CA VAL A 237 14.59 -0.57 -37.06
C VAL A 237 15.98 0.01 -37.23
N GLU A 238 16.29 0.44 -38.45
CA GLU A 238 17.61 0.96 -38.77
C GLU A 238 17.95 2.14 -37.86
N GLY A 239 18.94 1.95 -36.99
CA GLY A 239 19.38 2.96 -36.07
C GLY A 239 18.78 2.87 -34.68
N GLU A 240 17.69 2.14 -34.51
CA GLU A 240 17.00 2.07 -33.23
C GLU A 240 17.11 0.70 -32.56
N THR A 241 17.10 -0.39 -33.31
CA THR A 241 17.27 -1.74 -32.78
C THR A 241 18.75 -2.04 -32.57
N PRO A 242 19.12 -2.77 -31.51
CA PRO A 242 20.54 -3.05 -31.27
C PRO A 242 21.21 -3.97 -32.28
N GLU A 243 20.44 -4.74 -33.06
CA GLU A 243 21.04 -5.70 -33.98
C GLU A 243 20.99 -5.27 -35.44
N TYR A 244 20.65 -4.01 -35.71
CA TYR A 244 20.26 -3.62 -37.06
C TYR A 244 21.41 -3.63 -38.05
N ARG A 245 22.65 -3.50 -37.59
CA ARG A 245 23.75 -3.40 -38.55
C ARG A 245 24.04 -4.75 -39.21
N GLU A 246 23.82 -5.84 -38.49
CA GLU A 246 24.06 -7.18 -39.01
C GLU A 246 22.80 -7.83 -39.57
N ALA A 247 21.68 -7.11 -39.61
CA ALA A 247 20.40 -7.73 -39.92
C ALA A 247 20.37 -8.29 -41.34
N ILE A 248 20.75 -7.48 -42.32
CA ILE A 248 20.72 -7.90 -43.72
C ILE A 248 21.99 -8.67 -44.04
N THR A 249 21.85 -9.85 -44.70
CA THR A 249 23.03 -10.55 -45.21
C THR A 249 22.82 -11.13 -46.61
N ASP A 250 21.88 -10.61 -47.39
CA ASP A 250 21.72 -10.98 -48.80
C ASP A 250 20.75 -9.98 -49.44
N LYS A 251 20.42 -10.20 -50.70
CA LYS A 251 19.49 -9.30 -51.38
C LYS A 251 18.08 -9.53 -50.87
N LEU A 252 17.39 -8.44 -50.53
CA LEU A 252 16.05 -8.47 -49.98
C LEU A 252 15.11 -7.62 -50.83
N GLU A 253 13.84 -8.00 -50.85
CA GLU A 253 12.82 -7.20 -51.53
C GLU A 253 12.29 -6.13 -50.58
N THR A 254 11.99 -4.96 -51.14
CA THR A 254 11.50 -3.82 -50.36
C THR A 254 10.00 -3.67 -50.60
N ILE A 255 9.21 -3.89 -49.56
CA ILE A 255 7.79 -3.55 -49.58
C ILE A 255 7.62 -2.16 -49.00
N THR A 256 6.59 -1.44 -49.44
CA THR A 256 6.39 -0.06 -49.02
C THR A 256 4.99 0.11 -48.44
N VAL A 257 4.91 0.90 -47.36
CA VAL A 257 3.66 1.17 -46.65
C VAL A 257 3.31 2.63 -46.89
N GLU A 258 2.26 2.87 -47.66
CA GLU A 258 1.82 4.22 -47.98
C GLU A 258 0.68 4.64 -47.07
N ASP A 259 0.37 5.93 -47.08
CA ASP A 259 -0.71 6.45 -46.23
C ASP A 259 -2.03 5.78 -46.54
N SER A 260 -2.26 5.46 -47.82
CA SER A 260 -3.47 4.74 -48.20
C SER A 260 -3.58 3.41 -47.46
N ASP A 261 -2.45 2.70 -47.32
CA ASP A 261 -2.45 1.44 -46.58
C ASP A 261 -2.93 1.64 -45.15
N LEU A 262 -2.53 2.74 -44.51
CA LEU A 262 -2.80 2.93 -43.10
C LEU A 262 -4.20 3.49 -42.87
N LYS A 263 -4.61 4.48 -43.67
CA LYS A 263 -5.97 5.00 -43.58
C LYS A 263 -7.00 3.88 -43.64
N ALA A 264 -6.75 2.88 -44.49
CA ALA A 264 -7.67 1.77 -44.64
C ALA A 264 -7.83 0.95 -43.35
N VAL A 265 -6.92 1.10 -42.40
CA VAL A 265 -7.03 0.42 -41.12
C VAL A 265 -7.53 1.35 -40.02
N ARG A 266 -7.04 2.60 -40.01
CA ARG A 266 -7.61 3.60 -39.11
C ARG A 266 -9.12 3.66 -39.28
N GLU A 267 -9.59 3.61 -40.52
CA GLU A 267 -11.00 3.78 -40.86
C GLU A 267 -11.80 2.51 -40.70
N SER A 268 -11.16 1.37 -40.42
CA SER A 268 -11.89 0.14 -40.14
C SER A 268 -12.31 0.04 -38.69
N PHE A 269 -11.77 0.89 -37.81
CA PHE A 269 -12.10 0.87 -36.40
C PHE A 269 -12.61 2.23 -35.96
N GLN A 270 -13.74 2.68 -36.51
CA GLN A 270 -14.28 4.00 -36.23
C GLN A 270 -15.76 3.92 -35.89
N ASP A 271 -16.14 2.95 -35.07
CA ASP A 271 -17.53 2.86 -34.63
C ASP A 271 -17.87 4.09 -33.77
N ASP A 272 -19.15 4.42 -33.75
CA ASP A 272 -19.60 5.65 -33.09
C ASP A 272 -19.29 5.61 -31.60
N TRP A 273 -19.15 6.80 -31.02
CA TRP A 273 -18.94 6.90 -29.58
C TRP A 273 -20.12 6.32 -28.80
N SER A 274 -21.31 6.28 -29.42
CA SER A 274 -22.51 5.79 -28.76
C SER A 274 -22.59 4.27 -28.69
N ASP A 275 -21.67 3.56 -29.34
CA ASP A 275 -21.54 2.12 -29.19
C ASP A 275 -20.34 1.75 -28.31
N ILE A 276 -19.71 2.75 -27.70
CA ILE A 276 -18.48 2.59 -26.93
C ILE A 276 -18.82 2.82 -25.46
N ASP A 277 -18.63 1.79 -24.62
CA ASP A 277 -18.89 1.92 -23.20
C ASP A 277 -17.65 1.61 -22.36
N MET A 278 -16.45 1.73 -22.94
CA MET A 278 -15.24 1.39 -22.21
C MET A 278 -14.03 1.89 -23.02
N ILE A 279 -12.99 2.28 -22.30
CA ILE A 279 -11.71 2.66 -22.90
C ILE A 279 -10.62 1.76 -22.33
N LEU A 280 -9.84 1.13 -23.21
CA LEU A 280 -8.68 0.34 -22.81
C LEU A 280 -7.44 1.05 -23.34
N ILE A 281 -6.55 1.44 -22.44
CA ILE A 281 -5.20 1.82 -22.80
C ILE A 281 -4.26 0.95 -21.97
N GLY A 282 -3.18 0.51 -22.59
CA GLY A 282 -2.26 -0.37 -21.89
C GLY A 282 -2.23 -1.76 -22.48
N CYS A 283 -2.23 -1.83 -23.80
CA CYS A 283 -2.11 -3.10 -24.53
C CYS A 283 -1.01 -2.90 -25.57
N PRO A 284 0.24 -3.31 -25.28
CA PRO A 284 0.70 -4.01 -24.06
C PRO A 284 0.75 -3.12 -22.82
N HIS A 285 0.89 -3.76 -21.66
CA HIS A 285 0.84 -3.09 -20.36
C HIS A 285 1.59 -1.76 -20.37
N ALA A 286 0.88 -0.71 -19.96
CA ALA A 286 1.41 0.64 -20.06
C ALA A 286 2.72 0.79 -19.29
N SER A 287 3.58 1.64 -19.82
CA SER A 287 4.75 2.08 -19.07
C SER A 287 4.34 3.16 -18.08
N LEU A 288 5.28 3.55 -17.23
CA LEU A 288 5.03 4.71 -16.37
C LEU A 288 4.78 5.97 -17.20
N PRO A 289 5.59 6.30 -18.22
CA PRO A 289 5.27 7.48 -19.04
C PRO A 289 3.93 7.38 -19.76
N GLU A 290 3.49 6.18 -20.13
CA GLU A 290 2.15 6.04 -20.71
C GLU A 290 1.08 6.43 -19.71
N VAL A 291 1.23 5.99 -18.46
CA VAL A 291 0.25 6.32 -17.43
C VAL A 291 0.32 7.81 -17.10
N LYS A 292 1.53 8.33 -16.88
CA LYS A 292 1.71 9.75 -16.67
C LYS A 292 1.11 10.57 -17.81
N GLU A 293 1.15 10.03 -19.03
CA GLU A 293 0.49 10.68 -20.16
C GLU A 293 -1.02 10.76 -19.92
N ILE A 294 -1.64 9.64 -19.55
CA ILE A 294 -3.08 9.59 -19.34
C ILE A 294 -3.46 10.44 -18.14
N ALA A 295 -2.61 10.49 -17.11
CA ALA A 295 -2.89 11.31 -15.93
C ALA A 295 -2.99 12.78 -16.30
N GLU A 296 -1.94 13.34 -16.89
CA GLU A 296 -1.93 14.75 -17.27
C GLU A 296 -3.00 15.08 -18.31
N LEU A 297 -3.45 14.08 -19.07
CA LEU A 297 -4.50 14.32 -20.06
C LEU A 297 -5.84 14.59 -19.40
N LEU A 298 -6.14 13.85 -18.32
CA LEU A 298 -7.40 14.05 -17.61
C LEU A 298 -7.39 15.33 -16.78
N ARG A 299 -6.22 15.75 -16.29
CA ARG A 299 -6.13 16.99 -15.54
C ARG A 299 -6.56 18.17 -16.39
N MET A 300 -6.22 18.15 -17.68
CA MET A 300 -6.62 19.20 -18.60
C MET A 300 -8.04 19.00 -19.14
N ARG A 301 -8.61 17.81 -18.99
CA ARG A 301 -10.02 17.62 -19.34
C ARG A 301 -10.94 18.26 -18.30
N GLY A 302 -10.53 18.25 -17.03
CA GLY A 302 -11.29 18.87 -15.95
C GLY A 302 -12.43 18.08 -15.35
N LYS A 303 -13.23 17.43 -16.19
CA LYS A 303 -14.38 16.66 -15.76
C LYS A 303 -14.10 15.16 -15.89
N PRO A 304 -14.82 14.32 -15.16
CA PRO A 304 -14.58 12.88 -15.21
C PRO A 304 -15.18 12.27 -16.47
N LEU A 305 -14.94 10.98 -16.63
CA LEU A 305 -15.51 10.21 -17.73
C LEU A 305 -16.81 9.55 -17.27
N LYS A 306 -17.77 9.43 -18.19
CA LYS A 306 -18.99 8.73 -17.85
C LYS A 306 -18.96 7.26 -18.21
N ILE A 307 -18.06 6.85 -19.11
CA ILE A 307 -17.76 5.44 -19.33
C ILE A 307 -16.49 5.13 -18.56
N PRO A 308 -16.24 3.88 -18.19
CA PRO A 308 -15.01 3.58 -17.44
C PRO A 308 -13.79 3.61 -18.34
N LEU A 309 -12.68 4.10 -17.79
CA LEU A 309 -11.37 4.05 -18.44
C LEU A 309 -10.50 3.05 -17.69
N PHE A 310 -9.88 2.14 -18.45
CA PHE A 310 -9.04 1.10 -17.88
C PHE A 310 -7.63 1.20 -18.43
N ILE A 311 -6.66 1.22 -17.53
CA ILE A 311 -5.25 1.21 -17.88
C ILE A 311 -4.68 -0.12 -17.38
N THR A 312 -4.60 -1.11 -18.26
CA THR A 312 -3.88 -2.33 -17.91
C THR A 312 -2.39 -2.04 -17.86
N ALA A 313 -1.73 -2.53 -16.82
CA ALA A 313 -0.33 -2.22 -16.59
C ALA A 313 0.27 -3.25 -15.66
N SER A 314 1.59 -3.37 -15.75
CA SER A 314 2.34 -4.24 -14.85
C SER A 314 2.19 -3.76 -13.40
N ARG A 315 2.29 -4.71 -12.47
CA ARG A 315 2.34 -4.37 -11.06
C ARG A 315 3.36 -3.29 -10.79
N ALA A 316 4.53 -3.39 -11.43
CA ALA A 316 5.60 -2.44 -11.19
C ALA A 316 5.21 -1.03 -11.61
N VAL A 317 4.51 -0.90 -12.74
CA VAL A 317 4.16 0.44 -13.22
C VAL A 317 3.08 1.05 -12.34
N LYS A 318 2.02 0.29 -12.05
CA LYS A 318 0.96 0.74 -11.16
C LYS A 318 1.54 1.31 -9.86
N ALA A 319 2.38 0.53 -9.19
CA ALA A 319 2.93 0.95 -7.90
C ALA A 319 3.80 2.18 -8.01
N LEU A 320 4.33 2.48 -9.20
CA LEU A 320 4.99 3.77 -9.41
C LEU A 320 3.96 4.88 -9.53
N ALA A 321 2.99 4.71 -10.43
CA ALA A 321 1.96 5.73 -10.61
C ALA A 321 1.17 5.98 -9.34
N ASP A 322 1.03 4.96 -8.48
CA ASP A 322 0.46 5.18 -7.15
C ASP A 322 1.30 6.17 -6.36
N ALA A 323 2.58 5.82 -6.13
CA ALA A 323 3.42 6.63 -5.24
C ALA A 323 3.71 8.00 -5.81
N LEU A 324 3.57 8.18 -7.12
CA LEU A 324 3.83 9.48 -7.75
C LEU A 324 2.56 10.32 -7.90
N GLY A 325 1.46 9.89 -7.30
CA GLY A 325 0.20 10.62 -7.40
C GLY A 325 -0.49 10.51 -8.74
N TYR A 326 -0.07 9.60 -9.61
CA TYR A 326 -0.67 9.50 -10.94
C TYR A 326 -1.98 8.74 -10.91
N THR A 327 -2.05 7.63 -10.16
CA THR A 327 -3.29 6.88 -10.08
C THR A 327 -4.34 7.60 -9.23
N GLU A 328 -3.90 8.41 -8.27
CA GLU A 328 -4.86 9.26 -7.54
C GLU A 328 -5.52 10.24 -8.48
N ILE A 329 -4.76 10.83 -9.41
CA ILE A 329 -5.33 11.71 -10.42
C ILE A 329 -6.23 10.93 -11.35
N ILE A 330 -5.78 9.75 -11.80
CA ILE A 330 -6.54 8.97 -12.79
C ILE A 330 -7.87 8.49 -12.21
N GLU A 331 -7.93 8.27 -10.89
CA GLU A 331 -9.15 7.76 -10.27
C GLU A 331 -10.17 8.85 -9.97
N ARG A 332 -9.72 10.10 -9.83
CA ARG A 332 -10.67 11.16 -9.54
C ARG A 332 -11.59 11.41 -10.72
N TYR A 333 -11.03 11.41 -11.92
CA TYR A 333 -11.78 11.20 -13.14
C TYR A 333 -12.00 9.70 -13.29
N ASN A 334 -12.95 9.30 -14.12
CA ASN A 334 -13.47 7.94 -14.01
C ASN A 334 -12.52 6.93 -14.67
N GLY A 335 -11.39 6.69 -13.99
CA GLY A 335 -10.38 5.80 -14.52
C GLY A 335 -9.78 4.92 -13.42
N LYS A 336 -9.22 3.79 -13.85
CA LYS A 336 -8.67 2.78 -12.95
C LYS A 336 -7.52 2.07 -13.63
N ILE A 337 -6.37 1.99 -12.96
CA ILE A 337 -5.25 1.21 -13.45
C ILE A 337 -5.41 -0.22 -12.94
N ILE A 338 -5.62 -1.15 -13.85
CA ILE A 338 -5.89 -2.55 -13.53
C ILE A 338 -4.56 -3.30 -13.56
N PRO A 339 -4.06 -3.79 -12.43
CA PRO A 339 -2.71 -4.37 -12.41
C PRO A 339 -2.72 -5.83 -12.86
N ASP A 340 -1.67 -6.20 -13.61
CA ASP A 340 -1.33 -7.59 -13.91
C ASP A 340 -2.50 -8.39 -14.46
N SER A 341 -3.41 -7.70 -15.15
CA SER A 341 -4.56 -8.33 -15.77
C SER A 341 -4.60 -7.93 -17.25
N CYS A 342 -5.40 -8.67 -18.01
CA CYS A 342 -5.56 -8.41 -19.43
C CYS A 342 -7.03 -8.55 -19.81
N PHE A 343 -7.49 -7.66 -20.68
CA PHE A 343 -8.91 -7.62 -21.05
C PHE A 343 -9.25 -8.52 -22.23
N VAL A 344 -8.40 -8.56 -23.26
CA VAL A 344 -8.70 -9.36 -24.45
C VAL A 344 -8.81 -10.84 -24.12
N VAL A 345 -8.30 -11.24 -22.95
CA VAL A 345 -8.30 -12.63 -22.52
C VAL A 345 -9.33 -12.87 -21.42
N SER A 346 -10.20 -11.90 -21.16
CA SER A 346 -11.18 -11.97 -20.11
C SER A 346 -12.59 -12.10 -20.69
N PRO A 347 -13.48 -12.85 -20.04
CA PRO A 347 -14.85 -13.05 -20.55
C PRO A 347 -15.74 -11.85 -20.28
N ILE A 348 -15.57 -10.81 -21.08
CA ILE A 348 -16.25 -9.55 -20.86
C ILE A 348 -17.25 -9.23 -21.97
N LYS A 349 -17.64 -10.24 -22.76
CA LYS A 349 -18.58 -9.96 -23.85
C LYS A 349 -19.94 -9.52 -23.31
N GLY A 350 -20.29 -9.94 -22.10
CA GLY A 350 -21.52 -9.55 -21.45
C GLY A 350 -21.42 -8.38 -20.49
N TRP A 351 -20.25 -7.74 -20.39
CA TRP A 351 -20.07 -6.57 -19.54
C TRP A 351 -20.01 -5.27 -20.33
N TYR A 352 -19.19 -5.23 -21.36
CA TYR A 352 -19.07 -4.10 -22.25
C TYR A 352 -19.25 -4.58 -23.67
N ARG A 353 -19.85 -3.74 -24.52
CA ARG A 353 -20.08 -4.08 -25.90
C ARG A 353 -19.23 -3.26 -26.86
N GLY A 354 -18.46 -2.31 -26.35
CA GLY A 354 -17.66 -1.45 -27.21
C GLY A 354 -16.44 -0.87 -26.52
N ILE A 355 -15.27 -1.10 -27.09
CA ILE A 355 -14.00 -0.60 -26.54
C ILE A 355 -13.46 0.48 -27.47
N ALA A 356 -13.02 1.58 -26.88
CA ALA A 356 -12.16 2.53 -27.57
C ALA A 356 -10.74 2.34 -27.04
N THR A 357 -9.77 2.39 -27.93
CA THR A 357 -8.41 2.06 -27.52
C THR A 357 -7.41 2.75 -28.45
N ASN A 358 -6.19 2.91 -27.94
CA ASN A 358 -5.06 3.34 -28.74
C ASN A 358 -4.18 2.18 -29.17
N SER A 359 -4.49 0.97 -28.72
CA SER A 359 -3.74 -0.21 -29.12
C SER A 359 -4.29 -0.79 -30.41
N GLY A 360 -3.37 -1.17 -31.31
CA GLY A 360 -3.79 -1.87 -32.51
C GLY A 360 -4.07 -3.34 -32.27
N LYS A 361 -3.42 -3.93 -31.26
CA LYS A 361 -3.67 -5.33 -30.93
C LYS A 361 -5.09 -5.52 -30.41
N SER A 362 -5.46 -4.74 -29.39
CA SER A 362 -6.81 -4.85 -28.84
C SER A 362 -7.86 -4.49 -29.89
N ALA A 363 -7.61 -3.45 -30.69
CA ALA A 363 -8.51 -3.13 -31.78
C ALA A 363 -8.73 -4.32 -32.69
N PHE A 364 -7.68 -5.10 -32.92
CA PHE A 364 -7.80 -6.25 -33.82
C PHE A 364 -8.61 -7.37 -33.17
N TYR A 365 -8.29 -7.71 -31.92
CA TYR A 365 -8.95 -8.85 -31.28
C TYR A 365 -10.40 -8.55 -30.94
N PHE A 366 -10.65 -7.37 -30.37
CA PHE A 366 -12.00 -7.04 -29.94
C PHE A 366 -12.96 -6.95 -31.12
N ARG A 367 -12.50 -6.40 -32.24
CA ARG A 367 -13.32 -6.36 -33.45
C ARG A 367 -13.74 -7.76 -33.88
N SER A 368 -12.80 -8.71 -33.82
CA SER A 368 -13.09 -10.08 -34.24
C SER A 368 -14.03 -10.77 -33.26
N PHE A 369 -13.88 -10.50 -31.97
CA PHE A 369 -14.74 -11.12 -30.97
C PHE A 369 -16.20 -10.67 -31.14
N GLY A 370 -16.43 -9.48 -31.70
CA GLY A 370 -17.78 -9.02 -31.96
C GLY A 370 -18.11 -7.69 -31.30
N PHE A 371 -17.11 -7.06 -30.68
CA PHE A 371 -17.33 -5.80 -30.01
C PHE A 371 -17.31 -4.66 -31.01
N SER A 372 -18.02 -3.59 -30.68
CA SER A 372 -17.72 -2.30 -31.28
C SER A 372 -16.34 -1.86 -30.82
N VAL A 373 -15.55 -1.34 -31.75
CA VAL A 373 -14.23 -0.83 -31.41
C VAL A 373 -14.08 0.58 -31.98
N ARG A 374 -13.12 1.31 -31.43
CA ARG A 374 -12.83 2.66 -31.86
C ARG A 374 -11.37 2.93 -31.56
N LEU A 375 -10.59 3.25 -32.59
CA LEU A 375 -9.14 3.28 -32.48
C LEU A 375 -8.65 4.71 -32.65
N ASP A 376 -8.03 5.26 -31.62
CA ASP A 376 -7.47 6.60 -31.69
C ASP A 376 -6.50 6.80 -30.53
N ASP A 377 -5.69 7.85 -30.65
CA ASP A 377 -4.74 8.18 -29.60
C ASP A 377 -5.45 8.57 -28.31
N VAL A 378 -4.73 8.44 -27.19
CA VAL A 378 -5.34 8.70 -25.89
C VAL A 378 -5.74 10.17 -25.78
N GLU A 379 -4.94 11.07 -26.35
CA GLU A 379 -5.27 12.50 -26.32
C GLU A 379 -6.61 12.75 -26.98
N ASN A 380 -6.89 12.07 -28.09
CA ASN A 380 -8.18 12.22 -28.74
C ASN A 380 -9.26 11.46 -27.98
N LEU A 381 -8.96 10.27 -27.48
CA LEU A 381 -9.96 9.46 -26.79
C LEU A 381 -10.45 10.14 -25.52
N ILE A 382 -9.53 10.69 -24.72
CA ILE A 382 -9.92 11.30 -23.46
C ILE A 382 -10.70 12.59 -23.69
N LYS A 383 -10.37 13.34 -24.74
CA LYS A 383 -11.11 14.56 -25.05
C LYS A 383 -12.54 14.24 -25.45
N GLU A 384 -12.73 13.33 -26.40
CA GLU A 384 -14.04 13.09 -26.99
C GLU A 384 -14.97 12.28 -26.11
N ALA A 385 -14.42 11.57 -25.11
CA ALA A 385 -15.22 10.63 -24.35
C ALA A 385 -16.36 11.32 -23.60
N PRO A 386 -17.45 10.59 -23.32
CA PRO A 386 -18.52 11.11 -22.45
C PRO A 386 -18.06 11.25 -21.01
N GLY B 1 0.93 -55.87 -44.32
CA GLY B 1 1.06 -55.86 -45.77
C GLY B 1 1.49 -54.51 -46.32
N PRO B 2 0.52 -53.62 -46.57
CA PRO B 2 0.83 -52.27 -47.06
C PRO B 2 1.23 -51.34 -45.92
N LYS B 3 2.45 -51.51 -45.44
CA LYS B 3 2.92 -50.78 -44.27
C LYS B 3 3.36 -49.37 -44.65
N LEU B 4 2.82 -48.38 -43.94
CA LEU B 4 3.12 -46.97 -44.18
C LEU B 4 4.11 -46.48 -43.13
N LYS B 5 5.25 -45.97 -43.59
CA LYS B 5 6.33 -45.60 -42.69
C LYS B 5 6.26 -44.12 -42.32
N GLY B 6 6.44 -43.85 -41.02
CA GLY B 6 6.48 -42.49 -40.51
C GLY B 6 7.47 -42.38 -39.36
N ARG B 7 7.43 -41.28 -38.63
CA ARG B 7 8.38 -41.00 -37.56
C ARG B 7 7.76 -41.24 -36.19
N LYS B 8 8.58 -41.68 -35.25
CA LYS B 8 8.17 -41.83 -33.87
C LYS B 8 8.10 -40.47 -33.19
N ILE B 9 6.92 -40.09 -32.70
CA ILE B 9 6.76 -38.95 -31.80
C ILE B 9 6.44 -39.41 -30.39
N VAL B 10 5.49 -40.33 -30.23
CA VAL B 10 5.18 -40.95 -28.96
C VAL B 10 5.04 -42.45 -29.18
N GLY B 11 5.77 -43.25 -28.42
CA GLY B 11 5.75 -44.68 -28.58
C GLY B 11 4.41 -45.28 -28.15
N GLY B 12 4.38 -46.61 -28.15
CA GLY B 12 3.18 -47.35 -27.88
C GLY B 12 2.55 -47.91 -29.15
N LYS B 13 1.64 -48.86 -28.96
CA LYS B 13 0.96 -49.51 -30.07
C LYS B 13 -0.53 -49.41 -29.85
N ALA B 14 -1.29 -49.25 -30.94
CA ALA B 14 -2.73 -49.15 -30.85
C ALA B 14 -3.37 -49.58 -32.16
N GLU B 15 -4.31 -50.51 -32.07
CA GLU B 15 -5.14 -50.91 -33.19
C GLU B 15 -6.51 -50.25 -33.02
N GLY B 16 -7.26 -50.17 -34.11
CA GLY B 16 -8.62 -49.68 -34.02
C GLY B 16 -9.07 -48.99 -35.29
N GLU B 17 -10.29 -48.49 -35.23
CA GLU B 17 -10.97 -47.94 -36.39
C GLU B 17 -10.62 -46.46 -36.58
N VAL B 18 -10.56 -46.04 -37.85
CA VAL B 18 -10.09 -44.73 -38.28
C VAL B 18 -11.20 -43.69 -38.33
N ILE B 19 -10.81 -42.44 -38.10
CA ILE B 19 -11.54 -41.26 -38.59
C ILE B 19 -10.51 -40.31 -39.19
N VAL B 20 -10.80 -39.76 -40.37
CA VAL B 20 -9.85 -38.99 -41.14
C VAL B 20 -10.40 -37.61 -41.45
N SER B 21 -9.55 -36.59 -41.37
CA SER B 21 -9.87 -35.23 -41.78
C SER B 21 -8.69 -34.63 -42.53
N ARG B 22 -8.97 -34.01 -43.69
CA ARG B 22 -7.98 -33.29 -44.48
C ARG B 22 -7.94 -31.80 -44.14
N LYS B 23 -8.21 -31.42 -42.89
CA LYS B 23 -8.27 -30.01 -42.50
C LYS B 23 -7.54 -29.79 -41.18
N PRO B 24 -6.78 -28.69 -41.06
CA PRO B 24 -6.05 -28.44 -39.81
C PRO B 24 -6.97 -28.35 -38.62
N LEU B 25 -6.95 -29.38 -37.77
CA LEU B 25 -7.78 -29.43 -36.58
C LEU B 25 -7.18 -28.56 -35.48
N SER B 26 -8.01 -27.70 -34.88
CA SER B 26 -7.61 -26.88 -33.76
C SER B 26 -8.13 -27.52 -32.48
N PHE B 27 -7.31 -27.48 -31.42
CA PHE B 27 -7.65 -28.23 -30.22
C PHE B 27 -8.12 -27.37 -29.05
N LEU B 28 -7.87 -26.07 -29.06
CA LEU B 28 -8.44 -25.18 -28.03
C LEU B 28 -9.80 -24.71 -28.53
N GLY B 29 -10.86 -25.23 -27.91
CA GLY B 29 -12.19 -24.96 -28.38
C GLY B 29 -12.58 -25.70 -29.64
N GLY B 30 -11.72 -26.60 -30.13
CA GLY B 30 -12.03 -27.39 -31.30
C GLY B 30 -12.48 -28.79 -30.94
N VAL B 31 -12.17 -29.23 -29.73
CA VAL B 31 -12.63 -30.50 -29.20
C VAL B 31 -13.23 -30.24 -27.83
N ASP B 32 -14.46 -30.72 -27.62
CA ASP B 32 -15.09 -30.67 -26.31
C ASP B 32 -14.39 -31.67 -25.40
N PRO B 33 -13.60 -31.24 -24.42
CA PRO B 33 -12.80 -32.19 -23.64
C PRO B 33 -13.63 -33.22 -22.90
N GLU B 34 -14.92 -32.99 -22.71
CA GLU B 34 -15.78 -33.98 -22.06
C GLU B 34 -16.15 -35.10 -23.02
N THR B 35 -16.46 -34.75 -24.28
CA THR B 35 -17.05 -35.69 -25.22
C THR B 35 -16.10 -36.15 -26.33
N GLY B 36 -15.03 -35.42 -26.58
CA GLY B 36 -14.23 -35.72 -27.75
C GLY B 36 -14.92 -35.43 -29.05
N ILE B 37 -16.05 -34.73 -29.01
CA ILE B 37 -16.78 -34.35 -30.21
C ILE B 37 -16.09 -33.14 -30.82
N VAL B 38 -15.77 -33.22 -32.11
CA VAL B 38 -15.04 -32.15 -32.79
C VAL B 38 -15.98 -30.96 -33.01
N THR B 39 -15.65 -29.84 -32.37
CA THR B 39 -16.44 -28.61 -32.45
C THR B 39 -15.56 -27.47 -32.92
N ASP B 40 -15.40 -27.32 -34.24
CA ASP B 40 -14.55 -26.29 -34.79
C ASP B 40 -15.32 -25.59 -35.91
N ALA B 41 -15.24 -24.26 -35.94
CA ALA B 41 -15.97 -23.49 -36.94
C ALA B 41 -15.70 -24.00 -38.35
N GLU B 42 -14.42 -24.20 -38.67
CA GLU B 42 -13.99 -24.77 -39.94
C GLU B 42 -13.41 -26.15 -39.71
N SER B 43 -14.01 -27.16 -40.33
CA SER B 43 -13.51 -28.52 -40.17
C SER B 43 -14.17 -29.43 -41.17
N ASP B 44 -13.38 -30.37 -41.72
CA ASP B 44 -13.95 -31.55 -42.35
C ASP B 44 -15.01 -32.15 -41.47
N ILE B 45 -14.74 -32.17 -40.17
CA ILE B 45 -15.47 -32.98 -39.20
C ILE B 45 -16.07 -32.03 -38.18
N ARG B 46 -17.41 -31.96 -38.14
CA ARG B 46 -18.10 -31.30 -37.05
C ARG B 46 -19.14 -32.25 -36.47
N GLY B 47 -19.15 -32.35 -35.14
CA GLY B 47 -20.08 -33.26 -34.47
C GLY B 47 -19.75 -34.72 -34.61
N GLN B 48 -18.50 -35.08 -34.90
CA GLN B 48 -18.07 -36.47 -34.82
C GLN B 48 -17.07 -36.65 -33.68
N SER B 49 -17.12 -37.83 -33.07
CA SER B 49 -16.29 -38.11 -31.91
C SER B 49 -14.89 -38.58 -32.33
N ILE B 50 -13.97 -38.57 -31.37
CA ILE B 50 -12.63 -39.08 -31.58
C ILE B 50 -12.30 -40.25 -30.68
N ALA B 51 -13.06 -40.48 -29.61
CA ALA B 51 -12.73 -41.53 -28.65
C ALA B 51 -12.54 -42.87 -29.32
N GLY B 52 -11.43 -43.54 -29.00
CA GLY B 52 -11.17 -44.86 -29.53
C GLY B 52 -11.07 -44.95 -31.03
N LYS B 53 -10.67 -43.86 -31.70
CA LYS B 53 -10.48 -43.86 -33.14
C LYS B 53 -9.07 -43.38 -33.48
N ILE B 54 -8.55 -43.85 -34.60
CA ILE B 54 -7.28 -43.34 -35.10
C ILE B 54 -7.56 -41.98 -35.75
N LEU B 55 -6.88 -40.94 -35.26
CA LEU B 55 -7.13 -39.57 -35.70
C LEU B 55 -6.07 -39.20 -36.73
N VAL B 56 -6.47 -39.20 -38.00
CA VAL B 56 -5.59 -38.80 -39.09
C VAL B 56 -5.99 -37.40 -39.53
N PHE B 57 -5.09 -36.45 -39.38
CA PHE B 57 -5.33 -35.07 -39.82
C PHE B 57 -4.00 -34.43 -40.15
N PRO B 58 -3.99 -33.39 -41.00
CA PRO B 58 -2.73 -32.88 -41.56
C PRO B 58 -1.80 -32.25 -40.53
N ARG B 59 -2.32 -31.37 -39.69
CA ARG B 59 -1.52 -30.76 -38.64
C ARG B 59 -2.46 -30.13 -37.62
N GLY B 60 -1.97 -29.99 -36.40
CA GLY B 60 -2.68 -29.19 -35.42
C GLY B 60 -2.49 -27.71 -35.66
N LYS B 61 -3.49 -26.93 -35.26
CA LYS B 61 -3.47 -25.48 -35.44
C LYS B 61 -4.06 -24.84 -34.20
N GLY B 62 -4.31 -23.54 -34.29
CA GLY B 62 -4.97 -22.83 -33.21
C GLY B 62 -4.03 -22.39 -32.11
N SER B 63 -4.46 -22.56 -30.85
CA SER B 63 -3.71 -22.08 -29.72
C SER B 63 -2.92 -23.21 -29.07
N THR B 64 -1.75 -22.85 -28.54
CA THR B 64 -0.81 -23.82 -27.99
C THR B 64 -1.35 -24.55 -26.77
N VAL B 65 -2.43 -24.03 -26.16
CA VAL B 65 -2.99 -24.67 -24.98
C VAL B 65 -3.73 -25.96 -25.33
N GLY B 66 -4.15 -26.10 -26.60
CA GLY B 66 -4.85 -27.28 -27.06
C GLY B 66 -4.26 -28.59 -26.57
N SER B 67 -2.95 -28.59 -26.31
CA SER B 67 -2.29 -29.73 -25.69
C SER B 67 -3.00 -30.14 -24.41
N TYR B 68 -3.45 -29.17 -23.61
CA TYR B 68 -4.15 -29.47 -22.38
C TYR B 68 -5.50 -30.11 -22.66
N VAL B 69 -6.20 -29.62 -23.69
CA VAL B 69 -7.47 -30.23 -24.09
C VAL B 69 -7.27 -31.71 -24.39
N ILE B 70 -6.14 -32.04 -25.02
CA ILE B 70 -5.80 -33.44 -25.25
C ILE B 70 -5.52 -34.14 -23.93
N TYR B 71 -4.82 -33.47 -23.01
CA TYR B 71 -4.55 -34.09 -21.72
C TYR B 71 -5.85 -34.34 -20.96
N ALA B 72 -6.80 -33.41 -21.06
CA ALA B 72 -8.10 -33.64 -20.45
C ALA B 72 -8.86 -34.72 -21.19
N LEU B 73 -8.82 -34.68 -22.53
CA LEU B 73 -9.42 -35.73 -23.35
C LEU B 73 -9.00 -37.11 -22.86
N LYS B 74 -7.70 -37.33 -22.74
CA LYS B 74 -7.18 -38.66 -22.38
C LYS B 74 -7.65 -39.07 -20.99
N LYS B 75 -7.60 -38.16 -20.02
CA LYS B 75 -8.02 -38.52 -18.67
C LYS B 75 -9.53 -38.66 -18.57
N ASN B 76 -10.28 -38.25 -19.59
CA ASN B 76 -11.70 -38.57 -19.72
C ASN B 76 -11.95 -39.81 -20.57
N ASN B 77 -10.89 -40.46 -21.05
CA ASN B 77 -10.95 -41.62 -21.95
C ASN B 77 -11.59 -41.31 -23.29
N LYS B 78 -11.83 -40.03 -23.60
CA LYS B 78 -12.41 -39.62 -24.87
C LYS B 78 -11.36 -39.19 -25.87
N ALA B 79 -10.11 -39.57 -25.66
CA ALA B 79 -9.04 -39.26 -26.58
C ALA B 79 -8.95 -40.33 -27.67
N PRO B 80 -8.31 -40.03 -28.79
CA PRO B 80 -8.07 -41.07 -29.79
C PRO B 80 -7.18 -42.17 -29.25
N LYS B 81 -7.28 -43.35 -29.86
CA LYS B 81 -6.39 -44.45 -29.52
C LYS B 81 -4.98 -44.20 -30.05
N ALA B 82 -4.84 -43.42 -31.10
CA ALA B 82 -3.55 -43.04 -31.65
C ALA B 82 -3.78 -41.85 -32.58
N ILE B 83 -2.68 -41.24 -33.02
CA ILE B 83 -2.76 -40.00 -33.78
C ILE B 83 -1.78 -40.09 -34.95
N ILE B 84 -2.31 -40.12 -36.17
CA ILE B 84 -1.47 -40.10 -37.37
C ILE B 84 -1.54 -38.73 -38.03
N VAL B 85 -0.69 -37.81 -37.61
CA VAL B 85 -0.62 -36.49 -38.22
C VAL B 85 0.29 -36.56 -39.43
N GLY B 86 0.06 -35.67 -40.40
CA GLY B 86 1.02 -35.54 -41.48
C GLY B 86 2.30 -34.86 -41.02
N GLU B 87 2.16 -33.76 -40.29
CA GLU B 87 3.29 -32.93 -39.88
C GLU B 87 3.14 -32.58 -38.40
N ALA B 88 4.16 -32.89 -37.62
CA ALA B 88 4.10 -32.69 -36.17
C ALA B 88 4.45 -31.25 -35.84
N GLU B 89 3.46 -30.47 -35.40
CA GLU B 89 3.68 -29.17 -34.80
C GLU B 89 3.70 -29.33 -33.28
N THR B 90 3.76 -28.22 -32.55
CA THR B 90 4.00 -28.28 -31.11
C THR B 90 2.72 -28.35 -30.29
N ILE B 91 1.55 -28.24 -30.91
CA ILE B 91 0.30 -28.29 -30.17
C ILE B 91 -0.10 -29.73 -29.92
N VAL B 92 -0.09 -30.55 -30.98
CA VAL B 92 -0.63 -31.89 -30.90
C VAL B 92 0.41 -32.87 -30.37
N ALA B 93 1.70 -32.66 -30.70
CA ALA B 93 2.75 -33.51 -30.16
C ALA B 93 2.88 -33.35 -28.66
N THR B 94 2.78 -32.10 -28.17
CA THR B 94 2.84 -31.86 -26.73
C THR B 94 1.69 -32.54 -26.01
N GLY B 95 0.47 -32.38 -26.54
CA GLY B 95 -0.67 -33.04 -25.96
C GLY B 95 -0.55 -34.56 -25.98
N ALA B 96 0.05 -35.11 -27.03
CA ALA B 96 0.26 -36.55 -27.08
C ALA B 96 1.23 -37.00 -25.99
N ILE B 97 2.24 -36.20 -25.72
CA ILE B 97 3.27 -36.60 -24.76
C ILE B 97 2.69 -36.60 -23.35
N ILE B 98 2.10 -35.48 -22.93
CA ILE B 98 1.54 -35.41 -21.59
C ILE B 98 0.35 -36.33 -21.42
N SER B 99 -0.27 -36.78 -22.51
CA SER B 99 -1.39 -37.71 -22.45
C SER B 99 -0.99 -39.16 -22.67
N ASP B 100 0.24 -39.41 -23.13
CA ASP B 100 0.68 -40.76 -23.50
C ASP B 100 -0.19 -41.33 -24.62
N ILE B 101 -0.48 -40.49 -25.61
CA ILE B 101 -1.25 -40.89 -26.78
C ILE B 101 -0.28 -41.24 -27.89
N PRO B 102 -0.32 -42.46 -28.45
CA PRO B 102 0.66 -42.86 -29.46
C PRO B 102 0.52 -42.01 -30.73
N MET B 103 1.59 -41.32 -31.10
CA MET B 103 1.57 -40.40 -32.22
C MET B 103 2.68 -40.73 -33.21
N VAL B 104 2.37 -40.53 -34.50
CA VAL B 104 3.29 -40.73 -35.60
C VAL B 104 3.03 -39.64 -36.63
N ASP B 105 4.08 -39.01 -37.15
CA ASP B 105 3.91 -38.04 -38.22
C ASP B 105 4.67 -38.50 -39.46
N GLY B 106 4.66 -37.65 -40.50
CA GLY B 106 5.35 -37.94 -41.74
C GLY B 106 4.63 -38.91 -42.66
N VAL B 107 3.48 -39.44 -42.25
CA VAL B 107 2.71 -40.37 -43.07
C VAL B 107 2.01 -39.61 -44.19
N ASP B 108 1.99 -40.20 -45.37
CA ASP B 108 1.23 -39.64 -46.49
C ASP B 108 -0.26 -39.86 -46.24
N VAL B 109 -0.93 -38.87 -45.66
CA VAL B 109 -2.32 -39.03 -45.24
C VAL B 109 -3.30 -39.23 -46.39
N SER B 110 -2.87 -38.99 -47.63
CA SER B 110 -3.75 -39.23 -48.76
C SER B 110 -4.00 -40.72 -49.01
N LYS B 111 -3.08 -41.58 -48.56
CA LYS B 111 -3.29 -43.03 -48.65
C LYS B 111 -4.16 -43.55 -47.51
N LEU B 112 -4.67 -42.68 -46.64
CA LEU B 112 -5.62 -43.06 -45.60
C LEU B 112 -6.93 -42.32 -45.83
N LYS B 113 -8.04 -43.05 -45.75
CA LYS B 113 -9.37 -42.49 -45.84
C LYS B 113 -10.19 -42.96 -44.65
N THR B 114 -11.26 -42.24 -44.37
CA THR B 114 -12.02 -42.50 -43.15
C THR B 114 -12.74 -43.84 -43.23
N GLY B 115 -12.62 -44.64 -42.16
CA GLY B 115 -13.21 -45.95 -42.08
C GLY B 115 -12.24 -47.11 -42.19
N MET B 116 -11.05 -46.87 -42.73
CA MET B 116 -10.07 -47.95 -42.95
C MET B 116 -9.50 -48.43 -41.62
N LYS B 117 -9.68 -49.71 -41.32
CA LYS B 117 -9.02 -50.29 -40.15
C LYS B 117 -7.50 -50.25 -40.34
N VAL B 118 -6.79 -50.15 -39.22
CA VAL B 118 -5.35 -49.89 -39.26
C VAL B 118 -4.77 -50.19 -37.89
N ARG B 119 -3.53 -50.65 -37.88
CA ARG B 119 -2.71 -50.70 -36.67
C ARG B 119 -1.53 -49.74 -36.84
N VAL B 120 -1.13 -49.11 -35.74
CA VAL B 120 0.01 -48.19 -35.74
C VAL B 120 1.03 -48.68 -34.74
N ASP B 121 2.18 -49.13 -35.25
CA ASP B 121 3.36 -49.32 -34.43
C ASP B 121 4.05 -47.96 -34.34
N ALA B 122 3.77 -47.23 -33.27
CA ALA B 122 4.39 -45.92 -33.08
C ALA B 122 5.83 -46.03 -32.60
N ASP B 123 6.19 -47.16 -31.96
CA ASP B 123 7.59 -47.38 -31.59
C ASP B 123 8.49 -47.34 -32.80
N SER B 124 7.98 -47.73 -33.97
CA SER B 124 8.78 -47.80 -35.19
C SER B 124 8.29 -46.86 -36.29
N GLY B 125 7.22 -46.11 -36.07
CA GLY B 125 6.69 -45.23 -37.10
C GLY B 125 6.08 -45.95 -38.27
N GLU B 126 5.36 -47.05 -38.03
CA GLU B 126 4.82 -47.90 -39.08
C GLU B 126 3.30 -47.91 -39.00
N VAL B 127 2.66 -48.07 -40.16
CA VAL B 127 1.20 -48.04 -40.27
C VAL B 127 0.72 -49.14 -41.21
N GLU B 128 0.43 -50.32 -40.66
CA GLU B 128 -0.20 -51.41 -41.40
C GLU B 128 -1.69 -51.14 -41.54
N ILE B 129 -2.27 -51.57 -42.67
CA ILE B 129 -3.68 -51.35 -42.96
C ILE B 129 -4.38 -52.70 -42.93
N LEU B 130 -5.02 -53.01 -41.81
CA LEU B 130 -5.67 -54.31 -41.63
C LEU B 130 -6.94 -54.38 -42.47
N GLU B 131 -7.12 -55.50 -43.18
CA GLU B 131 -8.18 -55.64 -44.17
C GLU B 131 -8.94 -56.95 -43.99
N MET C 1 29.81 26.24 -31.22
CA MET C 1 28.70 25.30 -31.30
C MET C 1 27.52 25.93 -32.04
N TYR C 2 27.12 25.30 -33.14
CA TYR C 2 26.00 25.81 -33.92
C TYR C 2 24.72 25.81 -33.10
N LEU C 3 23.90 26.83 -33.34
CA LEU C 3 22.60 26.96 -32.68
C LEU C 3 21.54 27.20 -33.73
N THR C 4 20.47 26.42 -33.70
CA THR C 4 19.34 26.69 -34.58
C THR C 4 18.73 28.04 -34.21
N LYS C 5 18.04 28.64 -35.18
CA LYS C 5 17.48 29.97 -34.96
C LYS C 5 16.54 30.00 -33.75
N GLU C 6 15.94 28.85 -33.41
CA GLU C 6 15.15 28.76 -32.19
C GLU C 6 16.05 28.75 -30.95
N GLU C 7 17.20 28.08 -31.04
CA GLU C 7 18.06 27.95 -29.88
C GLU C 7 18.68 29.29 -29.49
N GLU C 8 19.05 30.11 -30.49
CA GLU C 8 19.59 31.44 -30.18
C GLU C 8 18.55 32.37 -29.59
N LEU C 9 17.26 32.10 -29.84
CA LEU C 9 16.22 32.90 -29.19
C LEU C 9 16.05 32.49 -27.72
N ILE C 10 16.20 31.20 -27.43
CA ILE C 10 16.24 30.75 -26.04
C ILE C 10 17.41 31.41 -25.32
N LEU C 11 18.56 31.48 -25.98
CA LEU C 11 19.69 32.22 -25.45
C LEU C 11 19.41 33.71 -25.43
N ALA C 12 18.73 34.23 -26.47
CA ALA C 12 18.38 35.65 -26.48
C ALA C 12 17.44 35.99 -25.32
N GLY C 13 16.73 35.00 -24.79
CA GLY C 13 15.86 35.20 -23.65
C GLY C 13 14.37 35.24 -23.96
N GLU C 14 13.95 34.73 -25.12
CA GLU C 14 12.55 34.83 -25.51
C GLU C 14 11.64 34.02 -24.60
N TYR C 15 12.15 32.96 -23.98
CA TYR C 15 11.32 31.98 -23.30
C TYR C 15 11.48 32.03 -21.79
N GLY C 16 12.17 33.04 -21.26
CA GLY C 16 12.28 33.21 -19.83
C GLY C 16 13.69 33.13 -19.31
N TYR C 17 13.90 33.63 -18.09
CA TYR C 17 15.20 33.53 -17.44
C TYR C 17 15.64 32.07 -17.31
N ALA C 18 14.67 31.17 -17.08
CA ALA C 18 14.98 29.77 -16.84
C ALA C 18 15.68 29.15 -18.03
N LEU C 19 14.99 29.05 -19.17
CA LEU C 19 15.56 28.42 -20.35
C LEU C 19 16.80 29.15 -20.82
N GLN C 20 16.82 30.48 -20.68
CA GLN C 20 18.00 31.25 -21.05
C GLN C 20 19.22 30.80 -20.27
N LYS C 21 19.15 30.89 -18.93
CA LYS C 21 20.31 30.52 -18.13
C LYS C 21 20.66 29.05 -18.29
N ALA C 22 19.66 28.18 -18.46
CA ALA C 22 19.95 26.79 -18.78
C ALA C 22 20.67 26.68 -20.11
N MET C 23 20.18 27.40 -21.13
CA MET C 23 20.87 27.42 -22.42
C MET C 23 22.25 28.04 -22.31
N GLU C 24 22.39 29.08 -21.48
CA GLU C 24 23.70 29.69 -21.27
C GLU C 24 24.69 28.67 -20.73
N ILE C 25 24.24 27.83 -19.78
CA ILE C 25 25.10 26.75 -19.28
C ILE C 25 25.53 25.84 -20.42
N LEU C 26 24.55 25.33 -21.19
CA LEU C 26 24.83 24.36 -22.24
C LEU C 26 25.83 24.89 -23.25
N VAL C 27 25.60 26.11 -23.75
CA VAL C 27 26.53 26.70 -24.72
C VAL C 27 27.90 26.97 -24.13
N ALA C 28 28.05 26.87 -22.81
CA ALA C 28 29.38 26.95 -22.22
C ALA C 28 30.05 25.58 -22.08
N LEU C 29 29.29 24.51 -21.88
CA LEU C 29 29.89 23.19 -21.91
C LEU C 29 30.18 22.75 -23.35
N GLY C 30 29.32 23.12 -24.29
CA GLY C 30 29.62 22.84 -25.69
C GLY C 30 30.91 23.52 -26.13
N ASP C 31 31.08 24.78 -25.73
CA ASP C 31 32.30 25.52 -26.04
C ASP C 31 33.50 25.03 -25.23
N ILE C 32 33.33 24.01 -24.40
CA ILE C 32 34.45 23.41 -23.67
C ILE C 32 34.87 22.09 -24.29
N TYR C 33 33.91 21.26 -24.70
CA TYR C 33 34.20 19.99 -25.34
C TYR C 33 34.10 20.04 -26.85
N GLY C 34 33.75 21.20 -27.43
CA GLY C 34 33.69 21.31 -28.87
C GLY C 34 32.55 20.55 -29.52
N ALA C 35 31.38 20.55 -28.90
CA ALA C 35 30.21 19.97 -29.54
C ALA C 35 29.90 20.73 -30.83
N ASP C 36 29.54 19.98 -31.88
CA ASP C 36 29.17 20.63 -33.13
C ASP C 36 27.83 21.35 -33.00
N ARG C 37 26.80 20.64 -32.59
CA ARG C 37 25.47 21.23 -32.38
C ARG C 37 24.92 20.72 -31.05
N LEU C 38 23.69 21.15 -30.75
CA LEU C 38 22.92 20.55 -29.67
C LEU C 38 22.02 19.46 -30.23
N ILE C 39 22.05 18.29 -29.61
CA ILE C 39 21.19 17.19 -30.03
C ILE C 39 20.12 16.97 -28.98
N PRO C 40 18.89 16.61 -29.36
CA PRO C 40 17.84 16.41 -28.37
C PRO C 40 18.10 15.16 -27.55
N ILE C 41 17.49 15.13 -26.36
CA ILE C 41 17.57 13.98 -25.47
C ILE C 41 16.18 13.42 -25.22
N LYS C 42 16.13 12.12 -24.96
CA LYS C 42 14.86 11.44 -24.76
C LYS C 42 14.47 11.37 -23.29
N SER C 43 15.42 11.52 -22.38
CA SER C 43 15.14 11.54 -20.95
C SER C 43 16.34 12.17 -20.26
N ALA C 44 16.19 12.39 -18.95
CA ALA C 44 17.26 12.96 -18.17
C ALA C 44 17.26 12.33 -16.78
N GLN C 45 18.32 12.63 -16.03
CA GLN C 45 18.51 12.11 -14.68
C GLN C 45 19.32 13.17 -13.94
N VAL C 46 18.72 13.85 -12.99
CA VAL C 46 19.34 15.01 -12.37
C VAL C 46 20.07 14.56 -11.11
N ALA C 47 21.36 14.86 -11.05
CA ALA C 47 22.16 14.64 -9.85
C ALA C 47 22.07 15.85 -8.94
N GLY C 48 22.49 15.66 -7.69
CA GLY C 48 22.38 16.72 -6.71
C GLY C 48 21.00 16.73 -6.07
N VAL C 49 20.72 15.70 -5.28
CA VAL C 49 19.39 15.48 -4.71
C VAL C 49 19.49 15.35 -3.20
N SER C 50 20.58 14.74 -2.72
CA SER C 50 20.76 14.61 -1.29
C SER C 50 21.05 15.96 -0.65
N TYR C 51 20.43 16.20 0.50
CA TYR C 51 20.75 17.40 1.27
C TYR C 51 22.16 17.31 1.83
N LYS C 52 22.66 16.09 2.03
CA LYS C 52 24.05 15.93 2.45
C LYS C 52 25.02 16.56 1.47
N ASN C 53 24.75 16.39 0.17
CA ASN C 53 25.70 16.80 -0.88
C ASN C 53 25.43 18.17 -1.45
N ILE C 54 24.17 18.59 -1.57
CA ILE C 54 23.90 19.92 -2.11
C ILE C 54 23.74 20.98 -1.03
N GLY C 55 23.46 20.59 0.20
CA GLY C 55 23.37 21.49 1.34
C GLY C 55 22.38 22.64 1.13
N ASP C 56 22.64 23.73 1.86
CA ASP C 56 21.78 24.90 1.80
C ASP C 56 21.98 25.68 0.50
N ALA C 57 23.22 25.76 0.02
CA ALA C 57 23.47 26.36 -1.30
C ALA C 57 22.70 25.63 -2.40
N GLY C 58 22.37 24.36 -2.17
CA GLY C 58 21.54 23.63 -3.11
C GLY C 58 20.13 24.17 -3.15
N ILE C 59 19.45 24.14 -1.99
CA ILE C 59 18.07 24.61 -1.93
C ILE C 59 18.00 26.10 -2.23
N GLU C 60 19.11 26.81 -2.08
CA GLU C 60 19.27 28.17 -2.56
C GLU C 60 18.92 28.28 -4.03
N PHE C 61 19.74 27.66 -4.90
CA PHE C 61 19.52 27.69 -6.34
C PHE C 61 18.13 27.18 -6.73
N LEU C 62 17.79 25.98 -6.26
CA LEU C 62 16.54 25.35 -6.68
C LEU C 62 15.33 26.17 -6.25
N ARG C 63 15.44 26.90 -5.14
CA ARG C 63 14.37 27.80 -4.74
C ARG C 63 14.17 28.89 -5.78
N ASP C 64 15.26 29.52 -6.20
CA ASP C 64 15.17 30.69 -7.07
C ASP C 64 14.82 30.30 -8.50
N PHE C 65 15.18 29.08 -8.92
CA PHE C 65 14.77 28.60 -10.24
C PHE C 65 13.30 28.21 -10.26
N VAL C 66 12.84 27.49 -9.24
CA VAL C 66 11.41 27.23 -9.10
C VAL C 66 10.64 28.53 -9.14
N GLU C 67 11.23 29.59 -8.58
CA GLU C 67 10.60 30.91 -8.58
C GLU C 67 10.48 31.48 -9.99
N ALA C 68 11.59 31.51 -10.73
CA ALA C 68 11.61 32.11 -12.06
C ALA C 68 10.97 31.24 -13.14
N GLY C 69 10.39 30.10 -12.76
CA GLY C 69 9.54 29.34 -13.66
C GLY C 69 10.21 28.24 -14.45
N ALA C 70 11.29 27.66 -13.93
CA ALA C 70 12.00 26.61 -14.65
C ALA C 70 11.18 25.32 -14.65
N LYS C 71 10.92 24.79 -15.83
CA LYS C 71 10.33 23.47 -15.98
C LYS C 71 11.19 22.66 -16.94
N VAL C 72 11.13 21.34 -16.79
CA VAL C 72 11.87 20.44 -17.65
C VAL C 72 10.99 20.09 -18.86
N SER C 73 11.57 20.17 -20.05
CA SER C 73 10.83 19.91 -21.28
C SER C 73 10.88 18.45 -21.70
N VAL C 74 11.66 17.61 -21.04
CA VAL C 74 11.74 16.20 -21.35
C VAL C 74 11.62 15.38 -20.06
N TYR C 75 10.98 14.22 -20.18
CA TYR C 75 10.81 13.30 -19.06
C TYR C 75 12.12 13.11 -18.32
N THR C 76 12.10 13.30 -17.00
CA THR C 76 13.33 13.28 -16.22
C THR C 76 13.05 12.79 -14.80
N THR C 77 14.03 12.07 -14.24
CA THR C 77 13.95 11.51 -12.90
C THR C 77 15.13 12.00 -12.06
N LEU C 78 15.22 11.52 -10.83
CA LEU C 78 16.14 12.07 -9.85
C LEU C 78 17.14 11.04 -9.35
N ASN C 79 18.31 11.55 -8.96
CA ASN C 79 19.25 10.83 -8.11
C ASN C 79 18.55 10.44 -6.79
N PRO C 80 19.12 9.50 -6.04
CA PRO C 80 18.51 9.11 -4.77
C PRO C 80 18.60 10.23 -3.74
N ALA C 81 17.77 10.11 -2.71
CA ALA C 81 17.75 11.04 -1.59
C ALA C 81 18.63 10.52 -0.46
N GLY C 82 18.66 11.26 0.65
CA GLY C 82 19.41 10.88 1.82
C GLY C 82 18.53 10.33 2.93
N ILE C 83 19.17 9.96 4.02
CA ILE C 83 18.51 9.44 5.20
C ILE C 83 19.15 10.06 6.43
N GLY C 84 18.34 10.66 7.29
CA GLY C 84 18.87 11.25 8.49
C GLY C 84 17.77 11.60 9.48
N ASP C 85 18.15 12.33 10.52
CA ASP C 85 17.16 12.78 11.50
C ASP C 85 16.16 13.74 10.84
N ASP C 86 15.13 14.09 11.59
CA ASP C 86 13.97 14.75 11.00
C ASP C 86 14.26 16.15 10.50
N GLU C 87 15.28 16.84 11.02
CA GLU C 87 15.75 18.06 10.38
C GLU C 87 16.17 17.78 8.95
N PHE C 88 17.11 16.85 8.77
CA PHE C 88 17.65 16.50 7.47
C PHE C 88 16.54 16.09 6.50
N MET C 89 15.53 15.37 6.99
CA MET C 89 14.47 14.90 6.11
C MET C 89 13.60 16.05 5.63
N GLU C 90 13.27 17.00 6.51
CA GLU C 90 12.50 18.15 6.08
C GLU C 90 13.20 18.89 4.95
N LYS C 91 14.50 19.16 5.12
CA LYS C 91 15.27 19.77 4.04
C LYS C 91 15.33 18.84 2.83
N GLN C 92 15.43 17.53 3.07
CA GLN C 92 15.45 16.58 1.97
C GLN C 92 14.14 16.59 1.20
N MET C 93 13.00 16.62 1.91
CA MET C 93 11.72 16.70 1.24
C MET C 93 11.56 18.03 0.51
N GLU C 94 12.15 19.09 1.04
CA GLU C 94 12.15 20.37 0.32
C GLU C 94 12.85 20.23 -1.02
N VAL C 95 14.03 19.61 -1.02
CA VAL C 95 14.77 19.40 -2.26
C VAL C 95 13.95 18.61 -3.26
N LEU C 96 13.43 17.45 -2.82
CA LEU C 96 12.57 16.64 -3.68
C LEU C 96 11.39 17.45 -4.19
N GLU C 97 10.76 18.21 -3.29
CA GLU C 97 9.57 18.97 -3.68
C GLU C 97 9.91 20.07 -4.69
N LEU C 98 11.04 20.75 -4.50
CA LEU C 98 11.44 21.76 -5.47
C LEU C 98 11.62 21.16 -6.85
N TYR C 99 12.27 19.99 -6.92
CA TYR C 99 12.42 19.32 -8.21
C TYR C 99 11.06 18.92 -8.77
N ARG C 100 10.14 18.49 -7.89
CA ARG C 100 8.81 18.10 -8.35
C ARG C 100 8.10 19.26 -9.02
N LYS C 101 8.24 20.47 -8.46
CA LYS C 101 7.60 21.64 -9.05
C LYS C 101 8.18 21.98 -10.42
N MET C 102 9.40 21.52 -10.72
CA MET C 102 9.96 21.67 -12.05
C MET C 102 9.45 20.60 -13.02
N GLY C 103 8.47 19.81 -12.62
CA GLY C 103 7.93 18.79 -13.51
C GLY C 103 8.74 17.52 -13.58
N ILE C 104 9.49 17.21 -12.52
CA ILE C 104 10.37 16.05 -12.50
C ILE C 104 9.64 14.87 -11.85
N GLU C 105 9.78 13.69 -12.46
CA GLU C 105 9.40 12.46 -11.78
C GLU C 105 10.26 12.29 -10.54
N VAL C 106 9.69 12.45 -9.36
CA VAL C 106 10.46 12.27 -8.14
C VAL C 106 10.59 10.77 -7.84
N THR C 107 11.34 10.06 -8.68
CA THR C 107 11.56 8.64 -8.47
C THR C 107 12.78 8.37 -7.60
N SER C 108 13.83 9.18 -7.73
CA SER C 108 14.95 9.19 -6.78
C SER C 108 15.64 7.82 -6.67
N THR C 109 15.89 7.21 -7.81
CA THR C 109 16.62 5.95 -7.83
C THR C 109 17.72 5.99 -8.87
N CYS C 110 18.80 5.28 -8.58
CA CYS C 110 19.90 5.07 -9.50
C CYS C 110 19.64 3.92 -10.48
N THR C 111 18.52 3.22 -10.33
CA THR C 111 18.10 2.18 -11.28
C THR C 111 16.74 2.55 -11.84
N PRO C 112 16.66 3.63 -12.63
CA PRO C 112 15.40 3.92 -13.32
C PRO C 112 15.09 2.90 -14.40
N TYR C 113 16.10 2.17 -14.88
CA TYR C 113 15.88 1.15 -15.90
C TYR C 113 15.00 0.01 -15.41
N TYR C 114 14.68 -0.05 -14.12
CA TYR C 114 13.67 -0.96 -13.60
C TYR C 114 12.38 -0.16 -13.40
N GLY C 115 11.41 -0.36 -14.29
CA GLY C 115 10.11 0.26 -14.15
C GLY C 115 10.02 1.71 -14.57
N ALA C 116 10.84 2.57 -13.96
CA ALA C 116 10.74 4.01 -14.14
C ALA C 116 11.01 4.46 -15.56
N ASN C 117 12.25 4.32 -16.02
CA ASN C 117 12.66 4.88 -17.31
C ASN C 117 13.74 4.00 -17.91
N LEU C 118 13.40 3.29 -18.99
CA LEU C 118 14.29 2.32 -19.64
C LEU C 118 14.68 2.81 -21.03
N PRO C 119 15.88 3.37 -21.22
CA PRO C 119 16.25 3.92 -22.52
C PRO C 119 16.40 2.82 -23.55
N LYS C 120 16.03 3.13 -24.79
CA LYS C 120 16.22 2.20 -25.90
C LYS C 120 17.64 2.28 -26.41
N PHE C 121 18.10 1.19 -27.02
CA PHE C 121 19.42 1.17 -27.65
C PHE C 121 19.57 2.34 -28.60
N GLY C 122 20.67 3.06 -28.45
CA GLY C 122 20.99 4.17 -29.31
C GLY C 122 20.31 5.48 -28.97
N ASP C 123 19.43 5.50 -27.98
CA ASP C 123 18.81 6.76 -27.56
C ASP C 123 19.86 7.67 -26.94
N HIS C 124 19.93 8.92 -27.41
CA HIS C 124 20.68 9.93 -26.71
C HIS C 124 19.88 10.43 -25.52
N ILE C 125 20.47 10.38 -24.33
CA ILE C 125 19.85 10.87 -23.12
C ILE C 125 20.87 11.73 -22.36
N ALA C 126 20.43 12.32 -21.24
CA ALA C 126 21.27 13.16 -20.39
C ALA C 126 21.16 12.65 -18.95
N TRP C 127 21.94 11.63 -18.63
CA TRP C 127 21.95 11.04 -17.30
C TRP C 127 23.19 11.48 -16.53
N SER C 128 23.11 11.36 -15.20
CA SER C 128 24.19 11.92 -14.39
C SER C 128 24.80 10.94 -13.41
N GLU C 129 24.00 10.10 -12.76
CA GLU C 129 24.54 9.14 -11.82
C GLU C 129 25.52 8.19 -12.50
N SER C 130 26.68 7.97 -11.88
CA SER C 130 27.76 7.22 -12.55
C SER C 130 27.35 5.78 -12.80
N SER C 131 26.81 5.10 -11.77
CA SER C 131 26.40 3.71 -11.94
C SER C 131 25.30 3.59 -12.99
N ALA C 132 24.36 4.53 -13.00
CA ALA C 132 23.30 4.49 -14.00
C ALA C 132 23.83 4.79 -15.39
N VAL C 133 24.84 5.66 -15.49
CA VAL C 133 25.43 5.96 -16.79
C VAL C 133 26.11 4.71 -17.35
N SER C 134 26.89 4.02 -16.51
CA SER C 134 27.58 2.81 -16.95
C SER C 134 26.58 1.78 -17.48
N PHE C 135 25.40 1.71 -16.87
CA PHE C 135 24.37 0.78 -17.34
C PHE C 135 23.84 1.19 -18.71
N ALA C 136 23.44 2.45 -18.86
CA ALA C 136 22.84 2.91 -20.11
C ALA C 136 23.79 2.73 -21.29
N ASN C 137 25.06 3.11 -21.10
CA ASN C 137 26.02 3.03 -22.20
C ASN C 137 26.41 1.59 -22.49
N SER C 138 26.84 0.86 -21.46
CA SER C 138 27.46 -0.44 -21.70
C SER C 138 26.42 -1.53 -21.93
N ILE C 139 25.40 -1.61 -21.08
CA ILE C 139 24.48 -2.75 -21.09
C ILE C 139 23.23 -2.50 -21.93
N LEU C 140 22.89 -1.24 -22.21
CA LEU C 140 21.72 -0.96 -23.02
C LEU C 140 22.03 -0.33 -24.37
N GLY C 141 23.25 0.17 -24.56
CA GLY C 141 23.61 0.80 -25.81
C GLY C 141 23.15 2.23 -25.96
N ALA C 142 22.33 2.73 -25.04
CA ALA C 142 21.97 4.14 -25.05
C ALA C 142 23.22 5.00 -24.84
N ARG C 143 23.12 6.28 -25.20
CA ARG C 143 24.27 7.16 -25.25
C ARG C 143 24.05 8.36 -24.34
N THR C 144 24.90 8.49 -23.32
CA THR C 144 24.94 9.70 -22.51
C THR C 144 26.33 9.85 -21.90
N ASN C 145 26.71 11.10 -21.65
CA ASN C 145 27.93 11.39 -20.91
C ASN C 145 27.69 11.23 -19.42
N ARG C 146 28.75 11.37 -18.63
CA ARG C 146 28.62 11.42 -17.18
C ARG C 146 28.32 12.87 -16.82
N GLU C 147 27.04 13.24 -16.88
CA GLU C 147 26.64 14.61 -16.61
C GLU C 147 26.83 14.95 -15.14
N GLY C 148 26.83 16.25 -14.86
CA GLY C 148 26.88 16.74 -13.51
C GLY C 148 25.48 17.10 -12.98
N GLY C 149 25.47 17.55 -11.73
CA GLY C 149 24.25 18.07 -11.14
C GLY C 149 23.64 19.17 -11.97
N PRO C 150 24.35 20.31 -12.08
CA PRO C 150 23.75 21.46 -12.78
C PRO C 150 23.59 21.25 -14.28
N SER C 151 24.42 20.40 -14.90
CA SER C 151 24.31 20.20 -16.35
C SER C 151 23.19 19.23 -16.69
N SER C 152 23.00 18.18 -15.89
CA SER C 152 21.86 17.30 -16.09
C SER C 152 20.55 18.08 -15.99
N LEU C 153 20.47 19.02 -15.05
CA LEU C 153 19.28 19.86 -14.93
C LEU C 153 19.17 20.82 -16.09
N ALA C 154 20.28 21.49 -16.44
CA ALA C 154 20.25 22.43 -17.55
C ALA C 154 19.81 21.75 -18.85
N ALA C 155 20.31 20.54 -19.10
CA ALA C 155 19.87 19.77 -20.26
C ALA C 155 18.39 19.39 -20.13
N ALA C 156 17.98 18.97 -18.93
CA ALA C 156 16.58 18.59 -18.72
C ALA C 156 15.64 19.75 -18.97
N ILE C 157 16.10 20.98 -18.78
CA ILE C 157 15.24 22.13 -18.99
C ILE C 157 15.07 22.43 -20.47
N VAL C 158 16.17 22.46 -21.22
CA VAL C 158 16.08 22.79 -22.64
C VAL C 158 15.61 21.59 -23.45
N GLY C 159 16.01 20.39 -23.05
CA GLY C 159 15.71 19.20 -23.83
C GLY C 159 16.80 18.80 -24.80
N LYS C 160 18.01 19.35 -24.65
CA LYS C 160 19.13 19.04 -25.52
C LYS C 160 20.41 18.95 -24.68
N THR C 161 21.46 18.41 -25.29
CA THR C 161 22.80 18.25 -24.71
C THR C 161 23.83 18.66 -25.74
N PRO C 162 24.99 19.13 -25.30
CA PRO C 162 26.13 19.23 -26.23
C PRO C 162 26.46 17.88 -26.83
N ASN C 163 26.68 17.88 -28.15
CA ASN C 163 27.01 16.67 -28.89
C ASN C 163 28.51 16.44 -28.82
N TYR C 164 28.94 15.68 -27.81
CA TYR C 164 30.36 15.36 -27.65
C TYR C 164 30.48 14.03 -26.91
N GLY C 165 31.70 13.51 -26.90
CA GLY C 165 31.99 12.35 -26.07
C GLY C 165 31.14 11.15 -26.46
N LEU C 166 30.46 10.58 -25.48
CA LEU C 166 29.80 9.29 -25.66
C LEU C 166 28.57 9.35 -26.55
N HIS C 167 28.14 10.55 -26.98
CA HIS C 167 27.12 10.61 -28.01
C HIS C 167 27.66 10.25 -29.38
N LEU C 168 28.97 10.38 -29.60
CA LEU C 168 29.58 10.18 -30.90
C LEU C 168 30.08 8.75 -31.06
N ASP C 169 29.91 8.20 -32.26
CA ASP C 169 30.27 6.81 -32.54
C ASP C 169 31.70 6.49 -32.12
N GLU C 170 32.66 7.30 -32.59
CA GLU C 170 34.07 6.96 -32.40
C GLU C 170 34.52 6.99 -30.95
N ASN C 171 33.83 7.74 -30.09
CA ASN C 171 34.19 7.71 -28.68
C ASN C 171 33.58 6.54 -27.93
N ARG C 172 32.78 5.71 -28.61
CA ARG C 172 32.27 4.47 -28.03
C ARG C 172 33.11 3.26 -28.39
N LYS C 173 34.18 3.45 -29.16
CA LYS C 173 35.13 2.38 -29.43
C LYS C 173 36.03 2.17 -28.23
N ALA C 174 36.41 0.91 -28.02
CA ALA C 174 37.22 0.56 -26.85
C ALA C 174 38.61 1.19 -26.95
N THR C 175 39.20 1.47 -25.79
CA THR C 175 40.53 2.05 -25.69
C THR C 175 41.54 1.11 -25.06
N VAL C 176 41.10 -0.05 -24.56
CA VAL C 176 41.98 -1.00 -23.88
C VAL C 176 41.24 -2.32 -23.73
N ILE C 177 41.96 -3.43 -23.76
CA ILE C 177 41.39 -4.76 -23.57
C ILE C 177 41.74 -5.24 -22.17
N VAL C 178 40.78 -5.88 -21.51
CA VAL C 178 40.96 -6.39 -20.16
C VAL C 178 40.85 -7.91 -20.24
N ASP C 179 41.99 -8.59 -20.18
CA ASP C 179 42.04 -10.05 -20.15
C ASP C 179 41.83 -10.49 -18.71
N VAL C 180 40.60 -10.81 -18.36
CA VAL C 180 40.28 -11.21 -16.99
C VAL C 180 40.73 -12.65 -16.79
N LYS C 181 41.99 -12.83 -16.39
CA LYS C 181 42.54 -14.15 -16.13
C LYS C 181 42.16 -14.69 -14.76
N ALA C 182 41.63 -13.84 -13.88
CA ALA C 182 41.24 -14.27 -12.54
C ALA C 182 39.90 -15.00 -12.58
N LYS C 183 39.60 -15.69 -11.48
CA LYS C 183 38.31 -16.35 -11.30
C LYS C 183 37.29 -15.30 -10.86
N VAL C 184 36.29 -15.06 -11.70
CA VAL C 184 35.30 -14.00 -11.46
C VAL C 184 33.91 -14.63 -11.68
N LYS C 185 33.34 -15.19 -10.62
CA LYS C 185 32.07 -15.92 -10.70
C LYS C 185 30.92 -15.24 -9.98
N THR C 186 31.18 -14.61 -8.83
CA THR C 186 30.13 -14.16 -7.93
C THR C 186 29.97 -12.64 -7.96
N PHE C 187 28.88 -12.18 -7.34
CA PHE C 187 28.62 -10.75 -7.22
C PHE C 187 29.82 -10.01 -6.65
N ALA C 188 30.36 -10.51 -5.54
CA ALA C 188 31.52 -9.88 -4.93
C ALA C 188 32.71 -9.88 -5.88
N ASP C 189 32.85 -10.94 -6.68
CA ASP C 189 33.93 -10.98 -7.67
C ASP C 189 33.83 -9.81 -8.63
N TYR C 190 32.64 -9.55 -9.16
CA TYR C 190 32.50 -8.42 -10.08
C TYR C 190 32.62 -7.10 -9.33
N SER C 191 32.19 -7.06 -8.07
CA SER C 191 32.50 -5.93 -7.20
C SER C 191 34.01 -5.71 -7.11
N VAL C 192 34.74 -6.74 -6.68
CA VAL C 192 36.15 -6.57 -6.40
C VAL C 192 36.94 -6.39 -7.70
N LEU C 193 36.43 -6.94 -8.81
CA LEU C 193 37.06 -6.74 -10.10
C LEU C 193 36.90 -5.29 -10.57
N GLY C 194 35.70 -4.74 -10.44
CA GLY C 194 35.48 -3.37 -10.87
C GLY C 194 36.29 -2.37 -10.07
N TYR C 195 36.42 -2.61 -8.76
CA TYR C 195 37.30 -1.78 -7.93
C TYR C 195 38.71 -1.76 -8.51
N HIS C 196 39.22 -2.91 -8.95
CA HIS C 196 40.54 -2.98 -9.56
C HIS C 196 40.61 -2.25 -10.89
N VAL C 197 39.86 -2.73 -11.89
CA VAL C 197 39.91 -2.13 -13.22
C VAL C 197 39.68 -0.63 -13.15
N GLY C 198 38.73 -0.20 -12.33
CA GLY C 198 38.47 1.22 -12.22
C GLY C 198 39.66 1.99 -11.67
N LYS C 199 40.39 1.38 -10.73
CA LYS C 199 41.52 2.06 -10.11
C LYS C 199 42.73 2.10 -11.04
N THR C 200 42.96 1.04 -11.83
CA THR C 200 44.13 1.02 -12.70
C THR C 200 43.90 1.72 -14.02
N LEU C 201 42.65 1.83 -14.47
CA LEU C 201 42.37 2.45 -15.76
C LEU C 201 42.14 3.95 -15.60
N GLY C 202 42.38 4.69 -16.69
CA GLY C 202 42.10 6.12 -16.71
C GLY C 202 40.70 6.42 -17.20
N ASN C 203 40.60 7.31 -18.20
CA ASN C 203 39.32 7.57 -18.87
C ASN C 203 39.18 6.66 -20.08
N ASP C 204 39.24 5.36 -19.80
CA ASP C 204 39.27 4.34 -20.82
C ASP C 204 37.87 3.80 -21.10
N VAL C 205 37.72 3.20 -22.27
CA VAL C 205 36.51 2.47 -22.64
C VAL C 205 36.94 1.00 -22.70
N PRO C 206 37.00 0.30 -21.57
CA PRO C 206 37.62 -1.03 -21.56
C PRO C 206 36.78 -2.07 -22.29
N TYR C 207 37.48 -3.04 -22.86
CA TYR C 207 36.88 -4.16 -23.56
C TYR C 207 37.24 -5.43 -22.80
N PHE C 208 36.23 -6.16 -22.34
CA PHE C 208 36.43 -7.32 -21.49
C PHE C 208 36.38 -8.60 -22.31
N LYS C 209 37.47 -9.36 -22.29
CA LYS C 209 37.51 -10.72 -22.79
C LYS C 209 37.48 -11.70 -21.63
N ASN C 210 36.99 -12.91 -21.90
CA ASN C 210 36.96 -14.00 -20.91
C ASN C 210 36.05 -13.67 -19.74
N LEU C 211 34.93 -13.01 -20.00
CA LEU C 211 34.02 -12.55 -18.96
C LEU C 211 32.59 -12.97 -19.32
N LYS C 212 32.11 -14.03 -18.67
CA LYS C 212 30.78 -14.59 -18.91
C LYS C 212 29.93 -14.43 -17.64
N PRO C 213 29.29 -13.29 -17.44
CA PRO C 213 28.53 -13.07 -16.20
C PRO C 213 27.18 -13.79 -16.24
N GLU C 214 26.87 -14.51 -15.16
CA GLU C 214 25.61 -15.23 -15.09
C GLU C 214 24.43 -14.27 -14.92
N LYS C 215 24.56 -13.30 -14.02
CA LYS C 215 23.50 -12.36 -13.72
C LYS C 215 23.88 -10.97 -14.23
N THR C 216 22.94 -10.31 -14.91
CA THR C 216 23.19 -8.94 -15.34
C THR C 216 23.52 -8.03 -14.17
N GLU C 217 23.02 -8.35 -12.98
CA GLU C 217 23.38 -7.59 -11.79
C GLU C 217 24.88 -7.58 -11.55
N PHE C 218 25.57 -8.63 -12.00
CA PHE C 218 27.03 -8.65 -11.91
C PHE C 218 27.64 -7.53 -12.72
N LEU C 219 27.10 -7.27 -13.92
CA LEU C 219 27.60 -6.17 -14.74
C LEU C 219 27.11 -4.82 -14.24
N LYS C 220 25.93 -4.77 -13.62
CA LYS C 220 25.52 -3.55 -12.93
C LYS C 220 26.54 -3.18 -11.88
N GLU C 221 26.99 -4.17 -11.11
CA GLU C 221 28.00 -3.93 -10.09
C GLU C 221 29.38 -3.68 -10.69
N LEU C 222 29.75 -4.47 -11.70
CA LEU C 222 31.04 -4.30 -12.35
C LEU C 222 31.21 -2.88 -12.88
N GLY C 223 30.12 -2.29 -13.37
CA GLY C 223 30.17 -0.93 -13.87
C GLY C 223 30.13 0.10 -12.75
N ALA C 224 29.34 -0.19 -11.71
CA ALA C 224 29.26 0.74 -10.58
C ALA C 224 30.60 0.90 -9.88
N ALA C 225 31.37 -0.18 -9.79
CA ALA C 225 32.67 -0.13 -9.12
C ALA C 225 33.67 0.67 -9.95
N MET C 226 33.83 0.32 -11.23
CA MET C 226 34.72 1.07 -12.11
C MET C 226 34.39 2.56 -12.11
N GLY C 227 33.12 2.90 -12.00
CA GLY C 227 32.71 4.29 -11.89
C GLY C 227 32.94 4.92 -10.54
N ALA C 228 33.43 4.14 -9.58
CA ALA C 228 33.69 4.63 -8.23
C ALA C 228 35.17 4.75 -7.91
N THR C 229 35.99 3.82 -8.37
CA THR C 229 37.44 3.91 -8.21
C THR C 229 38.12 4.52 -9.43
N GLY C 230 37.35 4.84 -10.46
CA GLY C 230 37.87 5.46 -11.67
C GLY C 230 36.77 6.25 -12.33
N SER C 231 36.84 6.38 -13.65
CA SER C 231 35.88 7.17 -14.40
C SER C 231 35.37 6.41 -15.62
N ILE C 232 35.17 5.11 -15.47
CA ILE C 232 34.74 4.25 -16.58
C ILE C 232 33.26 4.52 -16.83
N ALA C 233 32.96 5.24 -17.90
CA ALA C 233 31.59 5.57 -18.27
C ALA C 233 30.96 4.58 -19.24
N LEU C 234 31.76 3.70 -19.83
CA LEU C 234 31.28 2.78 -20.85
C LEU C 234 32.33 1.69 -21.05
N TYR C 235 31.89 0.44 -20.99
CA TYR C 235 32.76 -0.70 -21.21
C TYR C 235 32.05 -1.67 -22.14
N HIS C 236 32.82 -2.59 -22.70
CA HIS C 236 32.29 -3.64 -23.55
C HIS C 236 32.69 -5.00 -22.98
N VAL C 237 31.75 -5.93 -22.98
CA VAL C 237 32.01 -7.32 -22.62
C VAL C 237 31.78 -8.16 -23.86
N GLU C 238 32.71 -9.07 -24.15
CA GLU C 238 32.68 -9.80 -25.41
C GLU C 238 31.53 -10.80 -25.40
N GLY C 239 30.58 -10.61 -26.31
CA GLY C 239 29.44 -11.50 -26.44
C GLY C 239 28.27 -11.17 -25.55
N GLU C 240 28.38 -10.15 -24.71
CA GLU C 240 27.35 -9.81 -23.75
C GLU C 240 26.90 -8.36 -23.79
N THR C 241 27.64 -7.46 -24.46
CA THR C 241 27.37 -6.03 -24.61
C THR C 241 26.75 -5.75 -25.98
N PRO C 242 25.70 -4.93 -26.09
CA PRO C 242 25.03 -4.76 -27.39
C PRO C 242 25.89 -4.08 -28.44
N GLU C 243 26.93 -3.33 -28.06
CA GLU C 243 27.78 -2.64 -29.02
C GLU C 243 29.13 -3.31 -29.20
N TYR C 244 29.32 -4.51 -28.65
CA TYR C 244 30.65 -5.10 -28.53
C TYR C 244 31.25 -5.52 -29.86
N ARG C 245 30.45 -5.74 -30.89
CA ARG C 245 30.98 -6.28 -32.13
C ARG C 245 31.87 -5.26 -32.85
N GLU C 246 31.44 -4.00 -32.91
CA GLU C 246 32.19 -2.94 -33.56
C GLU C 246 33.05 -2.13 -32.59
N ALA C 247 33.45 -2.74 -31.46
CA ALA C 247 34.08 -1.97 -30.39
C ALA C 247 35.54 -1.67 -30.69
N ILE C 248 36.31 -2.67 -31.10
CA ILE C 248 37.75 -2.56 -31.26
C ILE C 248 38.04 -2.26 -32.72
N THR C 249 38.48 -1.03 -33.02
CA THR C 249 38.74 -0.63 -34.39
C THR C 249 40.19 -0.27 -34.66
N ASP C 250 41.06 -0.30 -33.65
CA ASP C 250 42.48 -0.08 -33.86
C ASP C 250 43.26 -0.84 -32.79
N LYS C 251 44.59 -0.87 -32.94
CA LYS C 251 45.43 -1.69 -32.09
C LYS C 251 45.31 -1.25 -30.64
N LEU C 252 44.85 -2.15 -29.79
CA LEU C 252 44.63 -1.89 -28.38
C LEU C 252 45.62 -2.69 -27.54
N GLU C 253 45.99 -2.13 -26.39
CA GLU C 253 46.79 -2.83 -25.41
C GLU C 253 45.90 -3.69 -24.53
N THR C 254 46.50 -4.73 -23.94
CA THR C 254 45.77 -5.72 -23.15
C THR C 254 46.38 -5.78 -21.76
N ILE C 255 45.69 -5.21 -20.78
CA ILE C 255 46.03 -5.42 -19.37
C ILE C 255 45.28 -6.66 -18.89
N THR C 256 45.92 -7.44 -18.03
CA THR C 256 45.30 -8.64 -17.50
C THR C 256 45.09 -8.48 -15.99
N VAL C 257 44.01 -9.08 -15.50
CA VAL C 257 43.64 -9.03 -14.10
C VAL C 257 43.89 -10.42 -13.53
N GLU C 258 44.97 -10.56 -12.77
CA GLU C 258 45.30 -11.82 -12.13
C GLU C 258 44.52 -11.97 -10.83
N ASP C 259 44.60 -13.16 -10.24
CA ASP C 259 43.93 -13.41 -8.96
C ASP C 259 44.54 -12.55 -7.86
N SER C 260 45.86 -12.40 -7.85
CA SER C 260 46.50 -11.56 -6.85
C SER C 260 45.96 -10.13 -6.91
N ASP C 261 45.59 -9.66 -8.11
CA ASP C 261 44.98 -8.35 -8.23
C ASP C 261 43.66 -8.28 -7.47
N LEU C 262 42.81 -9.30 -7.64
CA LEU C 262 41.52 -9.30 -6.97
C LEU C 262 41.66 -9.61 -5.48
N LYS C 263 42.60 -10.47 -5.10
CA LYS C 263 42.78 -10.80 -3.70
C LYS C 263 43.14 -9.57 -2.88
N ALA C 264 44.06 -8.75 -3.40
CA ALA C 264 44.49 -7.56 -2.66
C ALA C 264 43.31 -6.67 -2.29
N VAL C 265 42.31 -6.59 -3.17
CA VAL C 265 41.14 -5.75 -2.89
C VAL C 265 40.24 -6.41 -1.84
N ARG C 266 40.06 -7.72 -1.92
CA ARG C 266 39.24 -8.40 -0.93
C ARG C 266 39.74 -8.17 0.49
N GLU C 267 41.06 -8.23 0.68
CA GLU C 267 41.63 -8.22 2.01
C GLU C 267 41.78 -6.82 2.59
N SER C 268 41.55 -5.78 1.78
CA SER C 268 41.45 -4.42 2.30
C SER C 268 40.05 -4.09 2.79
N PHE C 269 39.16 -5.08 2.79
CA PHE C 269 37.77 -4.94 3.18
C PHE C 269 37.34 -6.20 3.93
N GLN C 270 38.05 -6.51 5.03
CA GLN C 270 37.89 -7.76 5.77
C GLN C 270 37.70 -7.51 7.26
N ASP C 271 37.11 -6.38 7.62
CA ASP C 271 37.04 -6.02 9.03
C ASP C 271 36.18 -7.01 9.82
N ASP C 272 36.50 -7.15 11.10
CA ASP C 272 35.82 -8.13 11.94
C ASP C 272 34.34 -7.80 12.06
N TRP C 273 33.54 -8.84 12.34
CA TRP C 273 32.11 -8.64 12.52
C TRP C 273 31.85 -7.75 13.73
N SER C 274 32.75 -7.77 14.72
CA SER C 274 32.61 -6.94 15.91
C SER C 274 32.74 -5.45 15.62
N ASP C 275 33.18 -5.07 14.42
CA ASP C 275 33.30 -3.68 14.03
C ASP C 275 32.16 -3.22 13.12
N ILE C 276 31.14 -4.07 12.93
CA ILE C 276 30.06 -3.83 11.98
C ILE C 276 28.75 -3.74 12.75
N ASP C 277 27.94 -2.72 12.43
CA ASP C 277 26.61 -2.58 13.02
C ASP C 277 25.56 -2.26 11.97
N MET C 278 25.76 -2.73 10.73
CA MET C 278 24.82 -2.52 9.64
C MET C 278 25.24 -3.36 8.45
N ILE C 279 24.26 -3.95 7.77
CA ILE C 279 24.47 -4.65 6.50
C ILE C 279 23.74 -3.86 5.42
N LEU C 280 24.44 -3.56 4.34
CA LEU C 280 23.87 -2.84 3.20
C LEU C 280 23.99 -3.71 1.96
N ILE C 281 22.86 -4.04 1.36
CA ILE C 281 22.84 -4.62 0.02
C ILE C 281 22.00 -3.69 -0.86
N GLY C 282 22.29 -3.73 -2.16
CA GLY C 282 21.54 -2.92 -3.11
C GLY C 282 22.23 -1.63 -3.45
N CYS C 283 23.47 -1.73 -3.96
CA CYS C 283 24.29 -0.57 -4.25
C CYS C 283 25.11 -0.89 -5.48
N PRO C 284 24.59 -0.62 -6.69
CA PRO C 284 23.32 0.06 -7.01
C PRO C 284 22.06 -0.68 -6.59
N HIS C 285 20.96 0.07 -6.51
CA HIS C 285 19.67 -0.39 -6.00
C HIS C 285 19.33 -1.77 -6.53
N ALA C 286 18.96 -2.66 -5.61
CA ALA C 286 18.78 -4.06 -5.96
C ALA C 286 17.70 -4.24 -7.01
N SER C 287 17.94 -5.20 -7.91
CA SER C 287 16.91 -5.69 -8.80
C SER C 287 15.95 -6.59 -8.04
N LEU C 288 14.86 -6.97 -8.70
CA LEU C 288 13.93 -7.91 -8.05
C LEU C 288 14.60 -9.21 -7.67
N PRO C 289 15.33 -9.92 -8.55
CA PRO C 289 15.95 -11.18 -8.13
C PRO C 289 17.03 -11.01 -7.08
N GLU C 290 17.58 -9.80 -6.92
CA GLU C 290 18.49 -9.55 -5.81
C GLU C 290 17.74 -9.62 -4.48
N VAL C 291 16.61 -8.91 -4.38
CA VAL C 291 15.76 -9.00 -3.19
C VAL C 291 15.31 -10.44 -2.98
N LYS C 292 14.91 -11.12 -4.04
CA LYS C 292 14.53 -12.53 -3.94
C LYS C 292 15.65 -13.36 -3.31
N GLU C 293 16.88 -13.15 -3.78
CA GLU C 293 18.02 -13.89 -3.24
C GLU C 293 18.15 -13.70 -1.74
N ILE C 294 18.10 -12.45 -1.28
CA ILE C 294 18.30 -12.16 0.14
C ILE C 294 17.21 -12.81 0.97
N ALA C 295 15.96 -12.77 0.49
CA ALA C 295 14.85 -13.37 1.23
C ALA C 295 15.04 -14.88 1.38
N GLU C 296 15.27 -15.57 0.26
CA GLU C 296 15.49 -17.01 0.32
C GLU C 296 16.68 -17.37 1.19
N LEU C 297 17.62 -16.44 1.39
CA LEU C 297 18.78 -16.69 2.25
C LEU C 297 18.43 -16.55 3.72
N LEU C 298 17.64 -15.52 4.07
CA LEU C 298 17.15 -15.38 5.44
C LEU C 298 16.21 -16.54 5.80
N ARG C 299 15.52 -17.10 4.81
CA ARG C 299 14.80 -18.36 4.96
C ARG C 299 15.69 -19.40 5.63
N MET C 300 16.77 -19.81 4.94
CA MET C 300 17.62 -20.89 5.44
C MET C 300 18.26 -20.53 6.78
N ARG C 301 18.55 -19.24 7.00
CA ARG C 301 19.12 -18.85 8.29
C ARG C 301 18.13 -19.10 9.43
N GLY C 302 16.86 -18.75 9.23
CA GLY C 302 15.81 -19.10 10.16
C GLY C 302 15.79 -18.34 11.47
N LYS C 303 16.78 -17.48 11.73
CA LYS C 303 16.81 -16.64 12.91
C LYS C 303 17.05 -15.20 12.48
N PRO C 304 16.64 -14.22 13.29
CA PRO C 304 16.75 -12.83 12.87
C PRO C 304 18.18 -12.31 12.98
N LEU C 305 18.41 -11.19 12.29
CA LEU C 305 19.69 -10.50 12.36
C LEU C 305 19.66 -9.56 13.56
N LYS C 306 20.72 -9.61 14.38
CA LYS C 306 20.76 -8.75 15.55
C LYS C 306 21.45 -7.41 15.26
N ILE C 307 22.08 -7.26 14.10
CA ILE C 307 22.40 -5.95 13.55
C ILE C 307 21.49 -5.76 12.34
N PRO C 308 21.07 -4.54 12.03
CA PRO C 308 20.00 -4.37 11.03
C PRO C 308 20.51 -4.44 9.60
N LEU C 309 19.76 -5.14 8.75
CA LEU C 309 20.04 -5.24 7.33
C LEU C 309 19.21 -4.21 6.58
N PHE C 310 19.83 -3.55 5.61
CA PHE C 310 19.15 -2.60 4.74
C PHE C 310 19.36 -3.01 3.29
N ILE C 311 18.28 -3.09 2.54
CA ILE C 311 18.31 -3.25 1.09
C ILE C 311 17.84 -1.94 0.49
N THR C 312 18.77 -1.19 -0.11
CA THR C 312 18.39 0.02 -0.84
C THR C 312 17.94 -0.37 -2.24
N ALA C 313 16.76 0.10 -2.63
CA ALA C 313 16.13 -0.37 -3.85
C ALA C 313 15.31 0.75 -4.49
N SER C 314 15.12 0.64 -5.80
CA SER C 314 14.11 1.47 -6.45
C SER C 314 12.75 1.12 -5.86
N ARG C 315 11.83 2.10 -5.90
CA ARG C 315 10.49 1.79 -5.42
C ARG C 315 9.79 0.78 -6.33
N ALA C 316 10.16 0.75 -7.62
CA ALA C 316 9.66 -0.28 -8.51
C ALA C 316 9.96 -1.68 -7.97
N VAL C 317 11.24 -1.94 -7.65
CA VAL C 317 11.61 -3.25 -7.13
C VAL C 317 10.97 -3.48 -5.77
N LYS C 318 11.06 -2.48 -4.87
CA LYS C 318 10.46 -2.60 -3.55
C LYS C 318 9.00 -3.01 -3.65
N ALA C 319 8.28 -2.47 -4.63
CA ALA C 319 6.86 -2.77 -4.78
C ALA C 319 6.63 -4.24 -5.12
N LEU C 320 7.42 -4.78 -6.04
CA LEU C 320 7.29 -6.20 -6.36
C LEU C 320 7.64 -7.07 -5.17
N ALA C 321 8.67 -6.68 -4.41
CA ALA C 321 9.03 -7.43 -3.21
C ALA C 321 7.88 -7.41 -2.20
N ASP C 322 7.18 -6.28 -2.10
CA ASP C 322 5.95 -6.23 -1.33
C ASP C 322 4.95 -7.26 -1.84
N ALA C 323 4.50 -7.09 -3.10
CA ALA C 323 3.41 -7.89 -3.65
C ALA C 323 3.77 -9.37 -3.80
N LEU C 324 5.06 -9.70 -3.92
CA LEU C 324 5.44 -11.10 -4.07
C LEU C 324 5.73 -11.76 -2.74
N GLY C 325 5.73 -11.02 -1.64
CA GLY C 325 5.96 -11.59 -0.34
C GLY C 325 7.41 -11.62 0.10
N TYR C 326 8.33 -11.00 -0.65
CA TYR C 326 9.73 -11.03 -0.28
C TYR C 326 10.01 -10.11 0.90
N THR C 327 9.35 -8.94 0.94
CA THR C 327 9.58 -8.00 2.02
C THR C 327 9.15 -8.58 3.36
N GLU C 328 8.00 -9.24 3.41
CA GLU C 328 7.52 -9.80 4.67
C GLU C 328 8.50 -10.82 5.23
N ILE C 329 9.15 -11.59 4.35
CA ILE C 329 10.20 -12.52 4.77
C ILE C 329 11.44 -11.78 5.25
N ILE C 330 11.65 -10.55 4.79
CA ILE C 330 12.83 -9.78 5.16
C ILE C 330 12.61 -9.03 6.47
N GLU C 331 11.50 -8.30 6.59
CA GLU C 331 11.22 -7.56 7.81
C GLU C 331 10.99 -8.47 9.01
N ARG C 332 10.67 -9.75 8.76
CA ARG C 332 10.52 -10.69 9.85
C ARG C 332 11.87 -11.06 10.46
N TYR C 333 12.94 -10.97 9.68
CA TYR C 333 14.29 -11.28 10.15
C TYR C 333 15.14 -10.03 10.32
N ASN C 334 14.53 -8.91 10.70
CA ASN C 334 15.15 -7.63 11.06
C ASN C 334 15.64 -6.86 9.84
N GLY C 335 15.42 -7.35 8.62
CA GLY C 335 15.75 -6.59 7.44
C GLY C 335 14.75 -5.50 7.17
N LYS C 336 15.10 -4.66 6.19
CA LYS C 336 14.26 -3.52 5.81
C LYS C 336 14.68 -3.09 4.41
N ILE C 337 13.69 -2.80 3.57
CA ILE C 337 13.94 -2.36 2.19
C ILE C 337 13.68 -0.87 2.13
N ILE C 338 14.70 -0.10 1.75
CA ILE C 338 14.64 1.36 1.80
C ILE C 338 14.45 1.92 0.41
N PRO C 339 13.23 2.28 0.02
CA PRO C 339 13.00 2.74 -1.35
C PRO C 339 13.62 4.11 -1.61
N ASP C 340 14.30 4.22 -2.75
CA ASP C 340 14.69 5.49 -3.35
C ASP C 340 15.59 6.34 -2.46
N SER C 341 16.25 5.73 -1.48
CA SER C 341 17.26 6.38 -0.68
C SER C 341 18.63 5.80 -1.01
N CYS C 342 19.66 6.42 -0.44
CA CYS C 342 21.03 5.96 -0.65
C CYS C 342 21.85 6.23 0.60
N PHE C 343 22.73 5.28 0.96
CA PHE C 343 23.39 5.34 2.25
C PHE C 343 24.77 6.01 2.20
N VAL C 344 25.49 5.94 1.08
CA VAL C 344 26.80 6.56 0.99
C VAL C 344 26.64 8.07 0.85
N VAL C 345 25.41 8.54 0.95
CA VAL C 345 25.03 9.89 0.54
C VAL C 345 24.11 10.44 1.64
N SER C 346 24.01 9.71 2.75
CA SER C 346 23.27 10.09 3.94
C SER C 346 24.24 10.35 5.10
N PRO C 347 23.90 11.30 6.02
CA PRO C 347 24.80 11.69 7.11
C PRO C 347 24.85 10.68 8.26
N ILE C 348 25.11 9.42 7.92
CA ILE C 348 24.98 8.30 8.85
C ILE C 348 26.13 8.24 9.84
N LYS C 349 27.02 9.24 9.81
CA LYS C 349 28.31 9.11 10.48
C LYS C 349 28.16 8.83 11.98
N GLY C 350 27.18 9.47 12.63
CA GLY C 350 26.98 9.21 14.04
C GLY C 350 26.20 7.95 14.36
N TRP C 351 25.40 7.47 13.41
CA TRP C 351 24.44 6.40 13.69
C TRP C 351 25.11 5.03 13.67
N TYR C 352 25.86 4.73 12.61
CA TYR C 352 26.55 3.46 12.48
C TYR C 352 28.05 3.71 12.37
N ARG C 353 28.81 2.65 12.60
CA ARG C 353 30.26 2.73 12.54
C ARG C 353 30.90 1.67 11.67
N GLY C 354 30.14 0.67 11.22
CA GLY C 354 30.69 -0.39 10.40
C GLY C 354 29.68 -0.95 9.42
N ILE C 355 30.05 -1.07 8.16
CA ILE C 355 29.14 -1.48 7.10
C ILE C 355 29.66 -2.77 6.48
N ALA C 356 28.90 -3.85 6.62
CA ALA C 356 29.11 -5.04 5.82
C ALA C 356 28.25 -4.95 4.56
N THR C 357 28.84 -5.29 3.42
CA THR C 357 28.17 -5.11 2.14
C THR C 357 28.73 -6.09 1.12
N ASN C 358 28.02 -6.22 0.00
CA ASN C 358 28.52 -6.95 -1.15
C ASN C 358 28.92 -6.03 -2.30
N SER C 359 28.69 -4.73 -2.15
CA SER C 359 28.99 -3.77 -3.20
C SER C 359 30.42 -3.26 -3.08
N GLY C 360 31.15 -3.27 -4.19
CA GLY C 360 32.45 -2.64 -4.22
C GLY C 360 32.38 -1.14 -4.13
N LYS C 361 31.33 -0.54 -4.71
CA LYS C 361 31.15 0.91 -4.63
C LYS C 361 30.92 1.35 -3.19
N SER C 362 30.01 0.67 -2.48
CA SER C 362 29.74 1.03 -1.09
C SER C 362 30.99 0.85 -0.24
N ALA C 363 31.66 -0.29 -0.38
CA ALA C 363 32.87 -0.55 0.40
C ALA C 363 33.89 0.57 0.21
N PHE C 364 34.11 0.99 -1.04
CA PHE C 364 35.11 2.02 -1.32
C PHE C 364 34.72 3.35 -0.68
N TYR C 365 33.45 3.73 -0.78
CA TYR C 365 33.05 5.04 -0.27
C TYR C 365 32.93 5.03 1.25
N PHE C 366 32.46 3.92 1.83
CA PHE C 366 32.36 3.83 3.28
C PHE C 366 33.73 3.73 3.92
N ARG C 367 34.65 2.97 3.30
CA ARG C 367 36.01 2.91 3.80
C ARG C 367 36.66 4.30 3.79
N SER C 368 36.43 5.07 2.73
CA SER C 368 37.01 6.41 2.61
C SER C 368 36.22 7.46 3.39
N PHE C 369 35.10 7.08 3.99
CA PHE C 369 34.43 7.95 4.96
C PHE C 369 34.92 7.72 6.39
N GLY C 370 35.66 6.63 6.63
CA GLY C 370 36.16 6.31 7.95
C GLY C 370 35.47 5.14 8.63
N PHE C 371 34.43 4.58 8.03
CA PHE C 371 33.72 3.46 8.61
C PHE C 371 34.52 2.18 8.41
N SER C 372 34.41 1.27 9.37
CA SER C 372 34.89 -0.09 9.17
C SER C 372 33.96 -0.80 8.19
N VAL C 373 34.53 -1.60 7.29
CA VAL C 373 33.73 -2.28 6.28
C VAL C 373 34.21 -3.71 6.11
N ARG C 374 33.28 -4.58 5.72
CA ARG C 374 33.55 -6.01 5.52
C ARG C 374 32.82 -6.44 4.26
N LEU C 375 33.57 -6.73 3.19
CA LEU C 375 33.01 -7.01 1.88
C LEU C 375 33.00 -8.51 1.62
N ASP C 376 31.81 -9.07 1.42
CA ASP C 376 31.63 -10.47 1.07
C ASP C 376 30.36 -10.59 0.23
N ASP C 377 30.04 -11.81 -0.17
CA ASP C 377 28.77 -12.05 -0.88
C ASP C 377 27.62 -12.06 0.12
N VAL C 378 26.40 -11.92 -0.41
CA VAL C 378 25.22 -11.84 0.45
C VAL C 378 25.03 -13.11 1.24
N GLU C 379 25.30 -14.27 0.63
CA GLU C 379 25.08 -15.54 1.31
C GLU C 379 26.01 -15.70 2.51
N ASN C 380 27.25 -15.20 2.39
CA ASN C 380 28.18 -15.25 3.52
C ASN C 380 27.84 -14.19 4.56
N LEU C 381 27.55 -12.96 4.12
CA LEU C 381 27.17 -11.91 5.05
C LEU C 381 25.99 -12.33 5.93
N ILE C 382 25.09 -13.15 5.38
CA ILE C 382 23.87 -13.51 6.11
C ILE C 382 24.07 -14.77 6.97
N LYS C 383 24.88 -15.73 6.50
CA LYS C 383 25.23 -16.88 7.32
C LYS C 383 25.92 -16.43 8.61
N GLU C 384 27.05 -15.74 8.50
CA GLU C 384 27.89 -15.38 9.63
C GLU C 384 27.37 -14.18 10.41
N ALA C 385 26.28 -13.57 9.97
CA ALA C 385 25.76 -12.38 10.62
C ALA C 385 25.43 -12.67 12.08
N PRO C 386 25.56 -11.67 12.97
CA PRO C 386 25.17 -11.78 14.38
C PRO C 386 23.66 -12.03 14.58
N LYS D 3 48.23 44.05 -21.34
CA LYS D 3 46.94 43.44 -21.65
C LYS D 3 47.07 41.96 -21.99
N LEU D 4 46.29 41.13 -21.31
CA LEU D 4 46.25 39.69 -21.52
C LEU D 4 44.92 39.29 -22.14
N LYS D 5 44.96 38.44 -23.16
CA LYS D 5 43.77 38.09 -23.93
C LYS D 5 43.29 36.69 -23.56
N GLY D 6 41.97 36.57 -23.35
CA GLY D 6 41.34 35.30 -23.05
C GLY D 6 39.98 35.17 -23.70
N ARG D 7 39.15 34.26 -23.20
CA ARG D 7 37.88 33.91 -23.80
C ARG D 7 36.72 34.46 -22.97
N LYS D 8 35.63 34.81 -23.66
CA LYS D 8 34.45 35.36 -23.00
C LYS D 8 33.59 34.20 -22.49
N ILE D 9 33.70 33.89 -21.20
CA ILE D 9 32.82 32.88 -20.62
C ILE D 9 31.50 33.51 -20.17
N VAL D 10 31.58 34.57 -19.37
CA VAL D 10 30.42 35.33 -18.94
C VAL D 10 30.77 36.81 -19.02
N GLY D 11 29.90 37.61 -19.61
CA GLY D 11 30.18 39.02 -19.83
C GLY D 11 30.21 39.88 -18.58
N GLY D 12 30.16 41.20 -18.77
CA GLY D 12 30.27 42.15 -17.68
C GLY D 12 31.68 42.71 -17.56
N LYS D 13 31.78 43.78 -16.76
CA LYS D 13 33.07 44.44 -16.52
C LYS D 13 33.26 44.63 -15.02
N ALA D 14 34.50 44.50 -14.57
CA ALA D 14 34.79 44.60 -13.14
C ALA D 14 36.25 44.97 -12.94
N GLU D 15 36.50 45.76 -11.88
CA GLU D 15 37.84 46.08 -11.41
C GLU D 15 37.91 45.79 -9.92
N GLY D 16 39.07 45.29 -9.48
CA GLY D 16 39.23 45.02 -8.07
C GLY D 16 40.64 44.57 -7.75
N GLU D 17 40.80 44.01 -6.56
CA GLU D 17 42.09 43.52 -6.10
C GLU D 17 42.27 42.05 -6.47
N VAL D 18 43.40 41.74 -7.10
CA VAL D 18 43.66 40.37 -7.53
C VAL D 18 44.09 39.55 -6.32
N ILE D 19 43.46 38.39 -6.15
CA ILE D 19 43.93 37.36 -5.23
C ILE D 19 44.11 36.08 -6.04
N VAL D 20 45.23 35.40 -5.85
CA VAL D 20 45.69 34.35 -6.74
C VAL D 20 45.74 33.03 -5.99
N SER D 21 45.34 31.96 -6.68
CA SER D 21 45.60 30.60 -6.25
C SER D 21 46.32 29.86 -7.37
N ARG D 22 47.40 29.17 -7.02
CA ARG D 22 48.12 28.33 -7.98
C ARG D 22 47.73 26.87 -7.84
N LYS D 23 46.70 26.56 -7.05
CA LYS D 23 46.21 25.22 -6.85
C LYS D 23 44.79 25.07 -7.39
N PRO D 24 44.46 23.91 -7.98
CA PRO D 24 43.06 23.67 -8.35
C PRO D 24 42.12 23.86 -7.16
N LEU D 25 41.15 24.76 -7.30
CA LEU D 25 40.30 25.16 -6.20
C LEU D 25 38.93 24.48 -6.32
N SER D 26 38.47 23.85 -5.24
CA SER D 26 37.24 23.07 -5.23
C SER D 26 36.20 23.81 -4.39
N PHE D 27 35.10 24.22 -5.01
CA PHE D 27 34.16 25.10 -4.32
C PHE D 27 33.27 24.35 -3.33
N LEU D 28 32.86 23.12 -3.65
CA LEU D 28 32.09 22.35 -2.68
C LEU D 28 33.04 21.88 -1.59
N GLY D 29 33.07 22.60 -0.47
CA GLY D 29 33.94 22.26 0.64
C GLY D 29 35.00 23.30 0.90
N GLY D 30 35.71 23.71 -0.15
CA GLY D 30 36.84 24.62 -0.02
C GLY D 30 36.50 26.09 0.08
N VAL D 31 35.25 26.48 -0.16
CA VAL D 31 34.82 27.87 -0.03
C VAL D 31 33.53 27.88 0.78
N ASP D 32 33.44 28.83 1.72
CA ASP D 32 32.27 28.95 2.57
C ASP D 32 31.24 29.84 1.89
N PRO D 33 30.00 29.37 1.69
CA PRO D 33 28.98 30.22 1.05
C PRO D 33 28.64 31.47 1.85
N GLU D 34 28.82 31.44 3.17
CA GLU D 34 28.43 32.57 4.00
C GLU D 34 29.50 33.66 4.03
N THR D 35 30.77 33.27 4.10
CA THR D 35 31.86 34.20 4.39
C THR D 35 32.69 34.56 3.17
N GLY D 36 32.76 33.68 2.17
CA GLY D 36 33.70 33.85 1.09
C GLY D 36 35.10 33.40 1.42
N ILE D 37 35.35 32.93 2.63
CA ILE D 37 36.66 32.47 3.05
C ILE D 37 36.93 31.10 2.44
N VAL D 38 38.17 30.90 1.98
CA VAL D 38 38.58 29.58 1.52
C VAL D 38 38.63 28.64 2.72
N THR D 39 38.15 27.43 2.54
CA THR D 39 38.12 26.42 3.58
C THR D 39 39.03 25.22 3.27
N ASP D 40 39.47 25.10 2.02
CA ASP D 40 40.35 24.01 1.58
C ASP D 40 41.50 23.82 2.56
N ALA D 41 41.82 22.56 2.83
CA ALA D 41 42.84 22.24 3.82
C ALA D 41 44.24 22.64 3.34
N GLU D 42 44.48 22.61 2.03
CA GLU D 42 45.82 22.84 1.50
C GLU D 42 45.84 23.84 0.34
N SER D 43 44.83 24.69 0.21
CA SER D 43 44.91 25.77 -0.77
C SER D 43 45.94 26.81 -0.32
N ASP D 44 46.46 27.56 -1.29
CA ASP D 44 47.39 28.64 -0.98
C ASP D 44 46.80 29.60 0.04
N ILE D 45 45.57 30.02 -0.22
CA ILE D 45 44.88 31.00 0.60
C ILE D 45 43.99 30.31 1.64
N ARG D 46 44.62 29.62 2.59
CA ARG D 46 43.88 28.80 3.55
C ARG D 46 42.79 29.60 4.26
N GLY D 47 43.04 30.89 4.52
CA GLY D 47 42.10 31.67 5.28
C GLY D 47 41.60 32.94 4.63
N GLN D 48 42.06 33.23 3.42
CA GLN D 48 41.66 34.46 2.75
C GLN D 48 40.24 34.35 2.22
N SER D 49 39.55 35.49 2.23
CA SER D 49 38.18 35.57 1.73
C SER D 49 38.18 36.09 0.29
N ILE D 50 37.27 35.56 -0.52
CA ILE D 50 37.19 35.95 -1.92
C ILE D 50 36.33 37.20 -2.12
N ALA D 51 35.52 37.58 -1.15
CA ALA D 51 34.45 38.56 -1.33
C ALA D 51 34.96 39.84 -1.97
N GLY D 52 34.34 40.22 -3.09
CA GLY D 52 34.62 41.47 -3.76
C GLY D 52 35.99 41.57 -4.41
N LYS D 53 36.74 40.48 -4.49
CA LYS D 53 38.07 40.51 -5.07
C LYS D 53 38.05 39.97 -6.49
N ILE D 54 39.23 39.88 -7.10
CA ILE D 54 39.42 39.30 -8.43
C ILE D 54 40.13 37.97 -8.24
N LEU D 55 39.39 36.88 -8.40
CA LEU D 55 39.92 35.55 -8.16
C LEU D 55 40.69 35.04 -9.37
N VAL D 56 41.86 34.47 -9.11
CA VAL D 56 42.71 33.87 -10.15
C VAL D 56 43.14 32.50 -9.65
N PHE D 57 42.85 31.46 -10.44
CA PHE D 57 43.25 30.10 -10.08
C PHE D 57 43.24 29.24 -11.35
N PRO D 58 44.07 28.20 -11.40
CA PRO D 58 44.28 27.51 -12.68
C PRO D 58 43.04 26.81 -13.21
N ARG D 59 42.31 26.11 -12.35
CA ARG D 59 41.08 25.45 -12.75
C ARG D 59 40.28 25.16 -11.49
N GLY D 60 38.97 25.09 -11.64
CA GLY D 60 38.15 24.52 -10.59
C GLY D 60 38.24 23.01 -10.58
N LYS D 61 37.79 22.43 -9.49
CA LYS D 61 37.79 20.97 -9.36
C LYS D 61 36.72 20.60 -8.34
N GLY D 62 36.64 19.30 -8.05
CA GLY D 62 35.83 18.82 -6.96
C GLY D 62 34.48 18.30 -7.43
N SER D 63 33.42 18.73 -6.76
CA SER D 63 32.10 18.18 -6.96
C SER D 63 31.29 19.05 -7.91
N THR D 64 30.55 18.39 -8.79
CA THR D 64 29.66 19.08 -9.73
C THR D 64 28.75 20.08 -9.03
N VAL D 65 28.47 19.86 -7.74
CA VAL D 65 27.58 20.71 -6.96
C VAL D 65 28.19 22.07 -6.68
N GLY D 66 29.52 22.19 -6.67
CA GLY D 66 30.22 23.43 -6.44
C GLY D 66 29.68 24.66 -7.15
N SER D 67 29.08 24.45 -8.33
CA SER D 67 28.45 25.57 -9.03
C SER D 67 27.37 26.23 -8.19
N TYR D 68 26.71 25.45 -7.32
CA TYR D 68 25.66 26.02 -6.47
C TYR D 68 26.25 26.87 -5.36
N VAL D 69 27.42 26.49 -4.84
CA VAL D 69 28.08 27.29 -3.82
C VAL D 69 28.36 28.69 -4.35
N ILE D 70 28.93 28.77 -5.56
CA ILE D 70 29.22 30.05 -6.19
C ILE D 70 27.96 30.89 -6.32
N TYR D 71 26.81 30.24 -6.51
CA TYR D 71 25.56 30.98 -6.56
C TYR D 71 25.17 31.49 -5.17
N ALA D 72 25.40 30.69 -4.14
CA ALA D 72 25.12 31.14 -2.78
C ALA D 72 26.01 32.30 -2.39
N LEU D 73 27.28 32.25 -2.79
CA LEU D 73 28.19 33.37 -2.58
C LEU D 73 27.62 34.66 -3.15
N LYS D 74 26.97 34.56 -4.32
CA LYS D 74 26.46 35.76 -4.98
C LYS D 74 25.19 36.28 -4.30
N LYS D 75 24.31 35.37 -3.83
CA LYS D 75 23.18 35.83 -3.04
C LYS D 75 23.66 36.43 -1.73
N ASN D 76 24.48 35.69 -0.98
CA ASN D 76 25.01 36.17 0.29
C ASN D 76 26.00 37.32 0.11
N ASN D 77 26.23 37.78 -1.12
CA ASN D 77 26.98 38.98 -1.45
C ASN D 77 28.46 38.88 -1.15
N LYS D 78 28.96 37.70 -0.79
CA LYS D 78 30.39 37.48 -0.63
C LYS D 78 31.04 36.95 -1.90
N ALA D 79 30.46 37.22 -3.06
CA ALA D 79 30.98 36.68 -4.31
C ALA D 79 32.16 37.51 -4.80
N PRO D 80 33.09 36.88 -5.52
CA PRO D 80 34.15 37.65 -6.18
C PRO D 80 33.57 38.58 -7.23
N LYS D 81 34.32 39.64 -7.53
CA LYS D 81 33.90 40.56 -8.57
C LYS D 81 34.10 39.96 -9.96
N ALA D 82 35.10 39.09 -10.12
CA ALA D 82 35.34 38.42 -11.39
C ALA D 82 36.26 37.24 -11.16
N ILE D 83 36.23 36.30 -12.10
CA ILE D 83 36.97 35.05 -12.02
C ILE D 83 37.86 34.93 -13.24
N ILE D 84 39.15 34.68 -13.01
CA ILE D 84 40.12 34.49 -14.08
C ILE D 84 40.68 33.09 -13.90
N VAL D 85 40.23 32.15 -14.74
CA VAL D 85 40.67 30.77 -14.68
C VAL D 85 41.67 30.53 -15.80
N GLY D 86 42.57 29.58 -15.59
CA GLY D 86 43.42 29.14 -16.68
C GLY D 86 42.63 28.46 -17.78
N GLU D 87 41.84 27.46 -17.41
CA GLU D 87 40.90 26.79 -18.31
C GLU D 87 39.54 26.75 -17.65
N ALA D 88 38.53 27.24 -18.35
CA ALA D 88 37.17 27.22 -17.84
C ALA D 88 36.61 25.80 -17.93
N GLU D 89 36.01 25.34 -16.83
CA GLU D 89 35.47 23.99 -16.71
C GLU D 89 34.02 24.08 -16.21
N THR D 90 33.42 22.91 -15.99
CA THR D 90 31.97 22.87 -15.76
C THR D 90 31.57 23.46 -14.41
N ILE D 91 32.36 23.21 -13.37
CA ILE D 91 31.98 23.66 -12.03
C ILE D 91 31.99 25.18 -11.96
N VAL D 92 33.11 25.79 -12.35
CA VAL D 92 33.27 27.23 -12.15
C VAL D 92 32.43 28.01 -13.16
N ALA D 93 32.42 27.59 -14.42
CA ALA D 93 31.69 28.33 -15.44
C ALA D 93 30.20 28.34 -15.16
N THR D 94 29.62 27.16 -14.88
CA THR D 94 28.20 27.11 -14.54
C THR D 94 27.88 28.03 -13.38
N GLY D 95 28.76 28.07 -12.38
CA GLY D 95 28.55 28.97 -11.26
C GLY D 95 28.48 30.42 -11.68
N ALA D 96 29.42 30.85 -12.53
CA ALA D 96 29.39 32.22 -13.01
C ALA D 96 28.19 32.48 -13.89
N ILE D 97 27.79 31.48 -14.70
CA ILE D 97 26.66 31.66 -15.60
C ILE D 97 25.38 31.90 -14.81
N ILE D 98 25.16 31.12 -13.75
CA ILE D 98 23.93 31.23 -12.97
C ILE D 98 23.99 32.36 -11.96
N SER D 99 25.19 32.85 -11.61
CA SER D 99 25.34 33.94 -10.66
C SER D 99 25.63 35.28 -11.34
N ASP D 100 25.75 35.30 -12.67
CA ASP D 100 26.08 36.49 -13.43
C ASP D 100 27.43 37.08 -13.01
N ILE D 101 28.36 36.23 -12.61
CA ILE D 101 29.73 36.65 -12.31
C ILE D 101 30.54 36.63 -13.59
N PRO D 102 31.29 37.70 -13.89
CA PRO D 102 32.10 37.70 -15.12
C PRO D 102 33.26 36.73 -15.02
N MET D 103 33.45 35.94 -16.08
CA MET D 103 34.51 34.94 -16.12
C MET D 103 35.21 35.00 -17.47
N VAL D 104 36.54 34.88 -17.43
CA VAL D 104 37.37 34.88 -18.64
C VAL D 104 38.53 33.92 -18.39
N ASP D 105 38.65 32.91 -19.24
CA ASP D 105 39.70 31.90 -19.10
C ASP D 105 40.66 31.99 -20.30
N GLY D 106 41.62 31.07 -20.32
CA GLY D 106 42.63 31.09 -21.36
C GLY D 106 43.62 32.22 -21.23
N VAL D 107 43.73 32.81 -20.04
CA VAL D 107 44.63 33.91 -19.77
C VAL D 107 45.85 33.37 -19.04
N ASP D 108 47.02 33.95 -19.34
CA ASP D 108 48.23 33.64 -18.61
C ASP D 108 48.08 34.01 -17.13
N VAL D 109 47.60 33.08 -16.31
CA VAL D 109 47.34 33.36 -14.91
C VAL D 109 48.63 33.54 -14.12
N SER D 110 49.76 33.08 -14.64
CA SER D 110 51.04 33.27 -13.96
C SER D 110 51.45 34.74 -13.95
N LYS D 111 51.03 35.50 -14.96
CA LYS D 111 51.32 36.93 -15.03
C LYS D 111 50.45 37.76 -14.09
N LEU D 112 49.66 37.11 -13.24
CA LEU D 112 48.86 37.79 -12.23
C LEU D 112 49.32 37.32 -10.87
N LYS D 113 49.81 38.25 -10.05
CA LYS D 113 50.21 37.97 -8.68
C LYS D 113 49.29 38.70 -7.72
N THR D 114 49.18 38.16 -6.50
CA THR D 114 48.24 38.68 -5.51
C THR D 114 48.45 40.16 -5.25
N GLY D 115 47.36 40.92 -5.22
CA GLY D 115 47.37 42.31 -4.86
C GLY D 115 47.32 43.28 -6.03
N MET D 116 47.59 42.81 -7.25
CA MET D 116 47.57 43.68 -8.42
C MET D 116 46.19 44.31 -8.60
N LYS D 117 46.17 45.62 -8.85
CA LYS D 117 44.96 46.25 -9.34
C LYS D 117 44.78 45.90 -10.80
N VAL D 118 43.59 45.41 -11.16
CA VAL D 118 43.37 44.78 -12.46
C VAL D 118 41.95 45.07 -12.91
N ARG D 119 41.77 45.24 -14.23
CA ARG D 119 40.47 45.45 -14.84
C ARG D 119 40.22 44.33 -15.85
N VAL D 120 39.03 43.73 -15.76
CA VAL D 120 38.63 42.65 -16.67
C VAL D 120 37.42 43.11 -17.47
N ASP D 121 37.59 43.21 -18.78
CA ASP D 121 36.48 43.45 -19.71
C ASP D 121 36.06 42.07 -20.22
N ALA D 122 35.15 41.44 -19.49
CA ALA D 122 34.79 40.07 -19.80
C ALA D 122 33.97 39.95 -21.08
N ASP D 123 33.31 41.04 -21.51
CA ASP D 123 32.53 40.99 -22.75
C ASP D 123 33.42 40.65 -23.95
N SER D 124 34.60 41.27 -24.02
CA SER D 124 35.57 40.97 -25.06
C SER D 124 36.68 40.05 -24.58
N GLY D 125 36.67 39.65 -23.32
CA GLY D 125 37.66 38.73 -22.78
C GLY D 125 39.07 39.29 -22.79
N GLU D 126 39.30 40.33 -22.01
CA GLU D 126 40.63 40.93 -21.92
C GLU D 126 40.87 41.41 -20.50
N VAL D 127 42.10 41.20 -20.02
CA VAL D 127 42.54 41.62 -18.70
C VAL D 127 43.61 42.68 -18.86
N GLU D 128 43.52 43.75 -18.07
CA GLU D 128 44.48 44.86 -18.12
C GLU D 128 45.01 45.10 -16.71
N ILE D 129 46.33 45.01 -16.56
CA ILE D 129 46.99 45.23 -15.27
C ILE D 129 47.24 46.72 -15.09
N LEU D 130 46.91 47.24 -13.90
CA LEU D 130 47.03 48.66 -13.58
C LEU D 130 48.22 48.85 -12.65
N GLU D 131 49.27 49.47 -13.17
CA GLU D 131 50.55 49.57 -12.48
C GLU D 131 50.85 51.00 -12.02
N MET E 1 -16.74 34.12 33.63
CA MET E 1 -16.08 32.82 33.52
C MET E 1 -14.72 32.85 34.24
N TYR E 2 -14.60 32.08 35.32
CA TYR E 2 -13.38 32.03 36.09
C TYR E 2 -12.22 31.53 35.25
N LEU E 3 -11.03 32.07 35.51
CA LEU E 3 -9.82 31.69 34.80
C LEU E 3 -8.70 31.47 35.80
N THR E 4 -8.03 30.33 35.71
CA THR E 4 -6.84 30.09 36.51
C THR E 4 -5.81 31.18 36.25
N LYS E 5 -4.93 31.39 37.22
CA LYS E 5 -3.86 32.37 37.02
C LYS E 5 -3.06 32.03 35.77
N GLU E 6 -2.91 30.73 35.48
CA GLU E 6 -2.26 30.32 34.23
C GLU E 6 -3.08 30.78 33.02
N GLU E 7 -4.40 30.66 33.09
CA GLU E 7 -5.23 31.06 31.95
C GLU E 7 -5.21 32.57 31.76
N GLU E 8 -5.31 33.33 32.85
CA GLU E 8 -5.28 34.78 32.73
C GLU E 8 -3.93 35.30 32.25
N LEU E 9 -2.89 34.46 32.29
CA LEU E 9 -1.64 34.79 31.60
C LEU E 9 -1.78 34.61 30.09
N ILE E 10 -2.39 33.50 29.67
CA ILE E 10 -2.56 33.21 28.24
C ILE E 10 -3.32 34.33 27.56
N LEU E 11 -4.40 34.81 28.20
CA LEU E 11 -5.15 35.93 27.66
C LEU E 11 -4.32 37.20 27.70
N ALA E 12 -3.56 37.41 28.78
CA ALA E 12 -2.70 38.58 28.90
C ALA E 12 -1.57 38.57 27.88
N GLY E 13 -1.42 37.50 27.10
CA GLY E 13 -0.41 37.41 26.06
C GLY E 13 0.85 36.70 26.47
N GLU E 14 0.92 36.16 27.69
CA GLU E 14 2.14 35.58 28.24
C GLU E 14 2.55 34.29 27.54
N TYR E 15 1.84 33.92 26.47
CA TYR E 15 2.14 32.66 25.80
C TYR E 15 2.04 32.75 24.29
N GLY E 16 1.84 33.94 23.72
CA GLY E 16 1.88 34.10 22.28
C GLY E 16 0.60 34.58 21.63
N TYR E 17 0.73 35.22 20.46
CA TYR E 17 -0.45 35.59 19.68
C TYR E 17 -1.30 34.37 19.36
N ALA E 18 -0.66 33.21 19.21
CA ALA E 18 -1.38 31.97 18.96
C ALA E 18 -2.36 31.68 20.09
N LEU E 19 -1.83 31.53 21.31
CA LEU E 19 -2.66 31.10 22.43
C LEU E 19 -3.52 32.22 22.98
N GLN E 20 -3.08 33.48 22.87
CA GLN E 20 -3.86 34.58 23.42
C GLN E 20 -5.16 34.79 22.64
N LYS E 21 -5.06 34.86 21.31
CA LYS E 21 -6.27 34.98 20.49
C LYS E 21 -7.15 33.76 20.64
N ALA E 22 -6.56 32.58 20.84
CA ALA E 22 -7.36 31.39 21.11
C ALA E 22 -8.13 31.54 22.40
N MET E 23 -7.49 32.08 23.45
CA MET E 23 -8.15 32.29 24.72
C MET E 23 -9.24 33.37 24.63
N GLU E 24 -9.14 34.27 23.66
CA GLU E 24 -10.18 35.30 23.50
C GLU E 24 -11.46 34.71 22.89
N ILE E 25 -11.32 33.83 21.89
CA ILE E 25 -12.48 33.15 21.35
C ILE E 25 -13.15 32.32 22.44
N LEU E 26 -12.37 31.79 23.38
CA LEU E 26 -12.92 30.94 24.41
C LEU E 26 -13.66 31.74 25.48
N VAL E 27 -13.09 32.86 25.91
CA VAL E 27 -13.79 33.69 26.89
C VAL E 27 -15.04 34.30 26.29
N ALA E 28 -14.99 34.66 25.00
CA ALA E 28 -16.16 35.26 24.36
C ALA E 28 -17.32 34.28 24.33
N LEU E 29 -17.04 33.00 24.17
CA LEU E 29 -18.10 32.01 24.10
C LEU E 29 -18.77 31.83 25.46
N GLY E 30 -17.98 31.64 26.50
CA GLY E 30 -18.55 31.48 27.84
C GLY E 30 -19.43 32.63 28.25
N ASP E 31 -19.14 33.83 27.74
CA ASP E 31 -20.01 34.98 28.01
C ASP E 31 -21.37 34.79 27.38
N ILE E 32 -21.41 34.35 26.12
CA ILE E 32 -22.69 34.11 25.45
C ILE E 32 -23.40 32.92 26.06
N TYR E 33 -22.63 31.95 26.57
CA TYR E 33 -23.16 30.65 26.93
C TYR E 33 -23.19 30.40 28.43
N GLY E 34 -22.65 31.31 29.24
CA GLY E 34 -22.74 31.19 30.69
C GLY E 34 -21.98 30.01 31.27
N ALA E 35 -20.67 29.96 31.03
CA ALA E 35 -19.85 28.86 31.52
C ALA E 35 -19.22 29.24 32.85
N ASP E 36 -19.20 28.28 33.78
CA ASP E 36 -18.64 28.56 35.10
C ASP E 36 -17.11 28.55 35.07
N ARG E 37 -16.50 27.57 34.41
CA ARG E 37 -15.05 27.52 34.28
C ARG E 37 -14.70 27.09 32.86
N LEU E 38 -13.41 26.99 32.58
CA LEU E 38 -12.90 26.28 31.41
C LEU E 38 -12.49 24.88 31.84
N ILE E 39 -12.98 23.87 31.12
CA ILE E 39 -12.63 22.49 31.44
C ILE E 39 -11.69 21.96 30.37
N PRO E 40 -10.75 21.08 30.72
CA PRO E 40 -9.87 20.51 29.71
C PRO E 40 -10.61 19.50 28.84
N ILE E 41 -10.15 19.37 27.60
CA ILE E 41 -10.69 18.41 26.66
C ILE E 41 -9.63 17.38 26.34
N LYS E 42 -10.05 16.13 26.17
CA LYS E 42 -9.13 15.03 25.90
C LYS E 42 -8.79 14.88 24.42
N SER E 43 -9.63 15.39 23.53
CA SER E 43 -9.37 15.40 22.11
C SER E 43 -10.17 16.50 21.46
N ALA E 44 -9.93 16.73 20.17
CA ALA E 44 -10.64 17.76 19.44
C ALA E 44 -10.83 17.35 17.99
N GLN E 45 -11.93 17.83 17.41
CA GLN E 45 -12.29 17.60 16.03
C GLN E 45 -12.59 18.96 15.44
N VAL E 46 -11.86 19.37 14.41
CA VAL E 46 -11.91 20.73 13.89
C VAL E 46 -12.66 20.75 12.57
N ALA E 47 -13.64 21.65 12.45
CA ALA E 47 -14.35 21.86 11.20
C ALA E 47 -13.68 22.96 10.38
N GLY E 48 -14.15 23.10 9.14
CA GLY E 48 -13.59 24.08 8.24
C GLY E 48 -12.38 23.56 7.48
N VAL E 49 -12.56 22.42 6.82
CA VAL E 49 -11.45 21.70 6.20
C VAL E 49 -11.50 21.77 4.68
N SER E 50 -12.69 21.76 4.10
CA SER E 50 -12.79 21.81 2.64
C SER E 50 -12.55 23.22 2.14
N TYR E 51 -11.95 23.31 0.96
CA TYR E 51 -11.76 24.60 0.31
C TYR E 51 -13.06 25.13 -0.31
N LYS E 52 -14.06 24.27 -0.49
CA LYS E 52 -15.37 24.77 -0.91
C LYS E 52 -16.13 25.37 0.26
N ASN E 53 -15.98 24.78 1.45
CA ASN E 53 -16.57 25.37 2.65
C ASN E 53 -15.95 26.73 2.98
N ILE E 54 -14.63 26.75 3.21
CA ILE E 54 -14.00 27.92 3.82
C ILE E 54 -13.42 28.86 2.78
N GLY E 55 -12.73 28.35 1.76
CA GLY E 55 -12.24 29.21 0.70
C GLY E 55 -10.99 29.99 1.06
N ASP E 56 -10.82 31.11 0.36
CA ASP E 56 -9.59 31.89 0.49
C ASP E 56 -9.55 32.66 1.81
N ALA E 57 -10.72 32.99 2.37
CA ALA E 57 -10.76 33.60 3.69
C ALA E 57 -10.19 32.64 4.74
N GLY E 58 -10.59 31.37 4.67
CA GLY E 58 -10.01 30.39 5.56
C GLY E 58 -8.52 30.22 5.36
N ILE E 59 -8.06 30.25 4.10
CA ILE E 59 -6.64 30.15 3.85
C ILE E 59 -5.93 31.43 4.30
N GLU E 60 -6.61 32.58 4.23
CA GLU E 60 -6.03 33.82 4.76
C GLU E 60 -5.73 33.69 6.24
N PHE E 61 -6.75 33.33 7.03
CA PHE E 61 -6.55 33.25 8.48
C PHE E 61 -5.63 32.10 8.86
N LEU E 62 -5.77 30.96 8.19
CA LEU E 62 -4.94 29.81 8.54
C LEU E 62 -3.48 30.04 8.16
N ARG E 63 -3.25 30.72 7.04
CA ARG E 63 -1.88 31.02 6.63
C ARG E 63 -1.20 31.93 7.64
N ASP E 64 -1.93 32.91 8.17
CA ASP E 64 -1.39 33.83 9.18
C ASP E 64 -1.23 33.14 10.53
N PHE E 65 -2.32 32.55 11.04
CA PHE E 65 -2.28 31.91 12.36
C PHE E 65 -1.24 30.80 12.40
N VAL E 66 -0.90 30.21 11.25
CA VAL E 66 0.23 29.29 11.20
C VAL E 66 1.54 30.08 11.28
N GLU E 67 1.64 31.18 10.52
CA GLU E 67 2.82 32.03 10.60
C GLU E 67 3.03 32.55 12.02
N ALA E 68 1.95 32.74 12.78
CA ALA E 68 2.03 33.10 14.18
C ALA E 68 2.34 31.91 15.08
N GLY E 69 2.64 30.75 14.50
CA GLY E 69 3.08 29.61 15.27
C GLY E 69 2.02 28.99 16.16
N ALA E 70 0.78 28.95 15.71
CA ALA E 70 -0.27 28.28 16.47
C ALA E 70 -0.06 26.77 16.45
N LYS E 71 -0.02 26.17 17.63
CA LYS E 71 0.09 24.72 17.76
C LYS E 71 -1.01 24.24 18.68
N VAL E 72 -1.63 23.11 18.30
CA VAL E 72 -2.67 22.52 19.13
C VAL E 72 -2.00 21.79 20.30
N SER E 73 -2.62 21.89 21.48
CA SER E 73 -2.07 21.32 22.70
C SER E 73 -2.81 20.06 23.13
N VAL E 74 -3.74 19.57 22.32
CA VAL E 74 -4.42 18.30 22.55
C VAL E 74 -4.43 17.53 21.24
N TYR E 75 -4.73 16.24 21.33
CA TYR E 75 -4.80 15.39 20.15
C TYR E 75 -6.03 15.77 19.34
N THR E 76 -5.84 16.41 18.19
CA THR E 76 -6.95 16.86 17.37
C THR E 76 -6.86 16.24 15.97
N THR E 77 -8.02 15.89 15.43
CA THR E 77 -8.20 15.38 14.07
C THR E 77 -9.03 16.40 13.28
N LEU E 78 -9.49 16.00 12.10
CA LEU E 78 -10.11 16.97 11.18
C LEU E 78 -11.42 16.45 10.60
N ASN E 79 -12.21 17.38 10.07
CA ASN E 79 -13.35 17.08 9.22
C ASN E 79 -12.85 16.73 7.81
N PRO E 80 -13.65 16.03 7.02
CA PRO E 80 -13.18 15.56 5.71
C PRO E 80 -12.89 16.70 4.73
N ALA E 81 -12.20 16.33 3.65
CA ALA E 81 -11.75 17.25 2.62
C ALA E 81 -12.69 17.20 1.41
N GLY E 82 -12.33 17.99 0.38
CA GLY E 82 -13.14 18.09 -0.81
C GLY E 82 -12.64 17.22 -1.95
N ILE E 83 -13.30 17.36 -3.10
CA ILE E 83 -13.01 16.58 -4.30
C ILE E 83 -13.29 17.44 -5.52
N GLY E 84 -12.29 17.64 -6.37
CA GLY E 84 -12.48 18.47 -7.55
C GLY E 84 -11.24 18.46 -8.42
N ASP E 85 -11.27 19.29 -9.46
CA ASP E 85 -10.16 19.36 -10.41
C ASP E 85 -8.89 19.89 -9.74
N ASP E 86 -7.81 20.04 -10.50
CA ASP E 86 -6.51 20.30 -9.90
C ASP E 86 -6.47 21.63 -9.16
N GLU E 87 -7.13 22.65 -9.71
CA GLU E 87 -7.22 23.92 -9.01
C GLU E 87 -7.83 23.73 -7.63
N PHE E 88 -8.90 22.95 -7.54
CA PHE E 88 -9.53 22.70 -6.25
C PHE E 88 -8.64 21.84 -5.36
N MET E 89 -7.87 20.91 -5.94
CA MET E 89 -7.09 20.00 -5.11
C MET E 89 -5.84 20.67 -4.56
N GLU E 90 -5.14 21.46 -5.38
CA GLU E 90 -3.95 22.14 -4.88
C GLU E 90 -4.31 23.06 -3.72
N LYS E 91 -5.46 23.72 -3.80
CA LYS E 91 -5.94 24.52 -2.67
C LYS E 91 -6.35 23.62 -1.51
N GLN E 92 -7.06 22.53 -1.81
CA GLN E 92 -7.51 21.61 -0.77
C GLN E 92 -6.34 20.99 -0.02
N MET E 93 -5.23 20.73 -0.71
CA MET E 93 -4.03 20.28 -0.02
C MET E 93 -3.33 21.41 0.69
N GLU E 94 -3.49 22.65 0.21
CA GLU E 94 -2.93 23.80 0.91
C GLU E 94 -3.59 23.98 2.27
N VAL E 95 -4.88 23.68 2.36
CA VAL E 95 -5.58 23.79 3.64
C VAL E 95 -5.13 22.69 4.60
N LEU E 96 -4.98 21.47 4.10
CA LEU E 96 -4.60 20.35 4.97
C LEU E 96 -3.17 20.50 5.48
N GLU E 97 -2.29 21.12 4.69
CA GLU E 97 -0.92 21.33 5.16
C GLU E 97 -0.89 22.35 6.29
N LEU E 98 -1.70 23.41 6.18
CA LEU E 98 -1.75 24.41 7.24
C LEU E 98 -2.19 23.79 8.57
N TYR E 99 -3.22 22.94 8.53
CA TYR E 99 -3.66 22.26 9.75
C TYR E 99 -2.58 21.30 10.26
N ARG E 100 -1.85 20.66 9.35
CA ARG E 100 -0.76 19.79 9.76
C ARG E 100 0.31 20.57 10.52
N LYS E 101 0.60 21.79 10.07
CA LYS E 101 1.63 22.61 10.71
C LYS E 101 1.27 22.98 12.14
N MET E 102 0.01 22.83 12.53
CA MET E 102 -0.44 23.16 13.87
C MET E 102 -0.47 21.94 14.78
N GLY E 103 0.07 20.81 14.33
CA GLY E 103 0.14 19.61 15.15
C GLY E 103 -1.04 18.66 15.01
N ILE E 104 -1.84 18.80 13.97
CA ILE E 104 -3.11 18.10 13.82
C ILE E 104 -2.91 16.86 12.97
N GLU E 105 -3.42 15.73 13.45
CA GLU E 105 -3.55 14.54 12.61
C GLU E 105 -4.38 14.88 11.37
N VAL E 106 -3.79 14.72 10.20
CA VAL E 106 -4.55 14.94 8.97
C VAL E 106 -5.33 13.67 8.66
N THR E 107 -6.21 13.27 9.59
CA THR E 107 -7.05 12.09 9.35
C THR E 107 -8.23 12.42 8.44
N SER E 108 -8.91 13.55 8.69
CA SER E 108 -9.92 14.08 7.76
C SER E 108 -11.13 13.16 7.61
N THR E 109 -11.64 12.62 8.71
CA THR E 109 -12.81 11.75 8.65
C THR E 109 -13.84 12.15 9.69
N CYS E 110 -15.11 11.94 9.33
CA CYS E 110 -16.24 12.16 10.22
C CYS E 110 -16.57 10.91 11.03
N THR E 111 -15.75 9.87 10.94
CA THR E 111 -15.82 8.71 11.83
C THR E 111 -14.44 8.46 12.43
N PRO E 112 -13.87 9.43 13.16
CA PRO E 112 -12.56 9.19 13.77
C PRO E 112 -12.60 8.13 14.85
N TYR E 113 -13.79 7.77 15.34
CA TYR E 113 -13.92 6.71 16.33
C TYR E 113 -13.66 5.33 15.74
N TYR E 114 -13.57 5.20 14.41
CA TYR E 114 -13.19 3.95 13.77
C TYR E 114 -11.67 3.94 13.57
N GLY E 115 -10.95 3.69 14.65
CA GLY E 115 -9.51 3.47 14.57
C GLY E 115 -8.62 4.58 15.07
N ALA E 116 -8.97 5.85 14.80
CA ALA E 116 -8.12 6.97 15.16
C ALA E 116 -8.37 7.49 16.57
N ASN E 117 -9.47 8.21 16.75
CA ASN E 117 -9.76 8.94 17.98
C ASN E 117 -11.09 8.43 18.55
N LEU E 118 -11.01 7.46 19.47
CA LEU E 118 -12.20 6.85 20.05
C LEU E 118 -12.41 7.39 21.46
N PRO E 119 -13.36 8.30 21.68
CA PRO E 119 -13.58 8.81 23.03
C PRO E 119 -14.12 7.74 23.95
N LYS E 120 -13.82 7.90 25.23
CA LYS E 120 -14.34 7.03 26.28
C LYS E 120 -15.54 7.70 26.93
N PHE E 121 -16.41 6.88 27.52
CA PHE E 121 -17.59 7.34 28.24
C PHE E 121 -17.24 8.44 29.24
N GLY E 122 -17.75 9.65 29.01
CA GLY E 122 -17.59 10.74 29.94
C GLY E 122 -16.52 11.76 29.58
N ASP E 123 -15.66 11.46 28.63
CA ASP E 123 -14.61 12.40 28.26
C ASP E 123 -15.20 13.66 27.65
N HIS E 124 -14.92 14.80 28.27
CA HIS E 124 -15.29 16.09 27.70
C HIS E 124 -14.38 16.39 26.51
N ILE E 125 -14.97 16.55 25.32
CA ILE E 125 -14.22 16.81 24.11
C ILE E 125 -14.86 17.96 23.35
N ALA E 126 -14.13 18.47 22.36
CA ALA E 126 -14.61 19.56 21.50
C ALA E 126 -14.61 19.06 20.06
N TRP E 127 -15.76 18.57 19.61
CA TRP E 127 -15.89 17.98 18.28
C TRP E 127 -16.78 18.87 17.41
N SER E 128 -16.54 18.86 16.11
CA SER E 128 -17.19 19.80 15.19
C SER E 128 -18.23 19.15 14.30
N GLU E 129 -17.92 18.00 13.72
CA GLU E 129 -18.81 17.40 12.73
C GLU E 129 -20.11 16.96 13.39
N SER E 130 -21.24 17.35 12.80
CA SER E 130 -22.54 17.11 13.43
C SER E 130 -22.80 15.62 13.64
N SER E 131 -22.45 14.79 12.67
CA SER E 131 -22.61 13.34 12.85
C SER E 131 -21.68 12.82 13.93
N ALA E 132 -20.45 13.30 13.96
CA ALA E 132 -19.49 12.84 14.97
C ALA E 132 -19.94 13.25 16.36
N VAL E 133 -20.39 14.50 16.52
CA VAL E 133 -20.91 14.96 17.81
C VAL E 133 -22.07 14.07 18.24
N SER E 134 -23.06 13.90 17.36
CA SER E 134 -24.22 13.07 17.69
C SER E 134 -23.80 11.65 18.05
N PHE E 135 -22.84 11.09 17.31
CA PHE E 135 -22.35 9.75 17.64
C PHE E 135 -21.66 9.73 19.00
N ALA E 136 -20.72 10.65 19.20
CA ALA E 136 -19.93 10.66 20.43
C ALA E 136 -20.79 10.93 21.66
N ASN E 137 -21.84 11.76 21.52
CA ASN E 137 -22.68 12.08 22.66
C ASN E 137 -23.64 10.95 22.98
N SER E 138 -24.27 10.36 21.96
CA SER E 138 -25.39 9.46 22.18
C SER E 138 -24.99 8.00 22.30
N ILE E 139 -24.02 7.56 21.49
CA ILE E 139 -23.73 6.13 21.38
C ILE E 139 -22.50 5.78 22.21
N LEU E 140 -21.58 6.73 22.35
CA LEU E 140 -20.43 6.54 23.24
C LEU E 140 -20.67 7.09 24.64
N GLY E 141 -21.54 8.08 24.79
CA GLY E 141 -21.74 8.67 26.09
C GLY E 141 -20.68 9.67 26.51
N ALA E 142 -19.78 10.06 25.61
CA ALA E 142 -18.90 11.18 25.86
C ALA E 142 -19.67 12.49 25.64
N ARG E 143 -19.02 13.60 25.96
CA ARG E 143 -19.71 14.89 26.01
C ARG E 143 -19.02 15.88 25.09
N THR E 144 -19.79 16.52 24.22
CA THR E 144 -19.28 17.59 23.37
C THR E 144 -20.44 18.38 22.80
N ASN E 145 -20.26 19.69 22.72
CA ASN E 145 -21.20 20.54 22.02
C ASN E 145 -20.88 20.52 20.53
N ARG E 146 -21.85 20.96 19.73
CA ARG E 146 -21.71 21.07 18.29
C ARG E 146 -20.82 22.29 18.01
N GLU E 147 -19.51 22.07 18.18
CA GLU E 147 -18.54 23.15 18.00
C GLU E 147 -18.47 23.59 16.54
N GLY E 148 -18.36 24.89 16.35
CA GLY E 148 -18.10 25.43 15.03
C GLY E 148 -16.63 25.37 14.71
N GLY E 149 -16.31 25.66 13.43
CA GLY E 149 -14.96 25.64 12.93
C GLY E 149 -13.97 26.43 13.77
N PRO E 150 -14.28 27.72 14.03
CA PRO E 150 -13.38 28.51 14.89
C PRO E 150 -13.37 28.03 16.33
N SER E 151 -14.55 27.81 16.91
CA SER E 151 -14.61 27.42 18.32
C SER E 151 -13.94 26.08 18.57
N SER E 152 -13.94 25.19 17.59
CA SER E 152 -13.26 23.91 17.74
C SER E 152 -11.76 24.09 17.72
N LEU E 153 -11.23 24.77 16.70
CA LEU E 153 -9.80 25.02 16.62
C LEU E 153 -9.29 25.75 17.85
N ALA E 154 -10.01 26.78 18.30
CA ALA E 154 -9.58 27.52 19.49
C ALA E 154 -9.63 26.65 20.73
N ALA E 155 -10.67 25.80 20.86
CA ALA E 155 -10.71 24.86 21.97
C ALA E 155 -9.57 23.86 21.87
N ALA E 156 -9.08 23.62 20.66
CA ALA E 156 -8.00 22.67 20.44
C ALA E 156 -6.63 23.26 20.75
N ILE E 157 -6.46 24.57 20.53
CA ILE E 157 -5.16 25.20 20.76
C ILE E 157 -4.93 25.42 22.25
N VAL E 158 -5.92 26.00 22.93
CA VAL E 158 -5.83 26.17 24.38
C VAL E 158 -5.86 24.81 25.08
N GLY E 159 -6.66 23.88 24.57
CA GLY E 159 -6.88 22.62 25.24
C GLY E 159 -8.04 22.66 26.21
N LYS E 160 -9.00 23.56 26.01
CA LYS E 160 -10.09 23.75 26.95
C LYS E 160 -11.31 24.29 26.20
N THR E 161 -12.49 23.97 26.74
CA THR E 161 -13.79 24.42 26.26
C THR E 161 -14.56 25.00 27.42
N PRO E 162 -15.38 26.03 27.18
CA PRO E 162 -16.33 26.48 28.21
C PRO E 162 -17.17 25.32 28.73
N ASN E 163 -17.52 25.40 30.02
CA ASN E 163 -18.29 24.32 30.67
C ASN E 163 -19.78 24.69 30.67
N TYR E 164 -20.37 24.59 29.49
CA TYR E 164 -21.77 24.92 29.27
C TYR E 164 -22.43 23.80 28.50
N GLY E 165 -23.74 23.68 28.69
CA GLY E 165 -24.54 22.84 27.82
C GLY E 165 -24.24 21.35 28.02
N LEU E 166 -23.81 20.70 26.94
CA LEU E 166 -23.71 19.24 26.92
C LEU E 166 -22.60 18.70 27.81
N HIS E 167 -21.72 19.56 28.33
CA HIS E 167 -20.76 19.12 29.33
C HIS E 167 -21.39 18.96 30.71
N LEU E 168 -22.55 19.58 30.94
CA LEU E 168 -23.24 19.49 32.21
C LEU E 168 -24.24 18.35 32.21
N ASP E 169 -24.35 17.65 33.35
CA ASP E 169 -25.28 16.54 33.45
C ASP E 169 -26.73 16.98 33.23
N GLU E 170 -27.03 18.26 33.46
CA GLU E 170 -28.41 18.71 33.47
C GLU E 170 -29.01 18.80 32.07
N ASN E 171 -28.19 19.08 31.04
CA ASN E 171 -28.67 19.15 29.66
C ASN E 171 -28.46 17.85 28.90
N ARG E 172 -28.11 16.77 29.57
CA ARG E 172 -28.18 15.44 28.99
C ARG E 172 -29.47 14.73 29.35
N LYS E 173 -30.44 15.45 29.92
CA LYS E 173 -31.74 14.90 30.20
C LYS E 173 -32.63 15.00 28.97
N ALA E 174 -33.44 13.96 28.76
CA ALA E 174 -34.34 13.95 27.61
C ALA E 174 -35.30 15.13 27.67
N THR E 175 -35.53 15.75 26.53
CA THR E 175 -36.53 16.82 26.46
C THR E 175 -37.85 16.37 25.86
N VAL E 176 -37.87 15.20 25.20
CA VAL E 176 -39.09 14.71 24.56
C VAL E 176 -38.91 13.21 24.31
N ILE E 177 -40.02 12.48 24.39
CA ILE E 177 -40.05 11.05 24.08
C ILE E 177 -40.50 10.87 22.63
N VAL E 178 -39.88 9.93 21.92
CA VAL E 178 -40.25 9.61 20.55
C VAL E 178 -40.66 8.13 20.50
N ASP E 179 -41.95 7.90 20.31
CA ASP E 179 -42.50 6.55 20.19
C ASP E 179 -42.49 6.18 18.71
N VAL E 180 -41.57 5.30 18.31
CA VAL E 180 -41.39 4.95 16.90
C VAL E 180 -42.35 3.80 16.61
N LYS E 181 -43.54 4.14 16.12
CA LYS E 181 -44.54 3.13 15.80
C LYS E 181 -44.32 2.55 14.41
N ALA E 182 -43.81 3.35 13.48
CA ALA E 182 -43.59 2.89 12.11
C ALA E 182 -42.62 1.72 12.08
N LYS E 183 -42.76 0.88 11.05
CA LYS E 183 -41.78 -0.16 10.80
C LYS E 183 -40.47 0.51 10.42
N VAL E 184 -39.45 0.33 11.26
CA VAL E 184 -38.13 0.88 11.01
C VAL E 184 -37.15 -0.27 11.19
N LYS E 185 -36.61 -0.77 10.08
CA LYS E 185 -35.87 -2.03 10.11
C LYS E 185 -34.51 -1.98 9.43
N THR E 186 -34.32 -1.12 8.43
CA THR E 186 -33.11 -1.12 7.64
C THR E 186 -32.39 0.22 7.74
N PHE E 187 -31.20 0.27 7.12
CA PHE E 187 -30.41 1.50 7.09
C PHE E 187 -31.17 2.63 6.41
N ALA E 188 -31.87 2.33 5.31
CA ALA E 188 -32.67 3.36 4.67
C ALA E 188 -33.87 3.76 5.51
N ASP E 189 -34.26 2.93 6.47
CA ASP E 189 -35.34 3.30 7.39
C ASP E 189 -34.83 4.22 8.50
N TYR E 190 -33.64 3.95 9.02
CA TYR E 190 -33.06 4.87 10.00
C TYR E 190 -32.61 6.16 9.32
N SER E 191 -32.21 6.08 8.04
CA SER E 191 -31.96 7.30 7.27
C SER E 191 -33.19 8.19 7.24
N VAL E 192 -34.34 7.59 6.94
CA VAL E 192 -35.55 8.35 6.69
C VAL E 192 -36.30 8.71 7.97
N LEU E 193 -36.10 7.95 9.06
CA LEU E 193 -36.61 8.35 10.37
C LEU E 193 -35.85 9.55 10.90
N GLY E 194 -34.53 9.60 10.69
CA GLY E 194 -33.74 10.70 11.20
C GLY E 194 -33.95 11.99 10.45
N TYR E 195 -34.17 11.90 9.12
CA TYR E 195 -34.59 13.06 8.35
C TYR E 195 -35.86 13.65 8.95
N HIS E 196 -36.81 12.79 9.33
CA HIS E 196 -38.10 13.24 9.81
C HIS E 196 -38.01 13.87 11.19
N VAL E 197 -37.45 13.13 12.15
CA VAL E 197 -37.35 13.63 13.52
C VAL E 197 -36.57 14.94 13.56
N GLY E 198 -35.48 15.02 12.79
CA GLY E 198 -34.69 16.25 12.77
C GLY E 198 -35.46 17.44 12.24
N LYS E 199 -36.37 17.20 11.30
CA LYS E 199 -37.14 18.31 10.74
C LYS E 199 -38.27 18.73 11.66
N THR E 200 -38.91 17.78 12.34
CA THR E 200 -40.10 18.06 13.11
C THR E 200 -39.84 18.33 14.60
N LEU E 201 -38.62 18.09 15.08
CA LEU E 201 -38.27 18.50 16.43
C LEU E 201 -37.60 19.87 16.38
N GLY E 202 -36.99 20.26 17.49
CA GLY E 202 -36.22 21.49 17.56
C GLY E 202 -34.87 21.25 18.20
N ASN E 203 -34.49 22.11 19.14
CA ASN E 203 -33.30 21.86 19.96
C ASN E 203 -33.75 20.96 21.10
N ASP E 204 -33.59 19.65 20.89
CA ASP E 204 -34.15 18.66 21.79
C ASP E 204 -33.10 17.60 22.12
N VAL E 205 -33.48 16.71 23.03
CA VAL E 205 -32.73 15.50 23.33
C VAL E 205 -33.76 14.37 23.31
N PRO E 206 -34.15 13.86 22.14
CA PRO E 206 -35.20 12.84 22.09
C PRO E 206 -34.76 11.53 22.71
N TYR E 207 -35.75 10.80 23.23
CA TYR E 207 -35.56 9.49 23.84
C TYR E 207 -36.44 8.52 23.07
N PHE E 208 -35.82 7.63 22.30
CA PHE E 208 -36.53 6.74 21.40
C PHE E 208 -36.96 5.48 22.13
N LYS E 209 -38.26 5.17 22.07
CA LYS E 209 -38.80 3.89 22.51
C LYS E 209 -39.19 3.06 21.28
N ASN E 210 -39.32 1.74 21.50
CA ASN E 210 -39.70 0.80 20.45
C ASN E 210 -38.77 0.87 19.25
N LEU E 211 -37.54 1.33 19.45
CA LEU E 211 -36.52 1.41 18.41
C LEU E 211 -35.36 0.55 18.88
N LYS E 212 -35.22 -0.65 18.31
CA LYS E 212 -34.16 -1.59 18.66
C LYS E 212 -33.35 -1.86 17.40
N PRO E 213 -32.30 -1.08 17.14
CA PRO E 213 -31.53 -1.26 15.92
C PRO E 213 -30.67 -2.51 15.94
N GLU E 214 -30.36 -3.01 14.74
CA GLU E 214 -29.56 -4.21 14.58
C GLU E 214 -28.08 -3.89 14.43
N LYS E 215 -27.74 -3.05 13.45
CA LYS E 215 -26.37 -2.56 13.29
C LYS E 215 -26.21 -1.23 14.00
N THR E 216 -25.07 -1.06 14.68
CA THR E 216 -24.76 0.23 15.28
C THR E 216 -24.64 1.32 14.21
N GLU E 217 -24.29 0.93 12.98
CA GLU E 217 -24.24 1.88 11.88
C GLU E 217 -25.61 2.47 11.58
N PHE E 218 -26.68 1.78 11.97
CA PHE E 218 -28.03 2.34 11.81
C PHE E 218 -28.18 3.63 12.61
N LEU E 219 -27.82 3.59 13.90
CA LEU E 219 -27.88 4.80 14.72
C LEU E 219 -26.84 5.81 14.29
N LYS E 220 -25.75 5.38 13.67
CA LYS E 220 -24.81 6.34 13.09
C LYS E 220 -25.48 7.18 12.02
N GLU E 221 -26.45 6.59 11.32
CA GLU E 221 -27.22 7.35 10.34
C GLU E 221 -28.34 8.15 11.02
N LEU E 222 -29.01 7.54 12.00
CA LEU E 222 -30.09 8.20 12.73
C LEU E 222 -29.66 9.57 13.24
N GLY E 223 -28.54 9.62 13.97
CA GLY E 223 -28.06 10.89 14.48
C GLY E 223 -27.58 11.82 13.38
N ALA E 224 -26.91 11.27 12.37
CA ALA E 224 -26.39 12.10 11.28
C ALA E 224 -27.51 12.80 10.53
N ALA E 225 -28.61 12.09 10.31
CA ALA E 225 -29.75 12.70 9.63
C ALA E 225 -30.39 13.79 10.49
N MET E 226 -30.65 13.48 11.76
CA MET E 226 -31.21 14.48 12.67
C MET E 226 -30.33 15.72 12.74
N GLY E 227 -29.01 15.53 12.76
CA GLY E 227 -28.10 16.67 12.72
C GLY E 227 -28.09 17.42 11.41
N ALA E 228 -28.66 16.84 10.35
CA ALA E 228 -28.71 17.49 9.04
C ALA E 228 -30.00 18.28 8.84
N THR E 229 -31.15 17.60 8.96
CA THR E 229 -32.45 18.26 8.88
C THR E 229 -32.80 19.00 10.16
N GLY E 230 -32.01 18.86 11.21
CA GLY E 230 -32.26 19.56 12.45
C GLY E 230 -31.00 19.93 13.19
N SER E 231 -31.11 20.11 14.50
CA SER E 231 -29.98 20.55 15.31
C SER E 231 -29.63 19.55 16.42
N ILE E 232 -30.16 18.33 16.34
CA ILE E 232 -29.93 17.36 17.40
C ILE E 232 -28.44 17.06 17.52
N ALA E 233 -27.92 17.13 18.74
CA ALA E 233 -26.56 16.72 19.05
C ALA E 233 -26.50 15.64 20.11
N LEU E 234 -27.64 15.23 20.66
CA LEU E 234 -27.69 14.14 21.62
C LEU E 234 -29.10 13.56 21.59
N TYR E 235 -29.17 12.23 21.59
CA TYR E 235 -30.42 11.52 21.76
C TYR E 235 -30.15 10.30 22.62
N HIS E 236 -31.19 9.76 23.22
CA HIS E 236 -31.10 8.48 23.91
C HIS E 236 -31.99 7.47 23.20
N VAL E 237 -31.56 6.21 23.24
CA VAL E 237 -32.34 5.11 22.71
C VAL E 237 -32.58 4.14 23.84
N GLU E 238 -33.85 3.79 24.06
CA GLU E 238 -34.21 2.91 25.18
C GLU E 238 -33.47 1.59 25.07
N GLY E 239 -32.54 1.35 25.98
CA GLY E 239 -31.83 0.09 26.03
C GLY E 239 -30.70 -0.06 25.04
N GLU E 240 -30.23 1.03 24.44
CA GLU E 240 -29.08 0.97 23.53
C GLU E 240 -28.10 2.11 23.71
N THR E 241 -28.51 3.26 24.20
CA THR E 241 -27.65 4.38 24.56
C THR E 241 -27.09 4.18 25.97
N PRO E 242 -25.80 4.47 26.20
CA PRO E 242 -25.23 4.26 27.55
C PRO E 242 -25.80 5.18 28.61
N GLU E 243 -26.40 6.31 28.24
CA GLU E 243 -26.96 7.24 29.20
C GLU E 243 -28.48 7.12 29.32
N TYR E 244 -29.07 6.05 28.82
CA TYR E 244 -30.53 5.98 28.70
C TYR E 244 -31.21 5.75 30.05
N ARG E 245 -30.55 5.03 30.97
CA ARG E 245 -31.23 4.66 32.22
C ARG E 245 -31.51 5.89 33.08
N GLU E 246 -30.64 6.87 33.06
CA GLU E 246 -30.76 8.09 33.85
C GLU E 246 -31.09 9.29 32.97
N ALA E 247 -31.88 9.07 31.93
CA ALA E 247 -32.15 10.09 30.92
C ALA E 247 -33.46 10.82 31.13
N ILE E 248 -34.46 10.17 31.73
CA ILE E 248 -35.77 10.78 31.96
C ILE E 248 -35.89 11.12 33.44
N THR E 249 -36.17 12.40 33.74
CA THR E 249 -36.34 12.87 35.10
C THR E 249 -37.75 13.30 35.43
N ASP E 250 -38.46 13.89 34.48
CA ASP E 250 -39.80 14.43 34.68
C ASP E 250 -40.74 13.90 33.60
N LYS E 251 -42.04 14.16 33.78
CA LYS E 251 -43.01 13.77 32.78
C LYS E 251 -42.78 14.56 31.50
N LEU E 252 -42.69 13.85 30.38
CA LEU E 252 -42.39 14.43 29.08
C LEU E 252 -43.48 14.05 28.08
N GLU E 253 -43.81 14.99 27.20
CA GLU E 253 -44.80 14.70 26.17
C GLU E 253 -44.13 13.90 25.04
N THR E 254 -44.95 13.15 24.32
CA THR E 254 -44.48 12.21 23.31
C THR E 254 -44.96 12.61 21.93
N ILE E 255 -44.06 12.52 20.95
CA ILE E 255 -44.42 12.52 19.54
C ILE E 255 -44.29 11.09 19.03
N THR E 256 -45.18 10.73 18.11
CA THR E 256 -45.14 9.43 17.47
C THR E 256 -44.86 9.59 15.98
N VAL E 257 -44.00 8.73 15.45
CA VAL E 257 -43.73 8.64 14.02
C VAL E 257 -44.51 7.46 13.47
N GLU E 258 -45.34 7.71 12.48
CA GLU E 258 -46.14 6.67 11.85
C GLU E 258 -45.52 6.25 10.52
N ASP E 259 -45.98 5.10 10.00
CA ASP E 259 -45.56 4.67 8.68
C ASP E 259 -45.79 5.77 7.64
N SER E 260 -46.93 6.47 7.76
CA SER E 260 -47.28 7.55 6.85
C SER E 260 -46.32 8.72 6.91
N ASP E 261 -45.46 8.80 7.93
CA ASP E 261 -44.50 9.89 8.03
C ASP E 261 -43.21 9.58 7.27
N LEU E 262 -42.76 8.33 7.31
CA LEU E 262 -41.56 7.94 6.60
C LEU E 262 -41.82 7.79 5.10
N LYS E 263 -43.01 7.29 4.74
CA LYS E 263 -43.44 7.27 3.34
C LYS E 263 -43.31 8.66 2.72
N ALA E 264 -43.66 9.69 3.49
CA ALA E 264 -43.60 11.06 2.97
C ALA E 264 -42.17 11.48 2.66
N VAL E 265 -41.20 10.94 3.38
CA VAL E 265 -39.82 11.33 3.15
C VAL E 265 -39.14 10.43 2.11
N ARG E 266 -39.58 9.18 1.98
CA ARG E 266 -39.05 8.32 0.92
C ARG E 266 -39.46 8.82 -0.46
N GLU E 267 -40.77 9.01 -0.68
CA GLU E 267 -41.28 9.37 -1.99
C GLU E 267 -40.66 10.67 -2.52
N SER E 268 -40.16 11.53 -1.64
CA SER E 268 -39.56 12.77 -2.07
C SER E 268 -38.23 12.56 -2.77
N PHE E 269 -37.61 11.40 -2.61
CA PHE E 269 -36.31 11.08 -3.21
C PHE E 269 -36.46 9.80 -4.02
N GLN E 270 -37.10 9.90 -5.18
CA GLN E 270 -37.33 8.73 -6.02
C GLN E 270 -37.14 9.07 -7.49
N ASP E 271 -36.12 9.87 -7.80
CA ASP E 271 -35.87 10.21 -9.19
C ASP E 271 -35.54 8.96 -10.01
N ASP E 272 -35.82 9.04 -11.30
CA ASP E 272 -35.56 7.93 -12.21
C ASP E 272 -34.06 7.66 -12.30
N TRP E 273 -33.72 6.41 -12.62
CA TRP E 273 -32.32 6.06 -12.84
C TRP E 273 -31.73 6.81 -14.04
N SER E 274 -32.57 7.26 -14.97
CA SER E 274 -32.07 8.00 -16.12
C SER E 274 -31.32 9.26 -15.69
N ASP E 275 -31.68 9.83 -14.55
CA ASP E 275 -31.05 11.04 -14.04
C ASP E 275 -29.97 10.74 -13.02
N ILE E 276 -29.72 9.48 -12.70
CA ILE E 276 -28.64 9.09 -11.78
C ILE E 276 -27.42 8.70 -12.61
N ASP E 277 -26.27 9.27 -12.26
CA ASP E 277 -25.01 8.89 -12.87
C ASP E 277 -23.90 8.86 -11.82
N MET E 278 -24.23 8.42 -10.59
CA MET E 278 -23.23 8.23 -9.56
C MET E 278 -23.92 7.60 -8.35
N ILE E 279 -23.20 6.85 -7.53
CA ILE E 279 -23.76 6.22 -6.33
C ILE E 279 -22.84 6.53 -5.15
N LEU E 280 -23.44 6.95 -4.03
CA LEU E 280 -22.69 7.33 -2.83
C LEU E 280 -23.18 6.51 -1.65
N ILE E 281 -22.29 5.76 -1.05
CA ILE E 281 -22.53 5.16 0.26
C ILE E 281 -21.42 5.66 1.18
N GLY E 282 -21.67 5.61 2.48
CA GLY E 282 -20.69 6.08 3.44
C GLY E 282 -20.88 7.53 3.83
N CYS E 283 -22.06 7.84 4.36
CA CYS E 283 -22.42 9.20 4.74
C CYS E 283 -23.29 9.12 5.98
N PRO E 284 -22.68 9.07 7.18
CA PRO E 284 -21.24 9.14 7.52
C PRO E 284 -20.38 7.98 7.01
N HIS E 285 -19.08 8.25 6.94
CA HIS E 285 -18.09 7.31 6.41
C HIS E 285 -18.35 5.89 6.90
N ALA E 286 -18.36 4.95 5.95
CA ALA E 286 -18.81 3.60 6.23
C ALA E 286 -17.90 2.90 7.22
N SER E 287 -18.50 2.11 8.10
CA SER E 287 -17.75 1.18 8.92
C SER E 287 -17.18 0.05 8.07
N LEU E 288 -16.43 -0.86 8.69
CA LEU E 288 -15.99 -2.03 7.95
C LEU E 288 -17.14 -2.95 7.59
N PRO E 289 -18.05 -3.33 8.50
CA PRO E 289 -19.19 -4.18 8.09
C PRO E 289 -20.03 -3.55 7.00
N GLU E 290 -20.01 -2.22 6.88
CA GLU E 290 -20.73 -1.58 5.78
C GLU E 290 -20.05 -1.85 4.44
N VAL E 291 -18.73 -1.79 4.40
CA VAL E 291 -18.00 -2.06 3.16
C VAL E 291 -18.10 -3.54 2.81
N LYS E 292 -18.01 -4.42 3.81
CA LYS E 292 -18.27 -5.84 3.61
C LYS E 292 -19.63 -6.05 2.96
N GLU E 293 -20.66 -5.37 3.47
CA GLU E 293 -22.00 -5.51 2.93
C GLU E 293 -22.05 -5.09 1.46
N ILE E 294 -21.35 -4.01 1.11
CA ILE E 294 -21.38 -3.55 -0.27
C ILE E 294 -20.69 -4.55 -1.19
N ALA E 295 -19.56 -5.11 -0.74
CA ALA E 295 -18.85 -6.08 -1.56
C ALA E 295 -19.66 -7.36 -1.71
N GLU E 296 -20.12 -7.92 -0.60
CA GLU E 296 -20.93 -9.14 -0.64
C GLU E 296 -22.12 -8.99 -1.57
N LEU E 297 -22.66 -7.79 -1.70
CA LEU E 297 -23.76 -7.55 -2.64
C LEU E 297 -23.27 -7.52 -4.08
N LEU E 298 -22.12 -6.90 -4.32
CA LEU E 298 -21.57 -6.84 -5.68
C LEU E 298 -21.16 -8.22 -6.16
N ARG E 299 -20.56 -9.04 -5.28
CA ARG E 299 -20.23 -10.41 -5.63
C ARG E 299 -21.47 -11.18 -6.10
N MET E 300 -22.65 -10.82 -5.58
CA MET E 300 -23.88 -11.48 -5.94
C MET E 300 -24.53 -10.89 -7.19
N ARG E 301 -24.17 -9.66 -7.56
CA ARG E 301 -24.64 -9.10 -8.82
C ARG E 301 -23.93 -9.79 -9.99
N GLY E 302 -22.60 -9.80 -9.97
CA GLY E 302 -21.83 -10.55 -10.93
C GLY E 302 -21.40 -9.80 -12.17
N LYS E 303 -21.82 -8.55 -12.33
CA LYS E 303 -21.41 -7.70 -13.43
C LYS E 303 -21.16 -6.30 -12.88
N PRO E 304 -20.38 -5.49 -13.57
CA PRO E 304 -20.00 -4.19 -13.01
C PRO E 304 -21.15 -3.19 -13.09
N LEU E 305 -20.98 -2.10 -12.35
CA LEU E 305 -21.91 -0.98 -12.40
C LEU E 305 -21.53 -0.08 -13.58
N LYS E 306 -22.52 0.30 -14.37
CA LYS E 306 -22.27 1.17 -15.51
C LYS E 306 -22.25 2.64 -15.14
N ILE E 307 -22.54 2.98 -13.89
CA ILE E 307 -22.29 4.30 -13.35
C ILE E 307 -21.34 4.10 -12.17
N PRO E 308 -20.47 5.07 -11.85
CA PRO E 308 -19.48 4.83 -10.80
C PRO E 308 -20.11 4.76 -9.43
N LEU E 309 -19.60 3.85 -8.61
CA LEU E 309 -19.93 3.78 -7.20
C LEU E 309 -18.80 4.44 -6.41
N PHE E 310 -19.16 5.23 -5.41
CA PHE E 310 -18.20 5.79 -4.47
C PHE E 310 -18.60 5.41 -3.06
N ILE E 311 -17.65 4.92 -2.27
CA ILE E 311 -17.85 4.69 -0.85
C ILE E 311 -16.88 5.62 -0.12
N THR E 312 -17.43 6.65 0.52
CA THR E 312 -16.63 7.50 1.39
C THR E 312 -16.40 6.77 2.71
N ALA E 313 -15.15 6.75 3.17
CA ALA E 313 -14.81 6.00 4.36
C ALA E 313 -13.52 6.56 4.97
N SER E 314 -13.32 6.28 6.25
CA SER E 314 -12.12 6.72 6.95
C SER E 314 -10.91 5.95 6.45
N ARG E 315 -9.73 6.58 6.60
CA ARG E 315 -8.47 5.97 6.17
C ARG E 315 -8.29 4.60 6.82
N ALA E 316 -8.76 4.43 8.05
CA ALA E 316 -8.61 3.15 8.74
C ALA E 316 -9.47 2.06 8.10
N VAL E 317 -10.70 2.40 7.71
CA VAL E 317 -11.61 1.39 7.16
C VAL E 317 -11.18 0.97 5.76
N LYS E 318 -10.86 1.94 4.91
CA LYS E 318 -10.32 1.64 3.58
C LYS E 318 -9.20 0.62 3.67
N ALA E 319 -8.22 0.90 4.54
CA ALA E 319 -7.06 0.03 4.68
C ALA E 319 -7.43 -1.35 5.23
N LEU E 320 -8.54 -1.46 5.94
CA LEU E 320 -9.05 -2.78 6.31
C LEU E 320 -9.75 -3.44 5.13
N ALA E 321 -10.55 -2.68 4.38
CA ALA E 321 -11.12 -3.19 3.14
C ALA E 321 -10.05 -3.53 2.11
N ASP E 322 -8.86 -2.96 2.24
CA ASP E 322 -7.71 -3.35 1.44
C ASP E 322 -7.21 -4.72 1.86
N ALA E 323 -6.74 -4.83 3.12
CA ALA E 323 -6.09 -6.06 3.57
C ALA E 323 -7.06 -7.23 3.64
N LEU E 324 -8.36 -6.97 3.82
CA LEU E 324 -9.34 -8.04 3.85
C LEU E 324 -9.91 -8.36 2.47
N GLY E 325 -9.44 -7.68 1.43
CA GLY E 325 -9.81 -8.02 0.07
C GLY E 325 -11.16 -7.50 -0.39
N TYR E 326 -11.81 -6.63 0.37
CA TYR E 326 -13.12 -6.12 -0.06
C TYR E 326 -12.97 -5.08 -1.16
N THR E 327 -11.92 -4.25 -1.11
CA THR E 327 -11.68 -3.30 -2.18
C THR E 327 -11.42 -4.01 -3.50
N GLU E 328 -10.79 -5.19 -3.47
CA GLU E 328 -10.50 -5.91 -4.70
C GLU E 328 -11.78 -6.41 -5.35
N ILE E 329 -12.84 -6.61 -4.58
CA ILE E 329 -14.14 -6.98 -5.14
C ILE E 329 -14.84 -5.74 -5.70
N ILE E 330 -14.91 -4.68 -4.90
CA ILE E 330 -15.63 -3.48 -5.30
C ILE E 330 -15.05 -2.92 -6.59
N GLU E 331 -13.72 -2.84 -6.67
CA GLU E 331 -13.08 -2.24 -7.83
C GLU E 331 -13.26 -3.09 -9.08
N ARG E 332 -13.28 -4.42 -8.91
CA ARG E 332 -13.53 -5.30 -10.05
C ARG E 332 -14.86 -4.99 -10.72
N TYR E 333 -15.83 -4.51 -9.94
CA TYR E 333 -17.16 -4.15 -10.45
C TYR E 333 -17.38 -2.64 -10.52
N ASN E 334 -16.32 -1.88 -10.80
CA ASN E 334 -16.42 -0.46 -11.13
C ASN E 334 -16.90 0.38 -9.95
N GLY E 335 -16.49 0.02 -8.74
CA GLY E 335 -16.71 0.85 -7.57
C GLY E 335 -15.36 1.33 -7.03
N LYS E 336 -15.36 2.50 -6.40
CA LYS E 336 -14.13 3.06 -5.86
C LYS E 336 -14.38 3.53 -4.43
N ILE E 337 -13.42 3.25 -3.55
CA ILE E 337 -13.47 3.69 -2.17
C ILE E 337 -12.67 4.98 -2.05
N ILE E 338 -13.33 6.07 -1.65
CA ILE E 338 -12.71 7.38 -1.55
C ILE E 338 -12.42 7.64 -0.08
N PRO E 339 -11.17 7.60 0.36
CA PRO E 339 -10.86 7.82 1.78
C PRO E 339 -10.74 9.29 2.15
N ASP E 340 -11.13 9.57 3.40
CA ASP E 340 -10.92 10.87 4.05
C ASP E 340 -11.52 12.03 3.27
N SER E 341 -12.43 11.73 2.35
CA SER E 341 -13.10 12.75 1.57
C SER E 341 -14.59 12.71 1.85
N CYS E 342 -15.30 13.69 1.28
CA CYS E 342 -16.72 13.80 1.45
C CYS E 342 -17.29 14.50 0.23
N PHE E 343 -18.52 14.14 -0.14
CA PHE E 343 -19.05 14.57 -1.43
C PHE E 343 -20.01 15.74 -1.35
N VAL E 344 -20.78 15.89 -0.26
CA VAL E 344 -21.71 17.00 -0.12
C VAL E 344 -20.94 18.29 0.16
N VAL E 345 -19.61 18.18 0.23
CA VAL E 345 -18.75 19.33 0.48
C VAL E 345 -17.80 19.60 -0.68
N SER E 346 -17.92 18.84 -1.79
CA SER E 346 -17.08 18.94 -2.98
C SER E 346 -17.85 19.56 -4.14
N PRO E 347 -17.19 20.42 -4.94
CA PRO E 347 -17.89 21.20 -6.00
C PRO E 347 -18.22 20.36 -7.23
N ILE E 348 -19.09 19.38 -7.03
CA ILE E 348 -19.41 18.42 -8.08
C ILE E 348 -20.73 18.79 -8.77
N LYS E 349 -21.03 20.10 -8.82
CA LYS E 349 -22.25 20.52 -9.50
C LYS E 349 -22.21 20.15 -10.98
N GLY E 350 -21.07 20.34 -11.63
CA GLY E 350 -20.94 20.03 -13.03
C GLY E 350 -20.45 18.64 -13.37
N TRP E 351 -20.12 17.82 -12.38
CA TRP E 351 -19.55 16.50 -12.63
C TRP E 351 -20.62 15.43 -12.71
N TYR E 352 -21.31 15.18 -11.60
CA TYR E 352 -22.41 14.23 -11.54
C TYR E 352 -23.71 15.01 -11.37
N ARG E 353 -24.75 14.59 -12.09
CA ARG E 353 -26.05 15.24 -11.98
C ARG E 353 -27.00 14.51 -11.05
N GLY E 354 -26.78 13.21 -10.83
CA GLY E 354 -27.71 12.42 -10.05
C GLY E 354 -27.07 11.44 -9.10
N ILE E 355 -27.30 11.61 -7.81
CA ILE E 355 -26.72 10.73 -6.79
C ILE E 355 -27.82 9.79 -6.30
N ALA E 356 -27.52 8.50 -6.25
CA ALA E 356 -28.33 7.53 -5.54
C ALA E 356 -27.57 7.11 -4.28
N THR E 357 -28.26 7.12 -3.15
CA THR E 357 -27.59 6.87 -1.88
C THR E 357 -28.56 6.20 -0.91
N ASN E 358 -27.98 5.57 0.11
CA ASN E 358 -28.75 5.08 1.24
C ASN E 358 -28.66 6.02 2.44
N SER E 359 -28.04 7.18 2.27
CA SER E 359 -27.85 8.15 3.35
C SER E 359 -28.92 9.23 3.24
N GLY E 360 -29.82 9.27 4.24
CA GLY E 360 -30.80 10.34 4.29
C GLY E 360 -30.16 11.71 4.39
N LYS E 361 -29.03 11.80 5.10
CA LYS E 361 -28.31 13.06 5.20
C LYS E 361 -27.82 13.52 3.83
N SER E 362 -27.26 12.59 3.04
CA SER E 362 -26.80 12.95 1.70
C SER E 362 -27.96 13.30 0.78
N ALA E 363 -29.06 12.55 0.88
CA ALA E 363 -30.23 12.84 0.05
C ALA E 363 -30.73 14.26 0.30
N PHE E 364 -30.64 14.72 1.55
CA PHE E 364 -31.10 16.06 1.89
C PHE E 364 -30.17 17.12 1.32
N TYR E 365 -28.86 17.00 1.58
CA TYR E 365 -27.92 18.04 1.18
C TYR E 365 -27.73 18.10 -0.32
N PHE E 366 -27.83 16.96 -1.01
CA PHE E 366 -27.68 16.97 -2.46
C PHE E 366 -28.94 17.47 -3.15
N ARG E 367 -30.10 17.06 -2.66
CA ARG E 367 -31.36 17.60 -3.19
C ARG E 367 -31.40 19.11 -3.07
N SER E 368 -30.84 19.64 -1.98
CA SER E 368 -30.76 21.09 -1.81
C SER E 368 -29.86 21.72 -2.88
N PHE E 369 -28.69 21.12 -3.11
CA PHE E 369 -27.74 21.66 -4.08
C PHE E 369 -28.23 21.53 -5.51
N GLY E 370 -29.45 21.04 -5.74
CA GLY E 370 -30.02 20.95 -7.07
C GLY E 370 -29.86 19.60 -7.74
N PHE E 371 -29.13 18.67 -7.13
CA PHE E 371 -28.90 17.37 -7.75
C PHE E 371 -30.20 16.57 -7.82
N SER E 372 -30.29 15.72 -8.83
CA SER E 372 -31.26 14.63 -8.78
C SER E 372 -30.77 13.58 -7.80
N VAL E 373 -31.68 13.04 -6.99
CA VAL E 373 -31.30 12.10 -5.94
C VAL E 373 -32.24 10.90 -6.00
N ARG E 374 -31.84 9.85 -5.31
CA ARG E 374 -32.65 8.63 -5.23
C ARG E 374 -32.23 7.85 -4.00
N LEU E 375 -33.12 7.80 -3.00
CA LEU E 375 -32.80 7.19 -1.71
C LEU E 375 -33.40 5.79 -1.68
N ASP E 376 -32.55 4.79 -1.43
CA ASP E 376 -32.95 3.41 -1.30
C ASP E 376 -31.87 2.70 -0.50
N ASP E 377 -32.08 1.42 -0.24
CA ASP E 377 -31.04 0.63 0.42
C ASP E 377 -30.01 0.15 -0.60
N VAL E 378 -28.81 -0.18 -0.09
CA VAL E 378 -27.76 -0.69 -0.98
C VAL E 378 -28.23 -1.97 -1.66
N GLU E 379 -28.92 -2.84 -0.91
CA GLU E 379 -29.45 -4.07 -1.51
C GLU E 379 -30.25 -3.77 -2.77
N ASN E 380 -31.08 -2.72 -2.73
CA ASN E 380 -31.85 -2.34 -3.90
C ASN E 380 -31.06 -1.45 -4.84
N LEU E 381 -30.28 -0.51 -4.30
CA LEU E 381 -29.52 0.40 -5.15
C LEU E 381 -28.60 -0.36 -6.09
N ILE E 382 -27.96 -1.42 -5.61
CA ILE E 382 -27.03 -2.18 -6.43
C ILE E 382 -27.77 -3.10 -7.39
N LYS E 383 -28.85 -3.74 -6.91
CA LYS E 383 -29.67 -4.59 -7.78
C LYS E 383 -30.22 -3.81 -8.97
N GLU E 384 -30.91 -2.71 -8.70
CA GLU E 384 -31.60 -1.95 -9.75
C GLU E 384 -30.67 -1.08 -10.59
N ALA E 385 -29.44 -0.87 -10.16
CA ALA E 385 -28.53 0.01 -10.89
C ALA E 385 -28.23 -0.55 -12.28
N PRO E 386 -28.09 0.32 -13.29
CA PRO E 386 -27.72 -0.11 -14.65
C PRO E 386 -26.32 -0.67 -14.71
N LEU F 4 -25.43 55.26 25.06
CA LEU F 4 -25.87 53.87 25.20
C LEU F 4 -24.77 53.03 25.82
N LYS F 5 -25.11 52.32 26.90
CA LYS F 5 -24.15 51.59 27.71
C LYS F 5 -24.38 50.09 27.57
N GLY F 6 -23.39 49.38 27.04
CA GLY F 6 -23.48 47.95 26.87
C GLY F 6 -22.22 47.20 27.29
N ARG F 7 -22.10 45.96 26.85
CA ARG F 7 -20.99 45.08 27.21
C ARG F 7 -19.81 45.32 26.27
N LYS F 8 -18.67 44.72 26.61
CA LYS F 8 -17.49 44.72 25.75
C LYS F 8 -17.21 43.30 25.26
N ILE F 9 -17.00 43.16 23.96
CA ILE F 9 -16.60 41.90 23.35
C ILE F 9 -15.14 41.96 22.87
N VAL F 10 -14.79 43.03 22.16
CA VAL F 10 -13.41 43.30 21.77
C VAL F 10 -13.15 44.79 21.93
N GLY F 11 -12.05 45.14 22.58
CA GLY F 11 -11.77 46.53 22.88
C GLY F 11 -11.33 47.34 21.67
N GLY F 12 -11.49 48.65 21.81
CA GLY F 12 -11.15 49.58 20.75
C GLY F 12 -12.01 50.83 20.86
N LYS F 13 -11.71 51.78 19.98
CA LYS F 13 -12.46 53.03 19.92
C LYS F 13 -12.45 53.53 18.48
N ALA F 14 -13.62 53.99 18.02
CA ALA F 14 -13.73 54.48 16.65
C ALA F 14 -14.88 55.47 16.56
N GLU F 15 -14.90 56.22 15.46
CA GLU F 15 -15.94 57.19 15.15
C GLU F 15 -16.16 57.18 13.64
N GLY F 16 -17.42 57.14 13.22
CA GLY F 16 -17.70 57.08 11.80
C GLY F 16 -19.18 57.14 11.52
N GLU F 17 -19.54 56.79 10.29
CA GLU F 17 -20.92 56.86 9.83
C GLU F 17 -21.62 55.52 10.03
N VAL F 18 -22.89 55.59 10.44
CA VAL F 18 -23.64 54.41 10.86
C VAL F 18 -24.40 53.83 9.67
N ILE F 19 -24.31 52.52 9.50
CA ILE F 19 -25.15 51.76 8.58
C ILE F 19 -25.93 50.74 9.40
N VAL F 20 -27.22 50.61 9.11
CA VAL F 20 -28.12 49.81 9.94
C VAL F 20 -28.80 48.77 9.07
N SER F 21 -28.68 47.50 9.46
CA SER F 21 -29.44 46.40 8.91
C SER F 21 -30.23 45.78 10.04
N ARG F 22 -31.55 45.63 9.85
CA ARG F 22 -32.38 44.97 10.84
C ARG F 22 -32.57 43.49 10.57
N LYS F 23 -32.16 43.01 9.39
CA LYS F 23 -32.14 41.59 9.08
C LYS F 23 -30.82 40.98 9.56
N PRO F 24 -30.85 39.77 10.14
CA PRO F 24 -29.59 39.08 10.47
C PRO F 24 -28.67 38.96 9.26
N LEU F 25 -27.38 38.83 9.50
CA LEU F 25 -26.39 38.89 8.44
C LEU F 25 -25.41 37.74 8.59
N SER F 26 -25.34 36.89 7.57
CA SER F 26 -24.33 35.84 7.51
C SER F 26 -23.21 36.27 6.58
N PHE F 27 -21.97 36.05 7.02
CA PHE F 27 -20.82 36.61 6.31
C PHE F 27 -20.24 35.69 5.26
N LEU F 28 -20.38 34.38 5.40
CA LEU F 28 -19.86 33.45 4.39
C LEU F 28 -20.76 33.51 3.17
N GLY F 29 -20.26 34.08 2.08
CA GLY F 29 -21.02 34.21 0.85
C GLY F 29 -22.14 35.23 0.89
N GLY F 30 -22.44 35.79 2.05
CA GLY F 30 -23.43 36.86 2.15
C GLY F 30 -22.81 38.23 2.02
N VAL F 31 -21.52 38.33 2.34
CA VAL F 31 -20.75 39.56 2.16
C VAL F 31 -19.58 39.26 1.24
N ASP F 32 -19.32 40.16 0.31
CA ASP F 32 -18.17 40.02 -0.58
C ASP F 32 -16.91 40.35 0.21
N PRO F 33 -15.97 39.40 0.36
CA PRO F 33 -14.77 39.68 1.17
C PRO F 33 -13.76 40.59 0.50
N GLU F 34 -13.79 40.70 -0.83
CA GLU F 34 -12.84 41.57 -1.52
C GLU F 34 -13.30 43.03 -1.51
N THR F 35 -14.62 43.26 -1.52
CA THR F 35 -15.17 44.60 -1.71
C THR F 35 -15.88 45.15 -0.48
N GLY F 36 -16.28 44.30 0.47
CA GLY F 36 -17.09 44.73 1.57
C GLY F 36 -18.54 44.98 1.24
N ILE F 37 -18.92 44.85 -0.03
CA ILE F 37 -20.30 45.08 -0.45
C ILE F 37 -21.16 43.91 -0.01
N VAL F 38 -22.30 44.21 0.60
CA VAL F 38 -23.25 43.16 0.93
C VAL F 38 -23.69 42.46 -0.35
N THR F 39 -23.61 41.14 -0.36
CA THR F 39 -24.15 40.34 -1.44
C THR F 39 -25.23 39.38 -0.95
N ASP F 40 -25.48 39.34 0.36
CA ASP F 40 -26.64 38.66 0.91
C ASP F 40 -27.91 39.27 0.34
N ALA F 41 -28.75 38.43 -0.28
CA ALA F 41 -29.94 38.93 -0.94
C ALA F 41 -31.06 39.24 0.03
N GLU F 42 -31.15 38.51 1.15
CA GLU F 42 -32.26 38.64 2.09
C GLU F 42 -32.15 39.85 2.99
N SER F 43 -31.06 40.61 2.93
CA SER F 43 -30.83 41.71 3.85
C SER F 43 -31.52 42.97 3.34
N ASP F 44 -31.29 44.08 4.03
CA ASP F 44 -31.89 45.37 3.68
C ASP F 44 -30.86 46.41 3.29
N ILE F 45 -29.58 46.08 3.31
CA ILE F 45 -28.54 46.92 2.75
C ILE F 45 -27.95 46.18 1.56
N ARG F 46 -28.84 45.75 0.65
CA ARG F 46 -28.51 44.69 -0.30
C ARG F 46 -27.22 44.97 -1.07
N GLY F 47 -26.89 46.23 -1.31
CA GLY F 47 -25.73 46.53 -2.11
C GLY F 47 -24.76 47.51 -1.47
N GLN F 48 -25.00 47.86 -0.21
CA GLN F 48 -24.18 48.84 0.47
C GLN F 48 -22.87 48.25 0.95
N SER F 49 -21.84 49.10 1.00
CA SER F 49 -20.51 48.69 1.46
C SER F 49 -20.39 48.89 2.96
N ILE F 50 -19.73 47.93 3.62
CA ILE F 50 -19.50 48.00 5.06
C ILE F 50 -18.10 48.50 5.37
N ALA F 51 -17.29 48.82 4.36
CA ALA F 51 -15.92 49.24 4.58
C ALA F 51 -15.87 50.56 5.35
N GLY F 52 -15.18 50.56 6.48
CA GLY F 52 -14.95 51.76 7.26
C GLY F 52 -16.13 52.26 8.06
N LYS F 53 -17.33 51.71 7.86
CA LYS F 53 -18.51 52.21 8.55
C LYS F 53 -18.64 51.57 9.94
N ILE F 54 -19.68 51.97 10.66
CA ILE F 54 -19.98 51.42 11.98
C ILE F 54 -21.19 50.51 11.79
N LEU F 55 -20.91 49.23 11.57
CA LEU F 55 -21.96 48.27 11.26
C LEU F 55 -22.85 48.02 12.48
N VAL F 56 -24.15 47.96 12.24
CA VAL F 56 -25.13 47.63 13.27
C VAL F 56 -26.13 46.64 12.68
N PHE F 57 -26.32 45.50 13.37
CA PHE F 57 -27.26 44.47 12.93
C PHE F 57 -27.60 43.60 14.14
N PRO F 58 -28.81 43.02 14.19
CA PRO F 58 -29.25 42.37 15.43
C PRO F 58 -28.41 41.16 15.82
N ARG F 59 -28.03 40.31 14.86
CA ARG F 59 -27.21 39.15 15.13
C ARG F 59 -26.67 38.64 13.81
N GLY F 60 -25.67 37.77 13.90
CA GLY F 60 -25.17 37.06 12.74
C GLY F 60 -25.82 35.69 12.63
N LYS F 61 -26.01 35.23 11.39
CA LYS F 61 -26.62 33.94 11.13
C LYS F 61 -25.66 33.08 10.31
N GLY F 62 -26.11 31.87 10.00
CA GLY F 62 -25.44 31.03 9.02
C GLY F 62 -24.19 30.28 9.48
N SER F 63 -23.16 30.34 8.64
CA SER F 63 -22.03 29.41 8.73
C SER F 63 -21.08 29.80 9.85
N THR F 64 -20.66 28.80 10.62
CA THR F 64 -19.64 29.00 11.65
C THR F 64 -18.33 29.52 11.06
N VAL F 65 -18.13 29.32 9.75
CA VAL F 65 -16.91 29.75 9.07
C VAL F 65 -16.96 31.22 8.66
N GLY F 66 -18.10 31.90 8.88
CA GLY F 66 -18.16 33.32 8.59
C GLY F 66 -17.11 34.13 9.32
N SER F 67 -16.60 33.61 10.45
CA SER F 67 -15.58 34.33 11.21
C SER F 67 -14.35 34.61 10.36
N TYR F 68 -13.92 33.65 9.54
CA TYR F 68 -12.75 33.86 8.69
C TYR F 68 -13.07 34.82 7.55
N VAL F 69 -14.33 34.94 7.15
CA VAL F 69 -14.69 35.91 6.12
C VAL F 69 -14.46 37.32 6.63
N ILE F 70 -14.78 37.56 7.89
CA ILE F 70 -14.56 38.88 8.50
C ILE F 70 -13.06 39.17 8.57
N TYR F 71 -12.25 38.15 8.84
CA TYR F 71 -10.81 38.35 8.91
C TYR F 71 -10.24 38.66 7.53
N ALA F 72 -10.77 38.03 6.48
CA ALA F 72 -10.35 38.36 5.13
C ALA F 72 -10.72 39.78 4.76
N LEU F 73 -11.75 40.34 5.41
CA LEU F 73 -12.10 41.74 5.21
C LEU F 73 -11.13 42.67 5.92
N LYS F 74 -10.50 42.21 7.01
CA LYS F 74 -9.53 43.04 7.72
C LYS F 74 -8.21 43.12 6.96
N LYS F 75 -7.74 42.00 6.43
CA LYS F 75 -6.54 42.03 5.59
C LYS F 75 -6.81 42.68 4.25
N ASN F 76 -8.03 42.54 3.72
CA ASN F 76 -8.41 43.28 2.51
C ASN F 76 -8.66 44.75 2.79
N ASN F 77 -8.55 45.19 4.06
CA ASN F 77 -8.73 46.57 4.50
C ASN F 77 -10.16 47.06 4.32
N LYS F 78 -11.05 46.23 3.80
CA LYS F 78 -12.45 46.59 3.59
C LYS F 78 -13.31 46.26 4.81
N ALA F 79 -12.71 46.09 5.98
CA ALA F 79 -13.45 45.76 7.19
C ALA F 79 -13.99 47.02 7.86
N PRO F 80 -15.13 46.91 8.53
CA PRO F 80 -15.69 48.09 9.21
C PRO F 80 -14.77 48.59 10.32
N LYS F 81 -15.04 49.83 10.77
CA LYS F 81 -14.29 50.40 11.87
C LYS F 81 -14.65 49.72 13.19
N ALA F 82 -15.94 49.45 13.40
CA ALA F 82 -16.41 48.80 14.62
C ALA F 82 -17.73 48.14 14.33
N ILE F 83 -18.18 47.30 15.27
CA ILE F 83 -19.41 46.52 15.14
C ILE F 83 -20.25 46.70 16.39
N ILE F 84 -21.55 46.89 16.21
CA ILE F 84 -22.50 47.02 17.31
C ILE F 84 -23.60 45.99 17.09
N VAL F 85 -23.60 44.95 17.93
CA VAL F 85 -24.58 43.89 17.83
C VAL F 85 -25.53 43.99 19.03
N GLY F 86 -26.65 43.28 18.95
CA GLY F 86 -27.58 43.20 20.07
C GLY F 86 -27.15 42.14 21.07
N GLU F 87 -26.95 40.92 20.59
CA GLU F 87 -26.36 39.85 21.39
C GLU F 87 -25.32 39.17 20.50
N ALA F 88 -24.04 39.47 20.75
CA ALA F 88 -22.96 38.89 19.98
C ALA F 88 -23.04 37.36 20.02
N GLU F 89 -22.78 36.74 18.87
CA GLU F 89 -22.79 35.29 18.75
C GLU F 89 -21.47 34.82 18.13
N THR F 90 -21.24 33.51 18.21
CA THR F 90 -19.93 32.95 17.88
C THR F 90 -19.50 33.27 16.45
N ILE F 91 -20.46 33.42 15.53
CA ILE F 91 -20.11 33.65 14.13
C ILE F 91 -19.44 34.99 13.93
N VAL F 92 -19.86 36.01 14.69
CA VAL F 92 -19.47 37.39 14.43
C VAL F 92 -18.49 37.90 15.48
N ALA F 93 -18.66 37.48 16.73
CA ALA F 93 -17.69 37.86 17.77
C ALA F 93 -16.33 37.27 17.48
N THR F 94 -16.28 35.99 17.06
CA THR F 94 -15.02 35.39 16.67
C THR F 94 -14.44 36.07 15.43
N GLY F 95 -15.29 36.62 14.57
CA GLY F 95 -14.80 37.40 13.45
C GLY F 95 -14.09 38.67 13.90
N ALA F 96 -14.57 39.28 14.99
CA ALA F 96 -13.95 40.50 15.51
C ALA F 96 -12.68 40.19 16.29
N ILE F 97 -12.73 39.18 17.16
CA ILE F 97 -11.58 38.83 18.00
C ILE F 97 -10.34 38.63 17.14
N ILE F 98 -10.46 37.80 16.09
CA ILE F 98 -9.30 37.50 15.25
C ILE F 98 -8.93 38.68 14.37
N SER F 99 -9.85 39.61 14.12
CA SER F 99 -9.56 40.80 13.34
C SER F 99 -9.32 42.04 14.20
N ASP F 100 -9.53 41.93 15.51
CA ASP F 100 -9.39 43.05 16.46
C ASP F 100 -10.34 44.19 16.14
N ILE F 101 -11.51 43.88 15.62
CA ILE F 101 -12.52 44.90 15.36
C ILE F 101 -13.25 45.22 16.67
N PRO F 102 -13.34 46.48 17.06
CA PRO F 102 -14.08 46.82 18.28
C PRO F 102 -15.53 46.39 18.19
N MET F 103 -16.01 45.71 19.23
CA MET F 103 -17.37 45.19 19.22
C MET F 103 -18.03 45.40 20.58
N VAL F 104 -19.30 45.78 20.54
CA VAL F 104 -20.09 46.05 21.73
C VAL F 104 -21.49 45.48 21.50
N ASP F 105 -21.94 44.62 22.41
CA ASP F 105 -23.29 44.08 22.34
C ASP F 105 -24.06 44.45 23.60
N GLY F 106 -25.38 44.27 23.54
CA GLY F 106 -26.24 44.77 24.59
C GLY F 106 -26.61 46.22 24.44
N VAL F 107 -26.73 46.70 23.19
CA VAL F 107 -27.02 48.09 22.88
C VAL F 107 -28.34 48.14 22.14
N ASP F 108 -29.24 49.03 22.55
CA ASP F 108 -30.50 49.22 21.85
C ASP F 108 -30.23 49.71 20.43
N VAL F 109 -30.21 48.78 19.47
CA VAL F 109 -29.88 49.13 18.10
C VAL F 109 -31.03 49.88 17.42
N SER F 110 -32.25 49.78 17.97
CA SER F 110 -33.36 50.60 17.48
C SER F 110 -33.22 52.06 17.91
N LYS F 111 -32.20 52.38 18.71
CA LYS F 111 -31.83 53.76 18.99
C LYS F 111 -30.81 54.29 18.00
N LEU F 112 -30.51 53.53 16.95
CA LEU F 112 -29.62 53.96 15.88
C LEU F 112 -30.34 53.79 14.54
N LYS F 113 -30.16 54.77 13.66
CA LYS F 113 -30.72 54.73 12.33
C LYS F 113 -29.64 55.13 11.33
N THR F 114 -29.82 54.71 10.08
CA THR F 114 -28.79 54.88 9.06
C THR F 114 -28.40 56.34 8.91
N GLY F 115 -27.09 56.58 8.86
CA GLY F 115 -26.55 57.89 8.56
C GLY F 115 -26.00 58.66 9.74
N MET F 116 -26.26 58.22 10.97
CA MET F 116 -25.80 58.94 12.15
C MET F 116 -24.28 59.01 12.20
N LYS F 117 -23.79 59.88 13.08
CA LYS F 117 -22.37 59.97 13.42
C LYS F 117 -22.21 59.51 14.86
N VAL F 118 -21.45 58.43 15.07
CA VAL F 118 -21.48 57.68 16.33
C VAL F 118 -20.06 57.44 16.82
N ARG F 119 -19.87 57.59 18.14
CA ARG F 119 -18.63 57.26 18.82
C ARG F 119 -18.84 56.01 19.67
N VAL F 120 -17.99 55.01 19.48
CA VAL F 120 -18.05 53.76 20.24
C VAL F 120 -16.82 53.68 21.13
N ASP F 121 -17.05 53.52 22.44
CA ASP F 121 -16.00 53.24 23.40
C ASP F 121 -16.15 51.77 23.77
N ALA F 122 -15.47 50.91 23.02
CA ALA F 122 -15.67 49.46 23.13
C ALA F 122 -15.03 48.86 24.36
N ASP F 123 -14.30 49.63 25.16
CA ASP F 123 -13.71 49.11 26.39
C ASP F 123 -14.63 49.26 27.58
N SER F 124 -15.59 50.18 27.53
CA SER F 124 -16.64 50.28 28.51
C SER F 124 -17.98 49.81 27.97
N GLY F 125 -18.05 49.47 26.68
CA GLY F 125 -19.31 49.13 26.06
C GLY F 125 -20.25 50.31 25.91
N GLU F 126 -19.71 51.47 25.55
CA GLU F 126 -20.51 52.69 25.47
C GLU F 126 -20.51 53.24 24.05
N VAL F 127 -21.68 53.71 23.63
CA VAL F 127 -21.89 54.30 22.31
C VAL F 127 -22.43 55.71 22.51
N GLU F 128 -21.91 56.65 21.72
CA GLU F 128 -22.30 58.06 21.81
C GLU F 128 -22.71 58.57 20.43
N ILE F 129 -23.97 58.95 20.29
CA ILE F 129 -24.45 59.57 19.06
C ILE F 129 -24.02 61.02 19.05
N LEU F 130 -23.52 61.48 17.90
CA LEU F 130 -23.05 62.85 17.75
C LEU F 130 -23.93 63.58 16.76
N GLU F 131 -24.32 64.80 17.09
CA GLU F 131 -25.43 65.49 16.43
C GLU F 131 -25.06 66.91 16.01
N MET G 1 -31.96 -25.67 29.24
CA MET G 1 -31.90 -24.48 28.39
C MET G 1 -32.97 -24.54 27.31
N TYR G 2 -33.72 -23.46 27.14
CA TYR G 2 -34.74 -23.39 26.10
C TYR G 2 -34.07 -23.19 24.75
N LEU G 3 -34.36 -24.08 23.81
CA LEU G 3 -33.95 -23.94 22.43
C LEU G 3 -35.19 -23.71 21.58
N THR G 4 -35.15 -22.66 20.76
CA THR G 4 -36.26 -22.43 19.84
C THR G 4 -36.46 -23.64 18.94
N LYS G 5 -37.65 -23.75 18.36
CA LYS G 5 -37.94 -24.90 17.51
C LYS G 5 -36.92 -25.01 16.39
N GLU G 6 -36.38 -23.87 15.95
CA GLU G 6 -35.32 -23.88 14.94
C GLU G 6 -34.00 -24.36 15.53
N GLU G 7 -33.62 -23.83 16.71
CA GLU G 7 -32.40 -24.31 17.36
C GLU G 7 -32.46 -25.81 17.60
N GLU G 8 -33.66 -26.35 17.88
CA GLU G 8 -33.81 -27.79 18.06
C GLU G 8 -33.68 -28.56 16.74
N LEU G 9 -33.76 -27.88 15.61
CA LEU G 9 -33.45 -28.53 14.33
C LEU G 9 -31.96 -28.53 14.07
N ILE G 10 -31.32 -27.37 14.26
CA ILE G 10 -29.85 -27.28 14.17
C ILE G 10 -29.21 -28.37 15.01
N LEU G 11 -29.62 -28.45 16.29
CA LEU G 11 -29.05 -29.45 17.20
C LEU G 11 -29.32 -30.88 16.71
N ALA G 12 -30.40 -31.08 15.97
CA ALA G 12 -30.74 -32.40 15.44
C ALA G 12 -30.08 -32.71 14.11
N GLY G 13 -29.16 -31.85 13.65
CA GLY G 13 -28.42 -32.09 12.43
C GLY G 13 -29.07 -31.61 11.16
N GLU G 14 -30.27 -31.02 11.25
CA GLU G 14 -31.00 -30.59 10.07
C GLU G 14 -30.22 -29.60 9.21
N TYR G 15 -29.18 -28.96 9.75
CA TYR G 15 -28.47 -27.91 9.03
C TYR G 15 -27.01 -28.25 8.78
N GLY G 16 -26.61 -29.50 8.94
CA GLY G 16 -25.26 -29.89 8.58
C GLY G 16 -24.41 -30.21 9.79
N TYR G 17 -23.40 -31.06 9.57
CA TYR G 17 -22.55 -31.54 10.67
C TYR G 17 -21.92 -30.38 11.41
N ALA G 18 -21.57 -29.31 10.69
CA ALA G 18 -20.89 -28.18 11.32
C ALA G 18 -21.79 -27.50 12.34
N LEU G 19 -22.97 -27.01 11.90
CA LEU G 19 -23.86 -26.31 12.79
C LEU G 19 -24.30 -27.18 13.96
N GLN G 20 -24.56 -28.46 13.70
CA GLN G 20 -25.01 -29.35 14.77
C GLN G 20 -24.00 -29.42 15.90
N LYS G 21 -22.71 -29.57 15.54
CA LYS G 21 -21.70 -29.72 16.57
C LYS G 21 -21.46 -28.42 17.32
N ALA G 22 -21.50 -27.28 16.60
CA ALA G 22 -21.43 -25.99 17.27
C ALA G 22 -22.56 -25.84 18.28
N MET G 23 -23.74 -26.35 17.94
CA MET G 23 -24.86 -26.33 18.86
C MET G 23 -24.66 -27.32 20.01
N GLU G 24 -24.22 -28.54 19.68
CA GLU G 24 -23.93 -29.53 20.72
C GLU G 24 -22.93 -28.98 21.73
N ILE G 25 -22.00 -28.13 21.28
CA ILE G 25 -21.09 -27.47 22.19
C ILE G 25 -21.85 -26.48 23.08
N LEU G 26 -22.71 -25.68 22.47
CA LEU G 26 -23.41 -24.64 23.22
C LEU G 26 -24.38 -25.22 24.22
N VAL G 27 -25.11 -26.28 23.85
CA VAL G 27 -26.05 -26.88 24.77
C VAL G 27 -25.33 -27.48 25.98
N ALA G 28 -24.08 -27.91 25.80
CA ALA G 28 -23.31 -28.37 26.94
C ALA G 28 -22.82 -27.19 27.79
N LEU G 29 -22.37 -26.12 27.15
CA LEU G 29 -22.01 -24.91 27.88
C LEU G 29 -23.20 -24.35 28.65
N GLY G 30 -24.39 -24.34 28.03
CA GLY G 30 -25.56 -23.85 28.72
C GLY G 30 -25.91 -24.67 29.94
N ASP G 31 -25.84 -26.00 29.81
CA ASP G 31 -26.13 -26.87 30.95
C ASP G 31 -25.07 -26.76 32.03
N ILE G 32 -23.81 -26.58 31.64
CA ILE G 32 -22.72 -26.52 32.62
C ILE G 32 -22.84 -25.25 33.46
N TYR G 33 -23.12 -24.12 32.82
CA TYR G 33 -23.27 -22.84 33.52
C TYR G 33 -24.73 -22.47 33.76
N GLY G 34 -25.68 -23.32 33.38
CA GLY G 34 -27.08 -23.10 33.71
C GLY G 34 -27.65 -21.80 33.18
N ALA G 35 -27.85 -21.73 31.87
CA ALA G 35 -28.39 -20.55 31.22
C ALA G 35 -29.78 -20.82 30.67
N ASP G 36 -30.58 -19.76 30.57
CA ASP G 36 -31.97 -19.92 30.14
C ASP G 36 -32.06 -20.34 28.69
N ARG G 37 -31.41 -19.59 27.81
CA ARG G 37 -31.56 -19.76 26.37
C ARG G 37 -30.35 -19.18 25.67
N LEU G 38 -30.27 -19.43 24.37
CA LEU G 38 -29.24 -18.80 23.55
C LEU G 38 -29.72 -17.43 23.11
N ILE G 39 -28.92 -16.41 23.39
CA ILE G 39 -29.21 -15.05 22.93
C ILE G 39 -28.47 -14.82 21.62
N PRO G 40 -29.01 -14.04 20.70
CA PRO G 40 -28.22 -13.61 19.54
C PRO G 40 -27.04 -12.77 19.99
N ILE G 41 -25.90 -13.00 19.35
CA ILE G 41 -24.70 -12.20 19.56
C ILE G 41 -24.47 -11.39 18.30
N LYS G 42 -24.07 -10.14 18.47
CA LYS G 42 -23.89 -9.24 17.32
C LYS G 42 -22.52 -9.37 16.67
N SER G 43 -21.57 -10.00 17.33
CA SER G 43 -20.27 -10.29 16.74
C SER G 43 -19.56 -11.33 17.58
N ALA G 44 -18.41 -11.80 17.07
CA ALA G 44 -17.61 -12.78 17.79
C ALA G 44 -16.14 -12.46 17.58
N GLN G 45 -15.30 -13.25 18.26
CA GLN G 45 -13.84 -13.05 18.25
C GLN G 45 -13.24 -14.37 18.72
N VAL G 46 -12.71 -15.14 17.78
CA VAL G 46 -12.32 -16.52 18.05
C VAL G 46 -10.88 -16.57 18.53
N ALA G 47 -10.66 -17.25 19.64
CA ALA G 47 -9.33 -17.58 20.11
C ALA G 47 -8.90 -18.95 19.57
N GLY G 48 -7.62 -19.25 19.73
CA GLY G 48 -7.07 -20.44 19.12
C GLY G 48 -6.56 -20.15 17.73
N VAL G 49 -5.50 -19.34 17.64
CA VAL G 49 -4.98 -18.84 16.39
C VAL G 49 -3.49 -19.18 16.21
N SER G 50 -2.68 -18.88 17.21
CA SER G 50 -1.24 -19.12 17.11
C SER G 50 -0.94 -20.61 17.02
N TYR G 51 -0.09 -20.97 16.05
CA TYR G 51 0.36 -22.35 15.94
C TYR G 51 1.04 -22.83 17.22
N LYS G 52 1.58 -21.91 18.02
CA LYS G 52 2.15 -22.29 19.30
C LYS G 52 1.09 -22.93 20.20
N ASN G 53 -0.09 -22.33 20.28
CA ASN G 53 -1.15 -22.86 21.13
C ASN G 53 -1.79 -24.10 20.50
N ILE G 54 -2.51 -23.92 19.39
CA ILE G 54 -3.37 -24.97 18.87
C ILE G 54 -2.60 -26.20 18.39
N GLY G 55 -1.31 -26.05 18.11
CA GLY G 55 -0.49 -27.16 17.65
C GLY G 55 -1.02 -27.73 16.33
N ASP G 56 -0.69 -29.00 16.10
CA ASP G 56 -1.27 -29.70 14.96
C ASP G 56 -2.66 -30.23 15.27
N ALA G 57 -2.92 -30.51 16.54
CA ALA G 57 -4.28 -30.87 16.95
C ALA G 57 -5.27 -29.79 16.54
N GLY G 58 -4.92 -28.53 16.80
CA GLY G 58 -5.81 -27.43 16.42
C GLY G 58 -6.05 -27.37 14.93
N ILE G 59 -4.98 -27.52 14.14
CA ILE G 59 -5.14 -27.54 12.69
C ILE G 59 -5.95 -28.75 12.26
N GLU G 60 -5.79 -29.89 12.95
CA GLU G 60 -6.52 -31.10 12.57
C GLU G 60 -8.02 -30.88 12.66
N PHE G 61 -8.49 -30.24 13.74
CA PHE G 61 -9.91 -29.94 13.83
C PHE G 61 -10.33 -28.90 12.81
N LEU G 62 -9.63 -27.76 12.76
CA LEU G 62 -9.98 -26.69 11.84
C LEU G 62 -10.00 -27.20 10.39
N ARG G 63 -9.03 -28.02 10.02
CA ARG G 63 -9.06 -28.66 8.71
C ARG G 63 -10.32 -29.49 8.53
N ASP G 64 -10.60 -30.37 9.50
CA ASP G 64 -11.77 -31.24 9.39
C ASP G 64 -13.07 -30.43 9.43
N PHE G 65 -13.09 -29.38 10.25
CA PHE G 65 -14.33 -28.63 10.40
C PHE G 65 -14.65 -27.83 9.15
N VAL G 66 -13.63 -27.36 8.43
CA VAL G 66 -13.88 -26.64 7.19
C VAL G 66 -14.34 -27.62 6.11
N GLU G 67 -13.92 -28.89 6.20
CA GLU G 67 -14.43 -29.92 5.29
C GLU G 67 -15.96 -30.00 5.35
N ALA G 68 -16.50 -30.08 6.56
CA ALA G 68 -17.94 -30.17 6.78
C ALA G 68 -18.68 -28.87 6.47
N GLY G 69 -18.01 -27.87 5.90
CA GLY G 69 -18.70 -26.66 5.47
C GLY G 69 -18.96 -25.66 6.56
N ALA G 70 -18.15 -25.65 7.62
CA ALA G 70 -18.39 -24.78 8.75
C ALA G 70 -18.17 -23.33 8.35
N LYS G 71 -19.26 -22.55 8.33
CA LYS G 71 -19.18 -21.11 8.13
C LYS G 71 -19.72 -20.41 9.37
N VAL G 72 -19.25 -19.18 9.60
CA VAL G 72 -19.77 -18.36 10.69
C VAL G 72 -21.06 -17.70 10.24
N SER G 73 -22.02 -17.59 11.16
CA SER G 73 -23.27 -16.91 10.86
C SER G 73 -23.18 -15.42 11.08
N VAL G 74 -22.31 -14.97 11.98
CA VAL G 74 -22.18 -13.56 12.30
C VAL G 74 -20.81 -13.07 11.90
N TYR G 75 -20.66 -11.74 11.87
CA TYR G 75 -19.39 -11.06 11.75
C TYR G 75 -18.46 -11.46 12.89
N THR G 76 -17.37 -12.16 12.59
CA THR G 76 -16.42 -12.57 13.63
C THR G 76 -15.01 -12.19 13.22
N THR G 77 -14.15 -11.97 14.23
CA THR G 77 -12.74 -11.67 14.02
C THR G 77 -11.87 -12.75 14.65
N LEU G 78 -10.60 -12.44 14.89
CA LEU G 78 -9.64 -13.47 15.27
C LEU G 78 -8.67 -12.91 16.31
N ASN G 79 -8.22 -13.79 17.18
CA ASN G 79 -7.14 -13.46 18.10
C ASN G 79 -5.84 -13.33 17.31
N PRO G 80 -4.83 -12.66 17.87
CA PRO G 80 -3.59 -12.43 17.11
C PRO G 80 -2.84 -13.71 16.82
N ALA G 81 -2.03 -13.66 15.75
CA ALA G 81 -1.28 -14.80 15.27
C ALA G 81 0.13 -14.79 15.85
N GLY G 82 1.00 -15.67 15.33
CA GLY G 82 2.34 -15.83 15.84
C GLY G 82 3.42 -15.28 14.92
N ILE G 83 4.66 -15.42 15.38
CA ILE G 83 5.84 -14.96 14.68
C ILE G 83 6.94 -16.00 14.88
N GLY G 84 7.58 -16.42 13.79
CA GLY G 84 8.63 -17.40 13.91
C GLY G 84 9.28 -17.70 12.57
N ASP G 85 10.08 -18.77 12.55
CA ASP G 85 10.67 -19.27 11.32
C ASP G 85 9.58 -19.81 10.40
N ASP G 86 9.97 -20.20 9.18
CA ASP G 86 8.99 -20.45 8.13
C ASP G 86 8.21 -21.75 8.35
N GLU G 87 8.81 -22.75 8.99
CA GLU G 87 8.05 -23.93 9.39
C GLU G 87 6.89 -23.52 10.28
N PHE G 88 7.14 -22.59 11.19
CA PHE G 88 6.07 -22.03 12.02
C PHE G 88 5.09 -21.23 11.19
N MET G 89 5.58 -20.40 10.27
CA MET G 89 4.70 -19.50 9.55
C MET G 89 3.89 -20.25 8.48
N GLU G 90 4.49 -21.26 7.84
CA GLU G 90 3.75 -22.05 6.86
C GLU G 90 2.50 -22.66 7.49
N LYS G 91 2.62 -23.16 8.72
CA LYS G 91 1.47 -23.67 9.45
C LYS G 91 0.64 -22.56 10.07
N GLN G 92 1.22 -21.37 10.27
CA GLN G 92 0.45 -20.26 10.83
C GLN G 92 -0.52 -19.69 9.80
N MET G 93 -0.08 -19.54 8.54
CA MET G 93 -0.99 -19.11 7.49
C MET G 93 -1.96 -20.21 7.09
N GLU G 94 -1.60 -21.48 7.36
CA GLU G 94 -2.56 -22.57 7.24
C GLU G 94 -3.72 -22.38 8.20
N VAL G 95 -3.41 -22.00 9.44
CA VAL G 95 -4.45 -21.72 10.43
C VAL G 95 -5.34 -20.57 9.97
N LEU G 96 -4.71 -19.44 9.62
CA LEU G 96 -5.47 -18.26 9.22
C LEU G 96 -6.32 -18.52 7.99
N GLU G 97 -5.88 -19.42 7.11
CA GLU G 97 -6.65 -19.71 5.91
C GLU G 97 -7.88 -20.56 6.24
N LEU G 98 -7.74 -21.52 7.15
CA LEU G 98 -8.89 -22.26 7.63
C LEU G 98 -9.94 -21.33 8.22
N TYR G 99 -9.53 -20.43 9.11
CA TYR G 99 -10.45 -19.45 9.66
C TYR G 99 -11.04 -18.58 8.55
N ARG G 100 -10.21 -18.17 7.59
CA ARG G 100 -10.68 -17.37 6.46
C ARG G 100 -11.76 -18.09 5.67
N LYS G 101 -11.61 -19.41 5.48
CA LYS G 101 -12.56 -20.17 4.67
C LYS G 101 -13.90 -20.35 5.37
N MET G 102 -14.02 -19.94 6.62
CA MET G 102 -15.28 -20.04 7.36
C MET G 102 -16.05 -18.73 7.38
N GLY G 103 -15.61 -17.73 6.61
CA GLY G 103 -16.26 -16.44 6.59
C GLY G 103 -15.76 -15.46 7.62
N ILE G 104 -14.64 -15.76 8.28
CA ILE G 104 -14.12 -14.90 9.34
C ILE G 104 -13.31 -13.78 8.72
N GLU G 105 -13.50 -12.57 9.24
CA GLU G 105 -12.56 -11.50 8.95
C GLU G 105 -11.22 -11.86 9.61
N VAL G 106 -10.20 -12.08 8.79
CA VAL G 106 -8.89 -12.41 9.34
C VAL G 106 -8.24 -11.10 9.78
N THR G 107 -8.72 -10.53 10.89
CA THR G 107 -8.17 -9.29 11.42
C THR G 107 -7.05 -9.53 12.41
N SER G 108 -7.07 -10.66 13.11
CA SER G 108 -5.92 -11.14 13.90
C SER G 108 -5.46 -10.11 14.93
N THR G 109 -6.40 -9.49 15.64
CA THR G 109 -6.04 -8.44 16.58
C THR G 109 -6.83 -8.58 17.87
N CYS G 110 -6.18 -8.16 18.97
CA CYS G 110 -6.78 -8.11 20.29
C CYS G 110 -7.49 -6.79 20.55
N THR G 111 -7.36 -5.82 19.66
CA THR G 111 -8.12 -4.58 19.71
C THR G 111 -8.91 -4.42 18.42
N PRO G 112 -9.90 -5.29 18.18
CA PRO G 112 -10.78 -5.07 17.03
C PRO G 112 -11.58 -3.79 17.16
N TYR G 113 -11.74 -3.27 18.39
CA TYR G 113 -12.52 -2.05 18.63
C TYR G 113 -11.88 -0.80 18.04
N TYR G 114 -10.69 -0.90 17.43
CA TYR G 114 -10.13 0.16 16.59
C TYR G 114 -10.35 -0.24 15.14
N GLY G 115 -11.32 0.40 14.49
CA GLY G 115 -11.58 0.19 13.07
C GLY G 115 -12.41 -1.00 12.59
N ALA G 116 -12.08 -2.20 13.07
CA ALA G 116 -12.76 -3.41 12.62
C ALA G 116 -14.15 -3.55 13.24
N ASN G 117 -14.19 -3.93 14.52
CA ASN G 117 -15.42 -4.36 15.18
C ASN G 117 -15.62 -3.54 16.45
N LEU G 118 -16.41 -2.47 16.37
CA LEU G 118 -16.65 -1.60 17.51
C LEU G 118 -17.99 -1.93 18.14
N PRO G 119 -18.02 -2.68 19.25
CA PRO G 119 -19.30 -2.99 19.89
C PRO G 119 -19.92 -1.75 20.49
N LYS G 120 -21.25 -1.67 20.42
CA LYS G 120 -22.01 -0.61 21.07
C LYS G 120 -22.47 -1.08 22.44
N PHE G 121 -22.54 -0.11 23.37
CA PHE G 121 -23.06 -0.31 24.72
C PHE G 121 -24.20 -1.32 24.76
N GLY G 122 -24.08 -2.33 25.62
CA GLY G 122 -25.15 -3.25 25.86
C GLY G 122 -25.34 -4.33 24.81
N ASP G 123 -24.55 -4.34 23.74
CA ASP G 123 -24.64 -5.41 22.77
C ASP G 123 -24.15 -6.71 23.37
N HIS G 124 -24.78 -7.82 22.98
CA HIS G 124 -24.34 -9.14 23.40
C HIS G 124 -23.39 -9.71 22.34
N ILE G 125 -22.24 -10.20 22.78
CA ILE G 125 -21.21 -10.75 21.89
C ILE G 125 -20.54 -11.93 22.57
N ALA G 126 -19.72 -12.64 21.80
CA ALA G 126 -18.92 -13.76 22.29
C ALA G 126 -17.47 -13.50 21.90
N TRP G 127 -16.74 -12.81 22.78
CA TRP G 127 -15.34 -12.50 22.57
C TRP G 127 -14.47 -13.37 23.47
N SER G 128 -13.19 -13.44 23.15
CA SER G 128 -12.32 -14.40 23.82
C SER G 128 -11.08 -13.80 24.45
N GLU G 129 -10.46 -12.81 23.80
CA GLU G 129 -9.24 -12.24 24.33
C GLU G 129 -9.50 -11.53 25.65
N SER G 130 -8.67 -11.82 26.66
CA SER G 130 -8.88 -11.29 28.01
C SER G 130 -8.89 -9.76 28.00
N SER G 131 -7.91 -9.16 27.32
CA SER G 131 -7.89 -7.71 27.22
C SER G 131 -9.12 -7.20 26.48
N ALA G 132 -9.54 -7.92 25.43
CA ALA G 132 -10.68 -7.49 24.63
C ALA G 132 -11.99 -7.62 25.41
N VAL G 133 -12.17 -8.76 26.11
CA VAL G 133 -13.36 -8.94 26.93
C VAL G 133 -13.44 -7.84 27.99
N SER G 134 -12.36 -7.63 28.73
CA SER G 134 -12.35 -6.61 29.78
C SER G 134 -12.62 -5.22 29.20
N PHE G 135 -11.99 -4.89 28.07
CA PHE G 135 -12.24 -3.60 27.43
C PHE G 135 -13.68 -3.46 27.01
N ALA G 136 -14.22 -4.49 26.34
CA ALA G 136 -15.61 -4.44 25.90
C ALA G 136 -16.56 -4.36 27.09
N ASN G 137 -16.37 -5.23 28.08
CA ASN G 137 -17.26 -5.27 29.24
C ASN G 137 -17.20 -3.97 30.02
N SER G 138 -16.00 -3.46 30.26
CA SER G 138 -15.79 -2.39 31.22
C SER G 138 -15.84 -1.00 30.61
N ILE G 139 -15.14 -0.79 29.50
CA ILE G 139 -15.02 0.54 28.93
C ILE G 139 -16.05 0.83 27.83
N LEU G 140 -16.60 -0.21 27.19
CA LEU G 140 -17.65 -0.03 26.20
C LEU G 140 -19.05 -0.28 26.75
N GLY G 141 -19.19 -1.10 27.79
CA GLY G 141 -20.48 -1.45 28.33
C GLY G 141 -21.14 -2.64 27.67
N ALA G 142 -20.61 -3.11 26.54
CA ALA G 142 -21.12 -4.33 25.93
C ALA G 142 -20.86 -5.53 26.83
N ARG G 143 -21.53 -6.64 26.54
CA ARG G 143 -21.53 -7.79 27.42
C ARG G 143 -20.99 -9.01 26.70
N THR G 144 -20.00 -9.67 27.30
CA THR G 144 -19.57 -10.98 26.84
C THR G 144 -18.89 -11.71 27.98
N ASN G 145 -18.93 -13.03 27.90
CA ASN G 145 -18.14 -13.85 28.79
C ASN G 145 -16.71 -13.89 28.30
N ARG G 146 -15.81 -14.42 29.13
CA ARG G 146 -14.44 -14.69 28.71
C ARG G 146 -14.45 -16.02 27.95
N GLU G 147 -15.01 -15.96 26.74
CA GLU G 147 -15.26 -17.18 25.97
C GLU G 147 -13.96 -17.89 25.65
N GLY G 148 -13.95 -19.20 25.90
CA GLY G 148 -12.82 -20.02 25.56
C GLY G 148 -12.64 -20.13 24.05
N GLY G 149 -11.60 -20.87 23.66
CA GLY G 149 -11.30 -21.07 22.27
C GLY G 149 -12.44 -21.73 21.50
N PRO G 150 -12.71 -23.01 21.80
CA PRO G 150 -13.78 -23.70 21.07
C PRO G 150 -15.14 -23.05 21.19
N SER G 151 -15.51 -22.60 22.39
CA SER G 151 -16.81 -21.98 22.60
C SER G 151 -17.00 -20.77 21.70
N SER G 152 -15.97 -19.92 21.61
CA SER G 152 -16.06 -18.73 20.76
C SER G 152 -16.32 -19.10 19.31
N LEU G 153 -15.74 -20.21 18.85
CA LEU G 153 -15.99 -20.64 17.48
C LEU G 153 -17.42 -21.17 17.33
N ALA G 154 -17.88 -21.96 18.31
CA ALA G 154 -19.25 -22.48 18.24
C ALA G 154 -20.27 -21.36 18.18
N ALA G 155 -20.09 -20.35 19.04
CA ALA G 155 -20.97 -19.19 19.01
C ALA G 155 -20.89 -18.47 17.67
N ALA G 156 -19.67 -18.35 17.13
CA ALA G 156 -19.51 -17.74 15.80
C ALA G 156 -20.28 -18.51 14.74
N ILE G 157 -20.38 -19.83 14.89
CA ILE G 157 -21.02 -20.65 13.87
C ILE G 157 -22.53 -20.70 14.07
N VAL G 158 -22.97 -20.78 15.33
CA VAL G 158 -24.41 -20.80 15.62
C VAL G 158 -25.00 -19.39 15.55
N GLY G 159 -24.24 -18.39 15.98
CA GLY G 159 -24.72 -17.03 16.08
C GLY G 159 -25.24 -16.65 17.45
N LYS G 160 -25.01 -17.50 18.46
CA LYS G 160 -25.63 -17.34 19.77
C LYS G 160 -24.68 -17.85 20.84
N THR G 161 -24.92 -17.39 22.07
CA THR G 161 -24.18 -17.77 23.27
C THR G 161 -25.16 -18.16 24.36
N PRO G 162 -24.81 -19.12 25.22
CA PRO G 162 -25.57 -19.32 26.45
C PRO G 162 -25.73 -18.02 27.23
N ASN G 163 -26.93 -17.79 27.76
CA ASN G 163 -27.28 -16.51 28.42
C ASN G 163 -27.11 -16.66 29.93
N TYR G 164 -25.85 -16.70 30.36
CA TYR G 164 -25.46 -16.74 31.76
C TYR G 164 -24.50 -15.59 32.04
N GLY G 165 -23.91 -15.61 33.23
CA GLY G 165 -22.75 -14.78 33.51
C GLY G 165 -22.95 -13.31 33.20
N LEU G 166 -21.96 -12.71 32.54
CA LEU G 166 -21.90 -11.27 32.32
C LEU G 166 -22.93 -10.77 31.33
N HIS G 167 -23.78 -11.63 30.76
CA HIS G 167 -24.88 -11.14 29.94
C HIS G 167 -26.06 -10.65 30.78
N LEU G 168 -26.04 -10.90 32.09
CA LEU G 168 -27.18 -10.63 32.96
C LEU G 168 -26.89 -9.41 33.83
N ASP G 169 -27.92 -8.57 33.99
CA ASP G 169 -27.75 -7.29 34.69
C ASP G 169 -27.21 -7.51 36.10
N GLU G 170 -27.64 -8.58 36.77
CA GLU G 170 -27.25 -8.81 38.15
C GLU G 170 -25.77 -9.16 38.28
N ASN G 171 -25.20 -9.80 37.27
CA ASN G 171 -23.80 -10.22 37.33
C ASN G 171 -22.84 -9.12 36.90
N ARG G 172 -23.35 -7.97 36.47
CA ARG G 172 -22.52 -6.81 36.16
C ARG G 172 -22.48 -5.81 37.31
N LYS G 173 -23.04 -6.18 38.46
CA LYS G 173 -22.91 -5.40 39.68
C LYS G 173 -21.53 -5.64 40.29
N ALA G 174 -21.11 -4.70 41.15
CA ALA G 174 -19.76 -4.75 41.72
C ALA G 174 -19.70 -5.70 42.90
N THR G 175 -18.59 -6.44 42.98
CA THR G 175 -18.37 -7.40 44.06
C THR G 175 -17.40 -6.89 45.13
N VAL G 176 -16.64 -5.84 44.84
CA VAL G 176 -15.66 -5.31 45.77
C VAL G 176 -15.31 -3.90 45.32
N ILE G 177 -15.06 -3.03 46.29
CA ILE G 177 -14.58 -1.68 46.03
C ILE G 177 -13.06 -1.68 46.11
N VAL G 178 -12.43 -0.86 45.26
CA VAL G 178 -10.97 -0.72 45.24
C VAL G 178 -10.65 0.76 45.44
N ASP G 179 -10.10 1.09 46.61
CA ASP G 179 -9.66 2.43 46.93
C ASP G 179 -8.17 2.51 46.66
N VAL G 180 -7.79 3.10 45.52
CA VAL G 180 -6.39 3.16 45.11
C VAL G 180 -5.78 4.39 45.78
N LYS G 181 -5.05 4.15 46.87
CA LYS G 181 -4.36 5.23 47.57
C LYS G 181 -3.00 5.54 46.96
N ALA G 182 -2.40 4.60 46.25
CA ALA G 182 -1.08 4.79 45.68
C ALA G 182 -1.12 5.75 44.49
N LYS G 183 0.06 6.19 44.08
CA LYS G 183 0.19 7.08 42.93
C LYS G 183 0.15 6.25 41.65
N VAL G 184 -0.89 6.46 40.85
CA VAL G 184 -1.08 5.75 39.58
C VAL G 184 -1.38 6.83 38.53
N LYS G 185 -0.39 7.16 37.71
CA LYS G 185 -0.51 8.25 36.76
C LYS G 185 -0.01 7.93 35.35
N THR G 186 0.83 6.92 35.17
CA THR G 186 1.39 6.61 33.86
C THR G 186 0.83 5.30 33.32
N PHE G 187 1.18 5.00 32.07
CA PHE G 187 0.86 3.72 31.46
C PHE G 187 1.35 2.58 32.35
N ALA G 188 2.66 2.53 32.61
CA ALA G 188 3.25 1.49 33.45
C ALA G 188 2.68 1.48 34.86
N ASP G 189 2.12 2.60 35.31
CA ASP G 189 1.45 2.61 36.61
C ASP G 189 0.17 1.79 36.55
N TYR G 190 -0.58 1.91 35.45
CA TYR G 190 -1.75 1.06 35.29
C TYR G 190 -1.35 -0.36 34.92
N SER G 191 -0.23 -0.53 34.21
CA SER G 191 0.35 -1.85 34.01
C SER G 191 0.61 -2.52 35.35
N VAL G 192 1.13 -1.77 36.30
CA VAL G 192 1.52 -2.33 37.59
C VAL G 192 0.38 -2.31 38.61
N LEU G 193 -0.62 -1.45 38.42
CA LEU G 193 -1.84 -1.55 39.22
C LEU G 193 -2.67 -2.75 38.79
N GLY G 194 -2.70 -3.04 37.49
CA GLY G 194 -3.46 -4.18 37.02
C GLY G 194 -2.84 -5.52 37.43
N TYR G 195 -1.51 -5.61 37.39
CA TYR G 195 -0.84 -6.82 37.88
C TYR G 195 -1.22 -7.10 39.32
N HIS G 196 -1.15 -6.07 40.18
CA HIS G 196 -1.46 -6.27 41.59
C HIS G 196 -2.91 -6.70 41.79
N VAL G 197 -3.85 -5.85 41.39
CA VAL G 197 -5.27 -6.10 41.62
C VAL G 197 -5.66 -7.48 41.10
N GLY G 198 -5.06 -7.89 39.98
CA GLY G 198 -5.36 -9.18 39.41
C GLY G 198 -4.87 -10.33 40.27
N LYS G 199 -3.70 -10.17 40.90
CA LYS G 199 -3.15 -11.26 41.70
C LYS G 199 -3.82 -11.38 43.06
N THR G 200 -4.38 -10.28 43.58
CA THR G 200 -4.98 -10.27 44.91
C THR G 200 -6.48 -10.47 44.92
N LEU G 201 -7.13 -10.51 43.76
CA LEU G 201 -8.56 -10.75 43.67
C LEU G 201 -8.84 -12.11 43.04
N GLY G 202 -10.03 -12.63 43.31
CA GLY G 202 -10.53 -13.84 42.68
C GLY G 202 -11.39 -13.53 41.47
N ASN G 203 -12.46 -14.30 41.31
CA ASN G 203 -13.51 -13.95 40.36
C ASN G 203 -14.29 -12.79 40.95
N ASP G 204 -14.02 -11.58 40.46
CA ASP G 204 -14.60 -10.37 41.04
C ASP G 204 -14.96 -9.39 39.93
N VAL G 205 -15.82 -8.43 40.29
CA VAL G 205 -16.13 -7.30 39.43
C VAL G 205 -15.75 -6.04 40.22
N PRO G 206 -14.50 -5.62 40.18
CA PRO G 206 -14.06 -4.51 41.04
C PRO G 206 -14.64 -3.18 40.61
N TYR G 207 -14.69 -2.26 41.58
CA TYR G 207 -15.19 -0.89 41.39
C TYR G 207 -14.11 0.06 41.89
N PHE G 208 -13.50 0.80 40.97
CA PHE G 208 -12.37 1.65 41.31
C PHE G 208 -12.85 3.04 41.70
N LYS G 209 -12.50 3.46 42.91
CA LYS G 209 -12.56 4.86 43.31
C LYS G 209 -11.19 5.49 43.17
N ASN G 210 -11.17 6.83 43.19
CA ASN G 210 -9.96 7.67 43.17
C ASN G 210 -9.20 7.60 41.85
N LEU G 211 -9.70 6.87 40.85
CA LEU G 211 -8.96 6.60 39.62
C LEU G 211 -9.52 7.48 38.51
N LYS G 212 -8.76 8.51 38.12
CA LYS G 212 -9.12 9.42 37.03
C LYS G 212 -8.02 9.33 35.97
N PRO G 213 -8.01 8.27 35.17
CA PRO G 213 -6.91 8.07 34.23
C PRO G 213 -6.94 9.08 33.09
N GLU G 214 -5.76 9.57 32.71
CA GLU G 214 -5.66 10.51 31.60
C GLU G 214 -6.16 9.88 30.30
N LYS G 215 -5.54 8.78 29.88
CA LYS G 215 -5.77 8.22 28.56
C LYS G 215 -6.52 6.89 28.66
N THR G 216 -7.45 6.69 27.72
CA THR G 216 -8.22 5.45 27.68
C THR G 216 -7.31 4.23 27.65
N GLU G 217 -6.11 4.38 27.08
CA GLU G 217 -5.19 3.24 26.95
C GLU G 217 -4.77 2.71 28.31
N PHE G 218 -4.74 3.57 29.33
CA PHE G 218 -4.34 3.12 30.66
C PHE G 218 -5.30 2.06 31.18
N LEU G 219 -6.58 2.20 30.88
CA LEU G 219 -7.55 1.19 31.27
C LEU G 219 -7.49 -0.03 30.35
N LYS G 220 -7.26 0.19 29.06
CA LYS G 220 -6.99 -0.92 28.14
C LYS G 220 -5.88 -1.81 28.69
N GLU G 221 -4.85 -1.19 29.27
CA GLU G 221 -3.82 -1.93 29.97
C GLU G 221 -4.30 -2.44 31.33
N LEU G 222 -5.02 -1.60 32.07
CA LEU G 222 -5.40 -1.93 33.44
C LEU G 222 -6.24 -3.20 33.49
N GLY G 223 -7.18 -3.36 32.56
CA GLY G 223 -8.00 -4.55 32.50
C GLY G 223 -7.27 -5.74 31.92
N ALA G 224 -6.40 -5.47 30.94
CA ALA G 224 -5.60 -6.53 30.34
C ALA G 224 -4.66 -7.15 31.35
N ALA G 225 -4.03 -6.30 32.19
CA ALA G 225 -3.11 -6.82 33.20
C ALA G 225 -3.86 -7.61 34.26
N MET G 226 -5.08 -7.19 34.62
CA MET G 226 -5.90 -7.98 35.51
C MET G 226 -6.38 -9.28 34.87
N GLY G 227 -6.40 -9.33 33.54
CA GLY G 227 -6.81 -10.53 32.83
C GLY G 227 -5.74 -11.58 32.65
N ALA G 228 -4.49 -11.25 33.00
CA ALA G 228 -3.39 -12.21 32.96
C ALA G 228 -3.15 -12.85 34.32
N THR G 229 -2.87 -12.03 35.34
CA THR G 229 -2.66 -12.52 36.69
C THR G 229 -3.96 -12.88 37.40
N GLY G 230 -5.10 -12.42 36.89
CA GLY G 230 -6.39 -12.75 37.47
C GLY G 230 -7.44 -13.10 36.44
N SER G 231 -8.70 -13.15 36.87
CA SER G 231 -9.81 -13.51 36.00
C SER G 231 -10.79 -12.36 35.81
N ILE G 232 -10.37 -11.13 36.11
CA ILE G 232 -11.24 -9.97 35.98
C ILE G 232 -11.69 -9.85 34.53
N ALA G 233 -13.00 -9.95 34.31
CA ALA G 233 -13.60 -9.75 33.00
C ALA G 233 -14.49 -8.51 32.96
N LEU G 234 -14.66 -7.81 34.07
CA LEU G 234 -15.46 -6.60 34.10
C LEU G 234 -15.04 -5.76 35.31
N TYR G 235 -14.94 -4.45 35.12
CA TYR G 235 -14.59 -3.54 36.20
C TYR G 235 -15.19 -2.17 35.89
N HIS G 236 -15.55 -1.43 36.94
CA HIS G 236 -16.05 -0.07 36.80
C HIS G 236 -15.06 0.91 37.40
N VAL G 237 -14.98 2.09 36.79
CA VAL G 237 -14.19 3.21 37.31
C VAL G 237 -15.13 4.38 37.48
N GLU G 238 -15.32 4.80 38.73
CA GLU G 238 -16.26 5.85 39.09
C GLU G 238 -16.06 7.13 38.28
N GLY G 239 -17.05 7.47 37.45
CA GLY G 239 -17.00 8.64 36.60
C GLY G 239 -16.40 8.42 35.23
N GLU G 240 -15.93 7.22 34.92
CA GLU G 240 -15.26 6.93 33.66
C GLU G 240 -15.78 5.71 32.92
N THR G 241 -16.45 4.77 33.60
CA THR G 241 -17.06 3.56 33.07
C THR G 241 -18.52 3.82 32.70
N PRO G 242 -19.01 3.33 31.57
CA PRO G 242 -20.42 3.58 31.21
C PRO G 242 -21.43 2.93 32.16
N GLU G 243 -21.01 1.95 32.96
CA GLU G 243 -21.92 1.21 33.82
C GLU G 243 -21.65 1.47 35.30
N TYR G 244 -20.97 2.56 35.64
CA TYR G 244 -20.52 2.77 37.02
C TYR G 244 -21.62 3.30 37.93
N ARG G 245 -22.75 3.75 37.40
CA ARG G 245 -23.77 4.32 38.28
C ARG G 245 -24.69 3.25 38.86
N GLU G 246 -25.02 2.23 38.09
CA GLU G 246 -25.77 1.08 38.58
C GLU G 246 -24.88 -0.07 39.01
N ALA G 247 -23.66 0.22 39.47
CA ALA G 247 -22.68 -0.83 39.76
C ALA G 247 -22.85 -1.41 41.16
N ILE G 248 -22.95 -0.55 42.17
CA ILE G 248 -23.03 -0.98 43.57
C ILE G 248 -24.50 -1.02 43.98
N THR G 249 -25.00 -2.22 44.28
CA THR G 249 -26.37 -2.39 44.75
C THR G 249 -26.42 -3.15 46.08
N ASP G 250 -25.32 -3.12 46.84
CA ASP G 250 -25.25 -3.73 48.17
C ASP G 250 -23.96 -3.28 48.84
N LYS G 251 -23.91 -3.47 50.15
CA LYS G 251 -22.72 -3.09 50.91
C LYS G 251 -21.53 -3.95 50.50
N LEU G 252 -20.38 -3.31 50.36
CA LEU G 252 -19.20 -3.94 49.78
C LEU G 252 -17.98 -3.72 50.67
N GLU G 253 -17.07 -4.71 50.65
CA GLU G 253 -15.76 -4.53 51.24
C GLU G 253 -14.97 -3.51 50.45
N THR G 254 -13.86 -3.05 51.04
CA THR G 254 -12.99 -2.08 50.37
C THR G 254 -11.53 -2.45 50.64
N ILE G 255 -10.83 -2.87 49.59
CA ILE G 255 -9.39 -3.08 49.64
C ILE G 255 -8.71 -1.81 49.15
N THR G 256 -7.53 -1.53 49.70
CA THR G 256 -6.75 -0.37 49.29
C THR G 256 -5.40 -0.82 48.76
N VAL G 257 -4.99 -0.22 47.65
CA VAL G 257 -3.71 -0.51 47.01
C VAL G 257 -2.77 0.65 47.29
N GLU G 258 -1.70 0.39 48.04
CA GLU G 258 -0.77 1.41 48.49
C GLU G 258 0.50 1.38 47.66
N ASP G 259 1.34 2.41 47.86
CA ASP G 259 2.60 2.52 47.14
C ASP G 259 3.48 1.28 47.35
N SER G 260 3.41 0.71 48.56
CA SER G 260 4.22 -0.48 48.85
C SER G 260 3.85 -1.64 47.94
N ASP G 261 2.57 -1.77 47.59
CA ASP G 261 2.13 -2.88 46.77
C ASP G 261 2.61 -2.73 45.32
N LEU G 262 2.59 -1.49 44.80
CA LEU G 262 3.03 -1.27 43.43
C LEU G 262 4.55 -1.30 43.31
N LYS G 263 5.26 -0.76 44.31
CA LYS G 263 6.73 -0.80 44.28
C LYS G 263 7.25 -2.23 44.29
N ALA G 264 6.53 -3.15 44.92
CA ALA G 264 6.94 -4.55 44.93
C ALA G 264 6.90 -5.15 43.53
N VAL G 265 6.05 -4.62 42.65
CA VAL G 265 5.95 -5.16 41.31
C VAL G 265 6.88 -4.46 40.33
N ARG G 266 7.17 -3.16 40.55
CA ARG G 266 8.17 -2.48 39.73
C ARG G 266 9.51 -3.21 39.78
N GLU G 267 10.01 -3.46 40.99
CA GLU G 267 11.36 -3.98 41.17
C GLU G 267 11.46 -5.48 40.91
N SER G 268 10.35 -6.19 40.76
CA SER G 268 10.42 -7.59 40.34
C SER G 268 10.58 -7.72 38.82
N PHE G 269 10.44 -6.63 38.08
CA PHE G 269 10.65 -6.59 36.63
C PHE G 269 11.57 -5.40 36.29
N GLN G 270 12.81 -5.46 36.76
CA GLN G 270 13.77 -4.36 36.59
C GLN G 270 15.15 -4.88 36.21
N ASP G 271 15.20 -5.82 35.27
CA ASP G 271 16.49 -6.36 34.85
C ASP G 271 17.31 -5.28 34.13
N ASP G 272 18.62 -5.49 34.12
CA ASP G 272 19.56 -4.49 33.62
C ASP G 272 19.39 -4.27 32.12
N TRP G 273 20.11 -3.28 31.60
CA TRP G 273 20.05 -3.00 30.16
C TRP G 273 20.98 -3.88 29.35
N SER G 274 21.76 -4.75 29.99
CA SER G 274 22.61 -5.70 29.26
C SER G 274 21.92 -7.04 29.01
N ASP G 275 20.74 -7.25 29.58
CA ASP G 275 19.96 -8.47 29.34
C ASP G 275 18.82 -8.26 28.36
N ILE G 276 18.74 -7.09 27.72
CA ILE G 276 17.60 -6.69 26.92
C ILE G 276 18.05 -6.57 25.47
N ASP G 277 17.58 -7.48 24.62
CA ASP G 277 17.85 -7.40 23.18
C ASP G 277 16.57 -7.22 22.38
N MET G 278 15.50 -6.69 22.98
CA MET G 278 14.24 -6.48 22.29
C MET G 278 13.40 -5.48 23.07
N ILE G 279 12.51 -4.80 22.37
CA ILE G 279 11.53 -3.90 22.97
C ILE G 279 10.16 -4.22 22.39
N LEU G 280 9.18 -4.43 23.26
CA LEU G 280 7.80 -4.67 22.86
C LEU G 280 6.91 -3.61 23.49
N ILE G 281 6.31 -2.78 22.65
CA ILE G 281 5.22 -1.92 23.07
C ILE G 281 3.98 -2.37 22.31
N GLY G 282 2.82 -2.24 22.94
CA GLY G 282 1.58 -2.61 22.29
C GLY G 282 1.01 -3.93 22.78
N CYS G 283 0.81 -4.04 24.09
CA CYS G 283 0.16 -5.20 24.70
C CYS G 283 -0.75 -4.68 25.80
N PRO G 284 -2.05 -4.48 25.51
CA PRO G 284 -2.77 -4.73 24.26
C PRO G 284 -2.33 -3.88 23.07
N HIS G 285 -2.67 -4.35 21.87
CA HIS G 285 -2.27 -3.70 20.63
C HIS G 285 -2.45 -2.20 20.70
N ALA G 286 -1.48 -1.47 20.17
CA ALA G 286 -1.41 -0.03 20.36
C ALA G 286 -2.53 0.68 19.61
N SER G 287 -2.98 1.79 20.19
CA SER G 287 -3.84 2.73 19.49
C SER G 287 -2.98 3.65 18.62
N LEU G 288 -3.64 4.41 17.75
CA LEU G 288 -2.89 5.42 17.01
C LEU G 288 -2.23 6.44 17.91
N PRO G 289 -2.86 6.93 19.00
CA PRO G 289 -2.10 7.76 19.94
C PRO G 289 -0.90 7.05 20.55
N GLU G 290 -1.02 5.76 20.85
CA GLU G 290 0.11 5.02 21.40
C GLU G 290 1.29 4.99 20.43
N VAL G 291 1.00 4.90 19.14
CA VAL G 291 2.05 4.92 18.12
C VAL G 291 2.60 6.33 17.96
N LYS G 292 1.71 7.32 17.85
CA LYS G 292 2.11 8.72 17.71
C LYS G 292 2.99 9.16 18.87
N GLU G 293 2.74 8.65 20.07
CA GLU G 293 3.61 8.93 21.21
C GLU G 293 5.02 8.40 20.96
N ILE G 294 5.13 7.18 20.43
CA ILE G 294 6.45 6.57 20.25
C ILE G 294 7.20 7.23 19.10
N ALA G 295 6.49 7.73 18.08
CA ALA G 295 7.17 8.43 17.00
C ALA G 295 7.78 9.74 17.49
N GLU G 296 7.04 10.50 18.29
CA GLU G 296 7.56 11.74 18.87
C GLU G 296 8.64 11.48 19.92
N LEU G 297 8.69 10.27 20.49
CA LEU G 297 9.77 9.90 21.40
C LEU G 297 11.05 9.51 20.65
N LEU G 298 10.92 9.00 19.42
CA LEU G 298 12.11 8.73 18.61
C LEU G 298 12.65 9.98 17.94
N ARG G 299 11.81 11.00 17.77
CA ARG G 299 12.29 12.28 17.27
C ARG G 299 13.02 13.07 18.35
N MET G 300 12.64 12.91 19.62
CA MET G 300 13.45 13.46 20.70
C MET G 300 14.69 12.62 20.96
N ARG G 301 14.65 11.34 20.64
CA ARG G 301 15.85 10.51 20.74
C ARG G 301 16.91 10.97 19.74
N GLY G 302 16.54 11.07 18.46
CA GLY G 302 17.40 11.58 17.41
C GLY G 302 18.31 10.54 16.77
N LYS G 303 18.66 9.49 17.50
CA LYS G 303 19.55 8.43 17.05
C LYS G 303 18.77 7.12 16.92
N PRO G 304 19.26 6.17 16.13
CA PRO G 304 18.54 4.91 15.95
C PRO G 304 18.71 3.97 17.13
N LEU G 305 17.87 2.94 17.16
CA LEU G 305 18.01 1.85 18.10
C LEU G 305 19.02 0.83 17.56
N LYS G 306 19.85 0.30 18.46
CA LYS G 306 20.73 -0.81 18.10
C LYS G 306 20.11 -2.16 18.42
N ILE G 307 19.14 -2.20 19.33
CA ILE G 307 18.30 -3.38 19.55
C ILE G 307 16.99 -3.12 18.81
N PRO G 308 16.28 -4.16 18.35
CA PRO G 308 15.03 -3.91 17.63
C PRO G 308 13.91 -3.45 18.56
N LEU G 309 12.99 -2.67 18.00
CA LEU G 309 11.80 -2.22 18.70
C LEU G 309 10.57 -2.73 17.95
N PHE G 310 9.62 -3.30 18.70
CA PHE G 310 8.43 -3.91 18.13
C PHE G 310 7.19 -3.27 18.72
N ILE G 311 6.35 -2.69 17.86
CA ILE G 311 5.07 -2.14 18.25
C ILE G 311 4.00 -3.04 17.62
N THR G 312 3.41 -3.92 18.43
CA THR G 312 2.31 -4.74 17.94
C THR G 312 1.01 -3.94 18.01
N ALA G 313 0.29 -3.88 16.88
CA ALA G 313 -0.95 -3.14 16.78
C ALA G 313 -1.81 -3.76 15.70
N SER G 314 -3.08 -3.36 15.66
CA SER G 314 -3.99 -3.89 14.65
C SER G 314 -3.64 -3.34 13.27
N ARG G 315 -3.98 -4.12 12.25
CA ARG G 315 -3.80 -3.67 10.86
C ARG G 315 -4.46 -2.32 10.63
N ALA G 316 -5.54 -2.03 11.38
CA ALA G 316 -6.13 -0.70 11.33
C ALA G 316 -5.13 0.36 11.79
N VAL G 317 -4.61 0.21 13.01
CA VAL G 317 -3.71 1.22 13.57
C VAL G 317 -2.43 1.34 12.73
N LYS G 318 -1.82 0.19 12.41
CA LYS G 318 -0.62 0.17 11.58
C LYS G 318 -0.83 0.98 10.31
N ALA G 319 -1.97 0.78 9.64
CA ALA G 319 -2.23 1.46 8.39
C ALA G 319 -2.29 2.97 8.56
N LEU G 320 -2.91 3.44 9.66
CA LEU G 320 -2.95 4.88 9.89
C LEU G 320 -1.55 5.43 10.15
N ALA G 321 -0.74 4.69 10.91
CA ALA G 321 0.65 5.10 11.10
C ALA G 321 1.38 5.13 9.76
N ASP G 322 1.07 4.21 8.87
CA ASP G 322 1.56 4.30 7.50
C ASP G 322 1.09 5.59 6.85
N ALA G 323 -0.23 5.76 6.72
CA ALA G 323 -0.79 6.90 6.00
C ALA G 323 -0.40 8.23 6.64
N LEU G 324 -0.31 8.27 7.97
CA LEU G 324 0.08 9.50 8.64
C LEU G 324 1.59 9.69 8.72
N GLY G 325 2.38 8.77 8.17
CA GLY G 325 3.82 8.94 8.21
C GLY G 325 4.46 8.75 9.56
N TYR G 326 3.73 8.23 10.54
CA TYR G 326 4.34 7.85 11.81
C TYR G 326 5.20 6.61 11.64
N THR G 327 4.72 5.65 10.85
CA THR G 327 5.44 4.39 10.67
C THR G 327 6.79 4.62 10.02
N GLU G 328 6.92 5.70 9.24
CA GLU G 328 8.20 5.99 8.59
C GLU G 328 9.17 6.62 9.56
N ILE G 329 8.66 7.38 10.54
CA ILE G 329 9.49 7.89 11.62
C ILE G 329 9.97 6.75 12.50
N ILE G 330 9.17 5.71 12.67
CA ILE G 330 9.57 4.60 13.53
C ILE G 330 10.49 3.64 12.79
N GLU G 331 10.25 3.39 11.51
CA GLU G 331 11.08 2.46 10.75
C GLU G 331 12.43 3.06 10.35
N ARG G 332 12.57 4.39 10.41
CA ARG G 332 13.85 4.99 10.10
C ARG G 332 14.83 4.85 11.27
N TYR G 333 14.33 4.88 12.51
CA TYR G 333 15.16 4.70 13.69
C TYR G 333 15.25 3.24 14.14
N ASN G 334 15.18 2.31 13.18
CA ASN G 334 15.33 0.87 13.46
C ASN G 334 14.18 0.35 14.33
N GLY G 335 12.96 0.79 14.03
CA GLY G 335 11.78 0.22 14.66
C GLY G 335 10.89 -0.43 13.62
N LYS G 336 10.01 -1.33 14.03
CA LYS G 336 9.09 -1.99 13.11
C LYS G 336 7.74 -2.13 13.80
N ILE G 337 6.70 -1.61 13.15
CA ILE G 337 5.33 -1.82 13.60
C ILE G 337 4.87 -3.17 13.06
N ILE G 338 4.56 -4.09 13.97
CA ILE G 338 4.29 -5.49 13.62
C ILE G 338 2.79 -5.74 13.64
N PRO G 339 2.11 -5.72 12.50
CA PRO G 339 0.65 -5.76 12.49
C PRO G 339 0.09 -7.14 12.81
N ASP G 340 -1.01 -7.14 13.58
CA ASP G 340 -1.91 -8.28 13.76
C ASP G 340 -1.20 -9.53 14.25
N SER G 341 -0.05 -9.38 14.88
CA SER G 341 0.62 -10.48 15.51
C SER G 341 0.75 -10.18 17.00
N CYS G 342 1.17 -11.19 17.76
CA CYS G 342 1.45 -11.01 19.17
C CYS G 342 2.69 -11.80 19.54
N PHE G 343 3.56 -11.19 20.34
CA PHE G 343 4.86 -11.79 20.62
C PHE G 343 4.83 -12.77 21.79
N VAL G 344 4.01 -12.50 22.81
CA VAL G 344 3.92 -13.43 23.93
C VAL G 344 3.24 -14.74 23.53
N VAL G 345 2.68 -14.80 22.32
CA VAL G 345 2.05 -16.01 21.81
C VAL G 345 2.87 -16.61 20.67
N SER G 346 4.08 -16.10 20.43
CA SER G 346 5.12 -16.41 19.45
C SER G 346 6.26 -17.19 20.10
N PRO G 347 6.80 -18.20 19.41
CA PRO G 347 7.92 -18.98 19.97
C PRO G 347 9.27 -18.32 19.69
N ILE G 348 9.58 -17.32 20.51
CA ILE G 348 10.76 -16.49 20.28
C ILE G 348 11.80 -16.70 21.38
N LYS G 349 12.05 -17.96 21.74
CA LYS G 349 13.00 -18.27 22.79
C LYS G 349 14.40 -18.57 22.29
N GLY G 350 14.54 -19.06 21.06
CA GLY G 350 15.83 -19.16 20.42
C GLY G 350 16.30 -17.90 19.75
N TRP G 351 15.48 -16.86 19.77
CA TRP G 351 15.77 -15.60 19.11
C TRP G 351 16.25 -14.55 20.11
N TYR G 352 15.32 -14.03 20.88
CA TYR G 352 15.58 -13.02 21.90
C TYR G 352 15.67 -13.68 23.27
N ARG G 353 16.28 -12.98 24.22
CA ARG G 353 16.43 -13.48 25.56
C ARG G 353 16.03 -12.47 26.64
N GLY G 354 15.56 -11.29 26.25
CA GLY G 354 15.19 -10.27 27.20
C GLY G 354 14.40 -9.14 26.56
N ILE G 355 13.31 -8.72 27.19
CA ILE G 355 12.38 -7.77 26.61
C ILE G 355 12.21 -6.59 27.56
N ALA G 356 12.25 -5.39 27.00
CA ALA G 356 11.79 -4.19 27.69
C ALA G 356 10.40 -3.84 27.21
N THR G 357 9.49 -3.54 28.15
CA THR G 357 8.11 -3.27 27.80
C THR G 357 7.48 -2.36 28.84
N ASN G 358 6.42 -1.66 28.41
CA ASN G 358 5.58 -0.89 29.31
C ASN G 358 4.33 -1.65 29.72
N SER G 359 4.19 -2.89 29.28
CA SER G 359 2.97 -3.67 29.49
C SER G 359 3.15 -4.63 30.66
N GLY G 360 2.17 -4.63 31.58
CA GLY G 360 2.19 -5.58 32.67
C GLY G 360 1.76 -6.98 32.25
N LYS G 361 0.82 -7.08 31.31
CA LYS G 361 0.42 -8.40 30.82
C LYS G 361 1.59 -9.11 30.15
N SER G 362 2.34 -8.39 29.31
CA SER G 362 3.55 -8.96 28.73
C SER G 362 4.58 -9.25 29.81
N ALA G 363 4.76 -8.33 30.77
CA ALA G 363 5.74 -8.51 31.81
C ALA G 363 5.50 -9.80 32.59
N PHE G 364 4.24 -10.12 32.89
CA PHE G 364 3.95 -11.34 33.62
C PHE G 364 4.23 -12.58 32.77
N TYR G 365 3.57 -12.67 31.61
CA TYR G 365 3.74 -13.85 30.76
C TYR G 365 5.19 -14.06 30.37
N PHE G 366 5.90 -12.98 30.03
CA PHE G 366 7.30 -13.10 29.66
C PHE G 366 8.18 -13.48 30.86
N ARG G 367 7.77 -13.11 32.07
CA ARG G 367 8.52 -13.52 33.25
C ARG G 367 8.41 -15.02 33.45
N SER G 368 7.19 -15.53 33.50
CA SER G 368 6.97 -16.97 33.67
C SER G 368 7.42 -17.78 32.46
N PHE G 369 7.67 -17.14 31.32
CA PHE G 369 8.16 -17.87 30.15
C PHE G 369 9.65 -18.19 30.27
N GLY G 370 10.43 -17.30 30.88
CA GLY G 370 11.83 -17.58 31.11
C GLY G 370 12.76 -16.42 30.81
N PHE G 371 12.29 -15.47 30.02
CA PHE G 371 13.14 -14.37 29.57
C PHE G 371 13.45 -13.41 30.72
N SER G 372 14.34 -12.46 30.43
CA SER G 372 14.55 -11.31 31.30
C SER G 372 13.63 -10.19 30.86
N VAL G 373 13.08 -9.45 31.83
CA VAL G 373 12.13 -8.40 31.53
C VAL G 373 12.53 -7.13 32.26
N ARG G 374 12.16 -6.00 31.67
CA ARG G 374 12.43 -4.67 32.24
C ARG G 374 11.22 -3.80 31.98
N LEU G 375 10.44 -3.52 33.03
CA LEU G 375 9.15 -2.84 32.92
C LEU G 375 9.31 -1.36 33.23
N ASP G 376 9.08 -0.51 32.23
CA ASP G 376 9.23 0.93 32.38
C ASP G 376 8.42 1.59 31.27
N ASP G 377 8.24 2.90 31.40
CA ASP G 377 7.41 3.64 30.46
C ASP G 377 8.13 3.86 29.13
N VAL G 378 7.34 4.15 28.10
CA VAL G 378 7.89 4.27 26.75
C VAL G 378 8.93 5.38 26.66
N GLU G 379 8.65 6.52 27.29
CA GLU G 379 9.62 7.61 27.35
C GLU G 379 10.92 7.15 28.00
N ASN G 380 10.82 6.37 29.08
CA ASN G 380 12.00 5.87 29.76
C ASN G 380 12.70 4.78 28.95
N LEU G 381 11.95 3.97 28.21
CA LEU G 381 12.56 2.92 27.41
C LEU G 381 13.31 3.50 26.23
N ILE G 382 12.68 4.43 25.51
CA ILE G 382 13.31 4.99 24.31
C ILE G 382 14.52 5.86 24.66
N LYS G 383 14.51 6.50 25.84
CA LYS G 383 15.66 7.31 26.25
C LYS G 383 16.87 6.44 26.55
N GLU G 384 16.77 5.56 27.56
CA GLU G 384 17.90 4.74 27.98
C GLU G 384 18.21 3.59 27.01
N ALA G 385 17.38 3.41 25.97
CA ALA G 385 17.64 2.33 25.02
C ALA G 385 19.02 2.53 24.40
N PRO G 386 19.73 1.43 24.10
CA PRO G 386 20.96 1.58 23.34
C PRO G 386 20.65 1.89 21.86
N GLY H 1 -23.21 -54.92 38.49
CA GLY H 1 -22.98 -54.62 39.88
C GLY H 1 -23.55 -53.28 40.31
N PRO H 2 -22.85 -52.59 41.19
CA PRO H 2 -23.31 -51.26 41.61
C PRO H 2 -23.32 -50.29 40.44
N LYS H 3 -24.41 -49.56 40.29
CA LYS H 3 -24.64 -48.67 39.17
C LYS H 3 -24.61 -47.23 39.67
N LEU H 4 -23.56 -46.49 39.31
CA LEU H 4 -23.50 -45.07 39.64
C LEU H 4 -24.27 -44.28 38.59
N LYS H 5 -25.14 -43.39 39.06
CA LYS H 5 -25.95 -42.58 38.16
C LYS H 5 -25.28 -41.24 37.90
N GLY H 6 -25.50 -40.72 36.69
CA GLY H 6 -24.88 -39.47 36.31
C GLY H 6 -25.67 -38.76 35.23
N ARG H 7 -25.19 -37.58 34.88
CA ARG H 7 -25.79 -36.77 33.83
C ARG H 7 -25.04 -36.99 32.53
N LYS H 8 -25.77 -37.13 31.44
CA LYS H 8 -25.17 -37.41 30.14
C LYS H 8 -24.66 -36.13 29.50
N ILE H 9 -23.41 -36.14 29.06
CA ILE H 9 -22.86 -35.08 28.23
C ILE H 9 -22.86 -35.48 26.76
N VAL H 10 -22.24 -36.63 26.45
CA VAL H 10 -22.21 -37.15 25.09
C VAL H 10 -22.63 -38.61 25.14
N GLY H 11 -23.65 -38.96 24.36
CA GLY H 11 -24.19 -40.29 24.34
C GLY H 11 -23.22 -41.32 23.80
N GLY H 12 -23.70 -42.55 23.72
CA GLY H 12 -22.90 -43.68 23.31
C GLY H 12 -22.84 -44.76 24.38
N LYS H 13 -22.23 -45.87 23.99
CA LYS H 13 -22.08 -47.04 24.86
C LYS H 13 -20.71 -47.66 24.61
N ALA H 14 -19.98 -47.95 25.69
CA ALA H 14 -18.62 -48.46 25.55
C ALA H 14 -18.24 -49.28 26.78
N GLU H 15 -17.44 -50.33 26.56
CA GLU H 15 -16.98 -51.20 27.63
C GLU H 15 -15.47 -51.36 27.54
N GLY H 16 -14.81 -51.34 28.69
CA GLY H 16 -13.37 -51.49 28.73
C GLY H 16 -12.84 -51.33 30.14
N GLU H 17 -11.51 -51.17 30.20
CA GLU H 17 -10.80 -51.08 31.47
C GLU H 17 -10.74 -49.64 31.96
N VAL H 18 -10.87 -49.46 33.26
CA VAL H 18 -10.91 -48.13 33.87
C VAL H 18 -9.50 -47.72 34.25
N ILE H 19 -9.23 -46.42 34.12
CA ILE H 19 -8.02 -45.80 34.65
C ILE H 19 -8.43 -44.52 35.37
N VAL H 20 -7.88 -44.29 36.56
CA VAL H 20 -8.34 -43.23 37.44
C VAL H 20 -7.19 -42.28 37.74
N SER H 21 -7.51 -40.99 37.79
CA SER H 21 -6.62 -39.96 38.29
C SER H 21 -7.32 -39.20 39.40
N ARG H 22 -6.63 -39.02 40.52
CA ARG H 22 -7.12 -38.15 41.59
C ARG H 22 -6.82 -36.69 41.35
N LYS H 23 -6.17 -36.36 40.23
CA LYS H 23 -5.69 -35.02 39.98
C LYS H 23 -6.33 -34.45 38.72
N PRO H 24 -6.77 -33.19 38.74
CA PRO H 24 -7.23 -32.55 37.51
C PRO H 24 -6.17 -32.61 36.42
N LEU H 25 -6.60 -32.97 35.22
CA LEU H 25 -5.70 -33.29 34.12
C LEU H 25 -5.88 -32.28 33.00
N SER H 26 -4.79 -31.66 32.58
CA SER H 26 -4.78 -30.69 31.49
C SER H 26 -4.36 -31.38 30.21
N PHE H 27 -5.13 -31.17 29.13
CA PHE H 27 -4.89 -31.90 27.89
C PHE H 27 -3.94 -31.19 26.94
N LEU H 28 -3.90 -29.86 26.95
CA LEU H 28 -2.91 -29.14 26.14
C LEU H 28 -1.57 -29.24 26.85
N GLY H 29 -0.71 -30.14 26.37
CA GLY H 29 0.61 -30.33 26.94
C GLY H 29 0.68 -31.32 28.08
N GLY H 30 -0.44 -31.96 28.44
CA GLY H 30 -0.44 -32.96 29.50
C GLY H 30 -0.78 -34.33 28.97
N VAL H 31 -1.26 -34.38 27.72
CA VAL H 31 -1.50 -35.63 27.02
C VAL H 31 -0.94 -35.48 25.62
N ASP H 32 -0.10 -36.42 25.22
CA ASP H 32 0.50 -36.39 23.89
C ASP H 32 -0.54 -36.85 22.86
N PRO H 33 -0.94 -35.99 21.91
CA PRO H 33 -1.99 -36.41 20.96
C PRO H 33 -1.60 -37.61 20.12
N GLU H 34 -0.31 -37.85 19.91
CA GLU H 34 0.14 -38.95 19.06
C GLU H 34 0.12 -40.29 19.77
N THR H 35 0.20 -40.30 21.09
CA THR H 35 0.41 -41.53 21.83
C THR H 35 -0.69 -41.86 22.83
N GLY H 36 -1.39 -40.87 23.37
CA GLY H 36 -2.28 -41.09 24.49
C GLY H 36 -1.60 -41.12 25.83
N ILE H 37 -0.26 -41.11 25.86
CA ILE H 37 0.46 -41.06 27.12
C ILE H 37 0.19 -39.73 27.81
N VAL H 38 0.11 -39.76 29.14
CA VAL H 38 -0.06 -38.54 29.92
C VAL H 38 1.31 -37.85 30.05
N THR H 39 1.39 -36.60 29.58
CA THR H 39 2.62 -35.83 29.67
C THR H 39 2.72 -35.06 30.98
N ASP H 40 1.60 -34.72 31.59
CA ASP H 40 1.52 -33.96 32.83
C ASP H 40 2.51 -34.49 33.86
N ALA H 41 3.44 -33.64 34.28
CA ALA H 41 4.44 -34.03 35.26
C ALA H 41 3.90 -34.09 36.68
N GLU H 42 2.69 -33.58 36.92
CA GLU H 42 2.03 -33.68 38.21
C GLU H 42 0.91 -34.71 38.22
N SER H 43 0.73 -35.44 37.13
CA SER H 43 -0.32 -36.44 37.05
C SER H 43 0.06 -37.69 37.83
N ASP H 44 -0.90 -38.22 38.59
CA ASP H 44 -0.70 -39.46 39.31
C ASP H 44 -0.72 -40.68 38.38
N ILE H 45 -1.03 -40.49 37.10
CA ILE H 45 -0.82 -41.50 36.08
C ILE H 45 0.23 -40.98 35.12
N ARG H 46 1.39 -40.60 35.67
CA ARG H 46 2.36 -39.77 34.96
C ARG H 46 2.83 -40.37 33.65
N GLY H 47 2.71 -41.69 33.47
CA GLY H 47 3.25 -42.29 32.26
C GLY H 47 2.32 -43.21 31.51
N GLN H 48 1.09 -43.39 32.01
CA GLN H 48 0.18 -44.34 31.39
C GLN H 48 -0.49 -43.74 30.15
N SER H 49 -1.07 -44.61 29.34
CA SER H 49 -1.83 -44.24 28.17
C SER H 49 -3.33 -44.27 28.49
N ILE H 50 -4.10 -43.54 27.69
CA ILE H 50 -5.54 -43.45 27.88
C ILE H 50 -6.25 -44.33 26.85
N ALA H 51 -5.59 -44.54 25.70
CA ALA H 51 -6.20 -45.16 24.53
C ALA H 51 -6.89 -46.49 24.89
N GLY H 52 -8.14 -46.61 24.47
CA GLY H 52 -8.91 -47.83 24.65
C GLY H 52 -9.45 -48.07 26.04
N LYS H 53 -9.18 -47.17 26.99
CA LYS H 53 -9.55 -47.37 28.39
C LYS H 53 -10.68 -46.41 28.77
N ILE H 54 -11.06 -46.47 30.05
CA ILE H 54 -12.19 -45.71 30.57
C ILE H 54 -11.62 -44.67 31.53
N LEU H 55 -11.50 -43.43 31.07
CA LEU H 55 -10.85 -42.38 31.84
C LEU H 55 -11.78 -41.86 32.93
N VAL H 56 -11.28 -41.81 34.16
CA VAL H 56 -12.05 -41.34 35.32
C VAL H 56 -11.17 -40.37 36.09
N PHE H 57 -11.36 -39.07 35.86
CA PHE H 57 -10.64 -38.03 36.60
C PHE H 57 -11.64 -37.02 37.12
N PRO H 58 -11.24 -36.06 37.98
CA PRO H 58 -12.22 -35.17 38.59
C PRO H 58 -12.68 -34.00 37.72
N ARG H 59 -11.79 -33.46 36.90
CA ARG H 59 -12.10 -32.29 36.08
C ARG H 59 -10.94 -32.05 35.14
N GLY H 60 -11.22 -31.39 34.02
CA GLY H 60 -10.18 -30.98 33.09
C GLY H 60 -9.77 -29.55 33.36
N LYS H 61 -8.47 -29.33 33.44
CA LYS H 61 -7.90 -28.00 33.61
C LYS H 61 -7.11 -27.63 32.36
N GLY H 62 -6.56 -26.41 32.37
CA GLY H 62 -5.70 -25.96 31.31
C GLY H 62 -6.39 -25.09 30.29
N SER H 63 -5.71 -24.91 29.16
CA SER H 63 -6.22 -24.05 28.11
C SER H 63 -7.39 -24.70 27.38
N THR H 64 -8.33 -23.85 26.95
CA THR H 64 -9.50 -24.32 26.22
C THR H 64 -9.11 -25.04 24.93
N VAL H 65 -7.88 -24.86 24.46
CA VAL H 65 -7.41 -25.56 23.27
C VAL H 65 -7.33 -27.07 23.50
N GLY H 66 -7.19 -27.49 24.77
CA GLY H 66 -7.10 -28.92 25.05
C GLY H 66 -8.23 -29.72 24.45
N SER H 67 -9.38 -29.09 24.25
CA SER H 67 -10.50 -29.72 23.55
C SER H 67 -10.07 -30.24 22.18
N TYR H 68 -9.18 -29.52 21.48
CA TYR H 68 -8.68 -30.00 20.20
C TYR H 68 -7.72 -31.16 20.38
N VAL H 69 -6.89 -31.13 21.43
CA VAL H 69 -5.96 -32.21 21.69
C VAL H 69 -6.72 -33.53 21.85
N ILE H 70 -7.91 -33.47 22.48
CA ILE H 70 -8.75 -34.65 22.59
C ILE H 70 -9.28 -35.06 21.22
N TYR H 71 -9.50 -34.10 20.32
CA TYR H 71 -9.95 -34.45 18.98
C TYR H 71 -8.84 -35.10 18.16
N ALA H 72 -7.60 -34.63 18.35
CA ALA H 72 -6.47 -35.29 17.69
C ALA H 72 -6.21 -36.66 18.28
N LEU H 73 -6.56 -36.87 19.56
CA LEU H 73 -6.53 -38.20 20.13
C LEU H 73 -7.50 -39.14 19.41
N LYS H 74 -8.71 -38.65 19.12
CA LYS H 74 -9.71 -39.50 18.47
C LYS H 74 -9.32 -39.80 17.02
N LYS H 75 -8.76 -38.82 16.32
CA LYS H 75 -8.30 -39.07 14.95
C LYS H 75 -7.12 -40.06 14.95
N ASN H 76 -6.13 -39.83 15.80
CA ASN H 76 -4.99 -40.74 15.88
C ASN H 76 -5.37 -42.11 16.42
N ASN H 77 -6.62 -42.31 16.84
CA ASN H 77 -7.18 -43.56 17.33
C ASN H 77 -6.72 -43.87 18.76
N LYS H 78 -6.15 -42.90 19.46
CA LYS H 78 -5.61 -43.09 20.80
C LYS H 78 -6.48 -42.46 21.88
N ALA H 79 -7.80 -42.30 21.60
CA ALA H 79 -8.68 -41.63 22.56
C ALA H 79 -9.37 -42.64 23.45
N PRO H 80 -9.74 -42.24 24.68
CA PRO H 80 -10.48 -43.17 25.56
C PRO H 80 -11.82 -43.56 24.95
N LYS H 81 -12.25 -44.78 25.26
CA LYS H 81 -13.55 -45.25 24.79
C LYS H 81 -14.69 -44.52 25.49
N ALA H 82 -14.44 -43.92 26.65
CA ALA H 82 -15.44 -43.15 27.36
C ALA H 82 -14.74 -42.32 28.43
N ILE H 83 -15.40 -41.23 28.83
CA ILE H 83 -14.87 -40.32 29.84
C ILE H 83 -15.90 -40.16 30.94
N ILE H 84 -15.49 -40.46 32.17
CA ILE H 84 -16.36 -40.38 33.35
C ILE H 84 -15.74 -39.38 34.31
N VAL H 85 -16.49 -38.31 34.60
CA VAL H 85 -15.99 -37.19 35.40
C VAL H 85 -17.12 -36.82 36.35
N GLY H 86 -16.81 -35.93 37.29
CA GLY H 86 -17.82 -35.21 38.06
C GLY H 86 -17.75 -33.75 37.69
N GLU H 87 -18.92 -33.14 37.45
CA GLU H 87 -19.03 -31.77 36.92
C GLU H 87 -17.99 -31.46 35.85
N ALA H 88 -18.11 -32.10 34.70
CA ALA H 88 -17.17 -31.87 33.61
C ALA H 88 -17.23 -30.41 33.16
N GLU H 89 -16.07 -29.88 32.77
CA GLU H 89 -15.98 -28.50 32.29
C GLU H 89 -15.91 -28.49 30.77
N THR H 90 -15.88 -27.27 30.21
CA THR H 90 -15.84 -27.12 28.75
C THR H 90 -14.70 -27.92 28.15
N ILE H 91 -13.51 -27.81 28.73
CA ILE H 91 -12.30 -28.37 28.13
C ILE H 91 -12.51 -29.84 27.76
N VAL H 92 -13.07 -30.61 28.68
CA VAL H 92 -13.27 -32.04 28.42
C VAL H 92 -14.58 -32.27 27.67
N ALA H 93 -15.65 -31.60 28.11
CA ALA H 93 -16.96 -31.80 27.52
C ALA H 93 -16.97 -31.39 26.06
N THR H 94 -16.54 -30.16 25.76
CA THR H 94 -16.48 -29.74 24.37
C THR H 94 -15.37 -30.47 23.61
N GLY H 95 -14.53 -31.23 24.29
CA GLY H 95 -13.58 -32.11 23.63
C GLY H 95 -14.24 -33.39 23.16
N ALA H 96 -14.96 -34.06 24.05
CA ALA H 96 -15.66 -35.28 23.67
C ALA H 96 -16.81 -35.01 22.72
N ILE H 97 -17.34 -33.78 22.72
CA ILE H 97 -18.44 -33.45 21.83
C ILE H 97 -18.00 -33.52 20.38
N ILE H 98 -16.85 -32.93 20.06
CA ILE H 98 -16.33 -32.99 18.70
C ILE H 98 -15.69 -34.33 18.39
N SER H 99 -15.34 -35.11 19.42
CA SER H 99 -14.69 -36.40 19.23
C SER H 99 -15.64 -37.58 19.26
N ASP H 100 -16.92 -37.36 19.59
CA ASP H 100 -17.90 -38.43 19.75
C ASP H 100 -17.44 -39.47 20.77
N ILE H 101 -16.75 -39.02 21.81
CA ILE H 101 -16.36 -39.88 22.93
C ILE H 101 -17.51 -39.87 23.94
N PRO H 102 -18.08 -41.01 24.29
CA PRO H 102 -19.16 -41.03 25.28
C PRO H 102 -18.69 -40.47 26.62
N MET H 103 -19.43 -39.50 27.15
CA MET H 103 -19.05 -38.84 28.39
C MET H 103 -20.24 -38.81 29.34
N VAL H 104 -19.94 -38.93 30.64
CA VAL H 104 -20.94 -38.92 31.70
C VAL H 104 -20.34 -38.22 32.91
N ASP H 105 -21.07 -37.26 33.49
CA ASP H 105 -20.56 -36.57 34.67
C ASP H 105 -21.54 -36.73 35.83
N GLY H 106 -21.18 -36.13 36.96
CA GLY H 106 -21.99 -36.26 38.16
C GLY H 106 -22.00 -37.66 38.72
N VAL H 107 -20.85 -38.33 38.72
CA VAL H 107 -20.72 -39.71 39.15
C VAL H 107 -19.68 -39.76 40.26
N ASP H 108 -19.96 -40.53 41.31
CA ASP H 108 -19.03 -40.68 42.43
C ASP H 108 -17.74 -41.34 41.96
N VAL H 109 -16.81 -40.53 41.43
CA VAL H 109 -15.57 -41.06 40.88
C VAL H 109 -14.71 -41.72 41.95
N SER H 110 -14.96 -41.44 43.22
CA SER H 110 -14.23 -42.11 44.30
C SER H 110 -14.58 -43.59 44.35
N LYS H 111 -15.82 -43.95 44.01
CA LYS H 111 -16.26 -45.34 43.99
C LYS H 111 -15.62 -46.13 42.85
N LEU H 112 -14.81 -45.48 42.02
CA LEU H 112 -14.11 -46.12 40.91
C LEU H 112 -12.62 -46.17 41.21
N LYS H 113 -12.01 -47.34 40.97
CA LYS H 113 -10.58 -47.52 41.15
C LYS H 113 -9.99 -48.18 39.91
N THR H 114 -8.68 -47.99 39.76
CA THR H 114 -7.97 -48.43 38.57
C THR H 114 -8.15 -49.93 38.35
N GLY H 115 -8.50 -50.30 37.12
CA GLY H 115 -8.57 -51.68 36.70
C GLY H 115 -9.96 -52.27 36.64
N MET H 116 -10.95 -51.63 37.24
CA MET H 116 -12.32 -52.12 37.17
C MET H 116 -12.79 -52.20 35.72
N LYS H 117 -13.25 -53.38 35.31
CA LYS H 117 -13.93 -53.52 34.02
C LYS H 117 -15.34 -52.96 34.16
N VAL H 118 -15.67 -51.96 33.34
CA VAL H 118 -16.85 -51.12 33.56
C VAL H 118 -17.59 -50.94 32.23
N ARG H 119 -18.92 -50.89 32.33
CA ARG H 119 -19.80 -50.60 31.21
C ARG H 119 -20.45 -49.24 31.43
N VAL H 120 -20.47 -48.42 30.38
CA VAL H 120 -21.07 -47.09 30.45
C VAL H 120 -22.18 -47.00 29.40
N ASP H 121 -23.41 -46.81 29.87
CA ASP H 121 -24.53 -46.44 29.00
C ASP H 121 -24.67 -44.92 29.03
N ALA H 122 -23.75 -44.25 28.34
CA ALA H 122 -23.68 -42.80 28.39
C ALA H 122 -24.98 -42.13 28.00
N ASP H 123 -25.86 -42.83 27.27
CA ASP H 123 -27.16 -42.28 26.93
C ASP H 123 -28.00 -42.01 28.17
N SER H 124 -28.01 -42.95 29.12
CA SER H 124 -28.77 -42.82 30.34
C SER H 124 -27.95 -42.29 31.51
N GLY H 125 -26.67 -41.94 31.29
CA GLY H 125 -25.83 -41.46 32.35
C GLY H 125 -25.68 -42.46 33.47
N GLU H 126 -25.41 -43.72 33.11
CA GLU H 126 -25.36 -44.82 34.06
C GLU H 126 -24.07 -45.60 33.85
N VAL H 127 -23.26 -45.67 34.90
CA VAL H 127 -22.00 -46.41 34.89
C VAL H 127 -22.19 -47.66 35.76
N GLU H 128 -21.83 -48.82 35.21
CA GLU H 128 -22.00 -50.09 35.90
C GLU H 128 -20.64 -50.74 36.14
N ILE H 129 -20.40 -51.15 37.38
CA ILE H 129 -19.17 -51.86 37.74
C ILE H 129 -19.39 -53.35 37.48
N LEU H 130 -18.35 -54.02 37.00
CA LEU H 130 -18.39 -55.45 36.71
C LEU H 130 -17.26 -56.12 37.49
N GLU H 131 -17.64 -57.11 38.31
CA GLU H 131 -16.78 -57.60 39.37
C GLU H 131 -16.40 -59.07 39.19
FE1 F3S I . -0.88 -7.68 -22.90
FE3 F3S I . -2.21 -6.66 -25.02
FE4 F3S I . -3.28 -8.63 -23.47
S1 F3S I . -0.08 -7.30 -24.95
S2 F3S I . -1.55 -9.86 -22.69
S3 F3S I . -2.81 -6.45 -22.81
S4 F3S I . -3.48 -8.43 -25.72
FE1 F3S J . 22.89 4.37 -5.83
FE3 F3S J . 24.99 2.80 -5.07
FE4 F3S J . 24.42 5.05 -3.78
S1 F3S J . 24.41 3.36 -7.14
S2 F3S J . 23.58 6.49 -5.30
S3 F3S J . 23.07 3.18 -3.86
S4 F3S J . 26.50 4.28 -4.22
FE1 F3S K . -19.36 12.86 6.53
FE3 F3S K . -21.88 12.62 5.63
FE4 F3S K . -20.26 14.52 4.67
S1 F3S K . -21.21 12.56 7.76
S2 F3S K . -18.85 15.09 6.36
S3 F3S K . -19.98 12.24 4.41
S4 F3S K . -22.48 14.75 5.05
FE1 F3S L . -2.78 -8.93 22.56
FE3 F3S L . -1.09 -8.42 24.64
FE4 F3S L . -1.04 -10.78 23.34
S1 F3S L . -3.27 -8.04 24.55
S2 F3S L . -3.13 -11.20 22.60
S3 F3S L . -0.49 -8.72 22.43
S4 F3S L . -0.73 -10.48 25.56
#